data_9MN6
#
_entry.id   9MN6
#
_cell.length_a   1.00
_cell.length_b   1.00
_cell.length_c   1.00
_cell.angle_alpha   90.00
_cell.angle_beta   90.00
_cell.angle_gamma   90.00
#
_symmetry.space_group_name_H-M   'P 1'
#
loop_
_entity.id
_entity.type
_entity.pdbx_description
1 polymer 'Non-Template Strand DNA'
2 polymer RNA
3 polymer 'Template Strand DNA'
4 polymer 'DNA-directed RNA polymerase, mitochondrial'
5 polymer 'Dimethyladenosine transferase 2, mitochondrial'
6 non-polymer "ADENOSINE-5'-TRIPHOSPHATE"
7 non-polymer 'MAGNESIUM ION'
#
loop_
_entity_poly.entity_id
_entity_poly.type
_entity_poly.pdbx_seq_one_letter_code
_entity_poly.pdbx_strand_id
1 'polydeoxyribonucleotide'
;(DG)(DT)(DG)(DT)(DT)(DA)(DG)(DT)(DT)(DA)(DG)(DG)(DG)(DA)(DG)(DT)(DG)(DA)(DC)(DT)
(DG)(DT)(DT)(DA)(DA)(DA)(DA)(DG)(DT)(DG)(DC)(DA)(DT)(DA)(DC)(DC)(DG)(DC)(DC)(DA)
(DA)(DG)(DA)(DG)(DA)(DA)(DA)(DA)(DG)(DA)(DA)(DA)(DA)(DC)(DC)(DC)(DA)(DA)(DT)(DT)
(DG)(DT)(DG)(DG)(DC)(DC)
;
N
2 'polyribonucleotide' GAAAAG R
3 'polydeoxyribonucleotide'
;(DG)(DG)(DC)(DC)(DA)(DC)(DA)(DA)(DT)(DT)(DG)(DG)(DG)(DT)(DT)(DT)(DT)(DC)(DT)(DT)
(DT)(DT)(DC)(DT)(DC)(DT)(DT)(DG)(DG)(DC)(DG)(DG)(DT)(DA)(DT)(DG)(DC)(DA)(DC)(DT)
(DT)(DT)(DT)(DA)(DA)(DC)(DA)(DG)(DT)(DC)(DA)(DC)(DT)(DC)(DC)(DC)(DT)(DA)(DA)(DC)
(DT)(DA)(DA)(DC)(DA)(DC)
;
T
4 'polypeptide(L)'
;MSALCWGRGAAGLKRALRPCGRPGLPGKEGTAGGVCGPRRSSSASPQEQDQDRRKDWGHVELLEVLQARVRQLQAESVSE
VVVNRVDVARLPECGSGDGSLQPPRKVQMGAKDATPVPCGRWAKILEKDKRTQQMRMQRLKAKLQMPFQSGEFKALTRRL
QVEPRLLSKQMAGCLEDCTRQAPESPWEEQLARLLQEAPGKLSLDVEQAPSGQHSQAQLSGQQQRLLAFFKCCLLTDQLP
LAHHLLVVHHGQRQKRKLLTLDMYNAVMLGWARQGAFKELVYVLFMVKDAGLTPDLLSYAAALQCMGRQDQDAGTIERCL
EQMSQEGLKLQALFTAVLLSEEDRATVLKAVHKVKPTFSLPPQLPPPVNTSKLLRDVYAKDGRVSYPKLHLPLKTLQCLF
EKQLHMELASRVCVVSVEKPTLPSKEVKHARKTLKTLRDQWEKALCRALRETKNRLEREVYEGRFSLYPFLCLLDEREVV
RMLLQVLQALPAQGESFTTLARELSARTFSRHVVQRQRVSGQVQALQNHYRKYLCLLASDAEVPEPCLPRQYWEELGAPE
ALREQPWPLPVQMELGKLLAEMLVQATQMPCSLDKPHRSSRLVPVLYHVYSFRNVQQIGILKPHPAYVQLLEKAAEPTLT
FEAVDVPMLCPPLPWTSPHSGAFLLSPTKLMRTVEGATQHQELLETCPPTALHGALDALTQLGNCAWRVNGRVLDLVLQL
FQAKGCPQLGVPAPPSEAPQPPEAHLPHSAAPARKAELRRELAHCQKVAREMHSLRAEALYRLSLAQHLRDRVFWLPHNM
DFRGRTYPCPPHFNHLGSDVARALLEFAQGRPLGPHGLDWLKIHLVNLTGLKKREPLRKRLAFAEEVMDDILDSADQPLT
GRKWWMGAEEPWQTLACCMEVANAVRASDPAAYVSHLPVHQDGSCNGLQHYAALGRDSVGAASVNLEPSDVPQDVYSGVA
AQVEVFRRQDAQRGMRVAQVLEGFITRKVVKQTVMTVVYGVTRYGGRLQIEKRLRELSDFPQEFVWEASHYLVRQVFKSL
QEMFSGTRAIQHWLTESARLISHMGSVVEWVTPLGVPVIQPYRLDSKVKQIGGGIQSITYTHNGDISRKPNTRKQKNGFP
PNFIHSLDSSHMMLTALHCYRKGLTFVSVHDCYWTHAADVSVMNQVCREQFVRLHSEPILQDLSRFLVKRFCSEPQKILE
ASQLKETLQAVPKPGAFDLEQVKRSTYFFS
;
E
5 'polypeptide(L)'
;MWIPVVGLPRRLRLSALAGAGRFCILGSEAATRKHLPARNHCGLSDSSPQLWPEPDFRNPPRKASKASLDFKRYVTDRRL
AETLAQIYLGKPSRPPHLLLECNPGPGILTQALLEAGAKVVALESDKTFIPHLESLGKNLDGKLRVIHCDFFKLDPRSGG
VIKPPAMSSRGLFKNLGIEAVPWTADIPLKVVGMFPSRGEKRALWKLAYDLYSCTSIYKFGRIEVNMFIGEKEFQKLMAD
PGNPDLYHVLSVIWQLACEIKVLHMEPWSSFDIYTRKGPLENPKRRELLDQLQQKLYLIQMIPRQNLFTKNLTPMNYNIF
FHLLKHCFGRRSATVIDHLRSLTPLDARDILMQIGKQEDEKVVNMHPQDFKTLFETIERSKDCAYKWLYDETLEDR
;
B
#
loop_
_chem_comp.id
_chem_comp.type
_chem_comp.name
_chem_comp.formula
A RNA linking ADENOSINE-5'-MONOPHOSPHATE 'C10 H14 N5 O7 P'
ATP non-polymer ADENOSINE-5'-TRIPHOSPHATE 'C10 H16 N5 O13 P3'
DA DNA linking 2'-DEOXYADENOSINE-5'-MONOPHOSPHATE 'C10 H14 N5 O6 P'
DC DNA linking 2'-DEOXYCYTIDINE-5'-MONOPHOSPHATE 'C9 H14 N3 O7 P'
DG DNA linking 2'-DEOXYGUANOSINE-5'-MONOPHOSPHATE 'C10 H14 N5 O7 P'
DT DNA linking THYMIDINE-5'-MONOPHOSPHATE 'C10 H15 N2 O8 P'
G RNA linking GUANOSINE-5'-MONOPHOSPHATE 'C10 H14 N5 O8 P'
MG non-polymer 'MAGNESIUM ION' 'Mg 2'
#
# COMPACT_ATOMS: atom_id res chain seq x y z
N GLN D 218 -14.93 24.74 -8.98
CA GLN D 218 -15.36 24.19 -7.69
C GLN D 218 -15.05 25.16 -6.56
N LEU D 219 -15.37 24.75 -5.33
CA LEU D 219 -15.13 25.58 -4.16
C LEU D 219 -13.63 25.66 -3.86
N SER D 220 -13.22 26.80 -3.30
CA SER D 220 -11.83 26.99 -2.93
C SER D 220 -11.51 26.19 -1.67
N GLY D 221 -10.20 26.04 -1.41
CA GLY D 221 -9.77 25.31 -0.23
C GLY D 221 -10.13 26.01 1.07
N GLN D 222 -9.91 27.33 1.13
CA GLN D 222 -10.25 28.09 2.34
C GLN D 222 -11.75 28.10 2.60
N GLN D 223 -12.56 28.12 1.54
CA GLN D 223 -14.00 28.02 1.69
C GLN D 223 -14.40 26.69 2.31
N GLN D 224 -13.77 25.60 1.87
CA GLN D 224 -14.03 24.28 2.44
C GLN D 224 -13.62 24.21 3.90
N ARG D 225 -12.46 24.78 4.23
CA ARG D 225 -11.96 24.79 5.59
C ARG D 225 -12.87 25.59 6.51
N LEU D 226 -13.35 26.75 6.05
CA LEU D 226 -14.28 27.55 6.84
C LEU D 226 -15.62 26.85 7.01
N LEU D 227 -16.11 26.19 5.96
CA LEU D 227 -17.37 25.45 6.07
C LEU D 227 -17.26 24.30 7.06
N ALA D 228 -16.12 23.60 7.05
CA ALA D 228 -15.86 22.55 8.04
C ALA D 228 -15.81 23.13 9.45
N PHE D 229 -15.24 24.33 9.58
CA PHE D 229 -15.21 25.01 10.88
C PHE D 229 -16.62 25.27 11.39
N PHE D 230 -17.49 25.81 10.53
CA PHE D 230 -18.86 26.10 10.95
C PHE D 230 -19.62 24.83 11.31
N LYS D 231 -19.50 23.79 10.47
CA LYS D 231 -20.21 22.54 10.75
C LYS D 231 -19.75 21.90 12.05
N CYS D 232 -18.45 21.98 12.36
CA CYS D 232 -17.90 21.40 13.61
C CYS D 232 -18.39 22.19 14.83
N CYS D 233 -18.62 23.50 14.67
CA CYS D 233 -19.14 24.36 15.77
C CYS D 233 -20.55 23.90 16.13
N LEU D 234 -21.37 23.54 15.15
CA LEU D 234 -22.75 23.05 15.39
C LEU D 234 -22.67 21.75 16.21
N LEU D 235 -21.74 20.86 15.88
CA LEU D 235 -21.54 19.59 16.61
C LEU D 235 -20.99 19.84 18.02
N THR D 236 -20.07 20.79 18.21
CA THR D 236 -19.40 21.06 19.50
C THR D 236 -20.18 22.06 20.32
N ASP D 237 -21.28 22.61 19.80
CA ASP D 237 -22.17 23.57 20.55
C ASP D 237 -21.46 24.92 20.67
N GLN D 238 -20.39 25.14 19.92
CA GLN D 238 -19.68 26.45 19.91
C GLN D 238 -20.32 27.34 18.85
N LEU D 239 -21.63 27.57 18.96
CA LEU D 239 -22.38 28.45 18.02
C LEU D 239 -21.93 29.91 18.20
N PRO D 240 -21.62 30.40 19.42
CA PRO D 240 -21.10 31.77 19.64
C PRO D 240 -19.79 32.02 18.90
N LEU D 241 -18.91 31.01 18.85
CA LEU D 241 -17.59 31.12 18.16
C LEU D 241 -17.77 31.23 16.63
N ALA D 242 -18.66 30.45 16.02
CA ALA D 242 -18.91 30.48 14.58
C ALA D 242 -19.57 31.79 14.16
N HIS D 243 -20.47 32.32 15.01
CA HIS D 243 -21.04 33.63 14.73
C HIS D 243 -19.98 34.73 14.77
N HIS D 244 -18.96 34.55 15.61
CA HIS D 244 -17.87 35.51 15.69
C HIS D 244 -17.06 35.53 14.39
N LEU D 245 -16.73 34.35 13.84
CA LEU D 245 -16.08 34.35 12.53
C LEU D 245 -16.99 34.88 11.44
N LEU D 246 -18.30 34.64 11.56
CA LEU D 246 -19.24 35.13 10.56
C LEU D 246 -19.24 36.66 10.53
N VAL D 247 -19.33 37.30 11.70
CA VAL D 247 -19.37 38.76 11.73
C VAL D 247 -18.01 39.35 11.40
N VAL D 248 -16.91 38.66 11.74
CA VAL D 248 -15.58 39.16 11.40
C VAL D 248 -15.36 39.11 9.89
N HIS D 249 -15.73 37.99 9.25
CA HIS D 249 -15.55 37.87 7.81
C HIS D 249 -16.56 38.70 7.04
N HIS D 250 -17.67 39.09 7.68
CA HIS D 250 -18.67 39.90 6.99
C HIS D 250 -18.42 41.40 7.13
N GLY D 251 -17.86 41.85 8.26
CA GLY D 251 -17.64 43.27 8.46
C GLY D 251 -16.53 43.86 7.60
N GLN D 252 -15.72 43.01 7.00
CA GLN D 252 -14.63 43.42 6.11
C GLN D 252 -14.73 42.68 4.78
N ARG D 253 -14.22 43.31 3.72
CA ARG D 253 -14.76 43.09 2.39
C ARG D 253 -14.02 42.00 1.61
N GLN D 254 -12.68 42.03 1.62
CA GLN D 254 -11.92 41.23 0.66
C GLN D 254 -12.00 39.74 0.96
N LYS D 255 -12.28 39.36 2.20
CA LYS D 255 -12.49 37.96 2.52
C LYS D 255 -13.95 37.55 2.45
N ARG D 256 -14.87 38.50 2.37
CA ARG D 256 -16.30 38.23 2.33
C ARG D 256 -16.73 37.64 0.99
N LYS D 257 -15.91 37.78 -0.04
CA LYS D 257 -16.18 37.17 -1.34
C LYS D 257 -16.05 35.65 -1.32
N LEU D 258 -15.50 35.08 -0.25
CA LEU D 258 -15.40 33.63 -0.11
C LEU D 258 -16.63 33.01 0.55
N LEU D 259 -17.42 33.79 1.28
CA LEU D 259 -18.58 33.24 1.98
C LEU D 259 -19.70 32.92 1.00
N THR D 260 -20.30 31.74 1.17
CA THR D 260 -21.35 31.24 0.28
C THR D 260 -22.62 30.99 1.07
N LEU D 261 -23.59 30.38 0.39
CA LEU D 261 -24.92 30.17 0.97
C LEU D 261 -24.90 29.10 2.06
N ASP D 262 -24.18 28.00 1.84
CA ASP D 262 -24.12 26.91 2.81
C ASP D 262 -23.43 27.35 4.09
N MET D 263 -22.44 28.23 3.95
CA MET D 263 -21.71 28.78 5.09
C MET D 263 -22.63 29.57 6.01
N TYR D 264 -23.57 30.31 5.43
CA TYR D 264 -24.54 31.03 6.25
C TYR D 264 -25.62 30.09 6.79
N ASN D 265 -26.04 29.10 5.99
CA ASN D 265 -27.10 28.19 6.42
C ASN D 265 -26.66 27.30 7.57
N ALA D 266 -25.36 27.02 7.68
CA ALA D 266 -24.88 26.23 8.82
C ALA D 266 -25.16 26.94 10.14
N VAL D 267 -24.72 28.20 10.26
CA VAL D 267 -24.94 28.98 11.47
C VAL D 267 -26.42 29.30 11.65
N MET D 268 -27.15 29.47 10.53
CA MET D 268 -28.60 29.59 10.56
C MET D 268 -29.28 28.40 11.23
N LEU D 269 -28.91 27.18 10.80
CA LEU D 269 -29.47 25.97 11.39
C LEU D 269 -29.05 25.80 12.84
N GLY D 270 -27.80 26.19 13.15
CA GLY D 270 -27.35 26.11 14.53
C GLY D 270 -28.15 26.99 15.46
N TRP D 271 -28.36 28.26 15.07
CA TRP D 271 -29.18 29.16 15.87
C TRP D 271 -30.64 28.73 15.88
N ALA D 272 -31.07 28.00 14.85
CA ALA D 272 -32.41 27.40 14.87
C ALA D 272 -32.54 26.35 15.97
N ARG D 273 -31.53 25.50 16.15
CA ARG D 273 -31.63 24.40 17.13
C ARG D 273 -31.66 24.99 18.55
N GLN D 274 -31.17 26.21 18.73
CA GLN D 274 -31.10 26.84 20.07
C GLN D 274 -32.40 27.58 20.39
N GLY D 275 -33.18 27.90 19.37
CA GLY D 275 -34.44 28.65 19.57
C GLY D 275 -34.13 30.10 19.96
N ALA D 276 -33.13 30.73 19.34
CA ALA D 276 -32.76 32.11 19.62
C ALA D 276 -33.15 32.97 18.43
N PHE D 277 -34.21 33.78 18.60
CA PHE D 277 -34.59 34.74 17.56
C PHE D 277 -33.58 35.87 17.42
N LYS D 278 -32.93 36.26 18.51
CA LYS D 278 -32.11 37.47 18.53
C LYS D 278 -30.92 37.36 17.58
N GLU D 279 -30.25 36.21 17.56
CA GLU D 279 -29.15 36.01 16.64
C GLU D 279 -29.60 35.56 15.27
N LEU D 280 -30.72 34.84 15.18
CA LEU D 280 -31.18 34.34 13.89
C LEU D 280 -31.68 35.48 13.00
N VAL D 281 -32.35 36.47 13.58
CA VAL D 281 -32.76 37.65 12.79
C VAL D 281 -31.54 38.41 12.30
N TYR D 282 -30.48 38.46 13.12
CA TYR D 282 -29.24 39.10 12.72
C TYR D 282 -28.57 38.35 11.57
N VAL D 283 -28.55 37.01 11.64
CA VAL D 283 -27.95 36.22 10.56
C VAL D 283 -28.78 36.34 9.28
N LEU D 284 -30.10 36.42 9.41
CA LEU D 284 -30.95 36.68 8.25
C LEU D 284 -30.65 38.05 7.64
N PHE D 285 -30.42 39.06 8.49
CA PHE D 285 -30.04 40.38 8.00
C PHE D 285 -28.69 40.34 7.29
N MET D 286 -27.76 39.54 7.81
CA MET D 286 -26.46 39.35 7.16
C MET D 286 -26.62 38.70 5.79
N VAL D 287 -27.52 37.71 5.69
CA VAL D 287 -27.81 37.05 4.42
C VAL D 287 -28.39 38.04 3.42
N LYS D 288 -29.35 38.87 3.87
CA LYS D 288 -29.95 39.87 2.99
C LYS D 288 -28.94 40.94 2.57
N ASP D 289 -28.04 41.32 3.48
CA ASP D 289 -27.05 42.35 3.17
C ASP D 289 -25.96 41.82 2.24
N ALA D 290 -25.66 40.52 2.31
CA ALA D 290 -24.58 39.96 1.49
C ALA D 290 -24.94 39.92 0.01
N GLY D 291 -26.22 39.98 -0.34
CA GLY D 291 -26.64 39.90 -1.73
C GLY D 291 -26.95 38.51 -2.22
N LEU D 292 -27.03 37.52 -1.34
CA LEU D 292 -27.32 36.14 -1.70
C LEU D 292 -28.68 35.73 -1.14
N THR D 293 -29.46 35.03 -1.97
CA THR D 293 -30.85 34.70 -1.65
C THR D 293 -30.91 33.51 -0.69
N PRO D 294 -31.84 33.53 0.27
CA PRO D 294 -32.02 32.37 1.16
C PRO D 294 -32.53 31.15 0.41
N ASP D 295 -32.04 29.98 0.79
CA ASP D 295 -32.39 28.70 0.18
C ASP D 295 -33.45 27.97 1.01
N LEU D 296 -33.66 26.69 0.69
CA LEU D 296 -34.63 25.86 1.40
C LEU D 296 -34.26 25.69 2.87
N LEU D 297 -32.99 25.43 3.16
CA LEU D 297 -32.57 25.12 4.52
C LEU D 297 -32.64 26.33 5.43
N SER D 298 -32.53 27.54 4.87
CA SER D 298 -32.69 28.75 5.66
C SER D 298 -34.11 28.89 6.18
N TYR D 299 -35.10 28.72 5.30
CA TYR D 299 -36.49 28.77 5.74
C TYR D 299 -36.85 27.56 6.59
N ALA D 300 -36.20 26.42 6.37
CA ALA D 300 -36.39 25.27 7.26
C ALA D 300 -35.88 25.58 8.66
N ALA D 301 -34.74 26.26 8.75
CA ALA D 301 -34.22 26.69 10.05
C ALA D 301 -35.14 27.71 10.71
N ALA D 302 -35.69 28.64 9.93
CA ALA D 302 -36.62 29.62 10.46
C ALA D 302 -37.87 28.95 11.02
N LEU D 303 -38.43 27.99 10.26
CA LEU D 303 -39.58 27.22 10.72
C LEU D 303 -39.24 26.41 11.96
N GLN D 304 -38.04 25.82 12.00
CA GLN D 304 -37.58 25.08 13.18
C GLN D 304 -37.53 25.96 14.41
N CYS D 305 -36.99 27.17 14.28
CA CYS D 305 -36.82 28.02 15.45
C CYS D 305 -38.14 28.63 15.89
N MET D 306 -39.06 28.87 14.96
CA MET D 306 -40.39 29.32 15.36
C MET D 306 -41.19 28.19 16.00
N GLY D 307 -40.98 26.95 15.56
CA GLY D 307 -41.70 25.84 16.16
C GLY D 307 -41.17 25.47 17.53
N ARG D 308 -39.87 25.67 17.76
CA ARG D 308 -39.29 25.30 19.06
C ARG D 308 -39.72 26.24 20.18
N GLN D 309 -39.87 27.53 19.87
CA GLN D 309 -40.09 28.53 20.91
C GLN D 309 -41.54 28.58 21.39
N ASP D 310 -42.44 27.81 20.77
CA ASP D 310 -43.87 27.73 21.09
C ASP D 310 -44.54 29.10 20.99
N GLN D 311 -44.07 29.91 20.04
CA GLN D 311 -44.61 31.25 19.93
C GLN D 311 -45.76 31.27 18.94
N ASP D 312 -46.58 32.32 19.02
CA ASP D 312 -47.95 32.31 18.53
C ASP D 312 -48.05 32.17 17.02
N ALA D 313 -49.27 31.88 16.56
CA ALA D 313 -49.51 31.47 15.19
C ALA D 313 -49.38 32.62 14.19
N GLY D 314 -49.40 33.86 14.65
CA GLY D 314 -49.33 34.99 13.72
C GLY D 314 -48.00 35.09 12.99
N THR D 315 -46.89 34.92 13.73
CA THR D 315 -45.57 35.02 13.13
C THR D 315 -45.30 33.85 12.20
N ILE D 316 -45.67 32.64 12.60
CA ILE D 316 -45.50 31.46 11.76
C ILE D 316 -46.40 31.57 10.52
N GLU D 317 -47.59 32.16 10.68
CA GLU D 317 -48.48 32.40 9.55
C GLU D 317 -47.87 33.39 8.57
N ARG D 318 -47.30 34.49 9.08
CA ARG D 318 -46.66 35.48 8.23
C ARG D 318 -45.43 34.93 7.52
N CYS D 319 -44.61 34.15 8.22
CA CYS D 319 -43.39 33.64 7.60
C CYS D 319 -43.70 32.50 6.64
N LEU D 320 -44.73 31.71 6.90
CA LEU D 320 -45.11 30.70 5.93
C LEU D 320 -45.82 31.31 4.72
N GLU D 321 -46.51 32.44 4.92
CA GLU D 321 -47.00 33.21 3.80
C GLU D 321 -45.85 33.77 2.97
N GLN D 322 -44.78 34.20 3.64
CA GLN D 322 -43.57 34.62 2.93
C GLN D 322 -42.92 33.45 2.19
N MET D 323 -42.99 32.25 2.77
CA MET D 323 -42.51 31.04 2.09
C MET D 323 -43.34 30.74 0.85
N SER D 324 -44.66 30.87 0.94
CA SER D 324 -45.53 30.66 -0.21
C SER D 324 -45.31 31.73 -1.28
N GLN D 325 -45.07 32.97 -0.86
CA GLN D 325 -44.76 34.05 -1.80
C GLN D 325 -43.40 33.81 -2.46
N GLU D 326 -42.46 33.21 -1.73
CA GLU D 326 -41.15 32.89 -2.29
C GLU D 326 -41.24 31.81 -3.35
N GLY D 327 -42.29 30.98 -3.31
CA GLY D 327 -42.64 30.11 -4.42
C GLY D 327 -42.12 28.69 -4.34
N LEU D 328 -41.27 28.38 -3.38
CA LEU D 328 -40.71 27.03 -3.31
C LEU D 328 -41.54 26.16 -2.38
N LYS D 329 -41.57 24.87 -2.69
CA LYS D 329 -42.52 23.95 -2.10
C LYS D 329 -42.12 23.57 -0.67
N LEU D 330 -43.13 23.46 0.20
CA LEU D 330 -42.88 23.02 1.57
C LEU D 330 -42.59 21.52 1.61
N GLN D 331 -43.17 20.76 0.68
CA GLN D 331 -42.83 19.34 0.56
C GLN D 331 -41.39 19.18 0.08
N ALA D 332 -40.92 20.09 -0.77
CA ALA D 332 -39.51 20.10 -1.15
C ALA D 332 -38.61 20.52 0.01
N LEU D 333 -39.14 21.30 0.96
CA LEU D 333 -38.41 21.52 2.21
C LEU D 333 -38.36 20.26 3.04
N PHE D 334 -39.44 19.47 3.04
CA PHE D 334 -39.46 18.23 3.80
C PHE D 334 -38.71 17.12 3.09
N THR D 335 -39.00 16.87 1.81
CA THR D 335 -38.46 15.75 1.08
C THR D 335 -37.34 16.19 0.16
N ALA D 336 -36.42 15.25 -0.12
CA ALA D 336 -35.28 15.39 -1.02
C ALA D 336 -34.27 16.45 -0.58
N VAL D 337 -34.37 16.97 0.64
CA VAL D 337 -33.38 17.87 1.21
C VAL D 337 -33.02 17.34 2.59
N LEU D 338 -31.72 17.17 2.83
CA LEU D 338 -31.24 16.39 3.98
C LEU D 338 -31.46 17.18 5.28
N LEU D 339 -32.37 16.68 6.12
CA LEU D 339 -32.57 17.19 7.46
C LEU D 339 -32.64 16.02 8.44
N SER D 340 -32.40 16.33 9.72
CA SER D 340 -32.60 15.36 10.77
C SER D 340 -34.09 15.12 11.00
N GLU D 341 -34.41 13.99 11.63
CA GLU D 341 -35.79 13.69 11.95
C GLU D 341 -36.34 14.61 13.04
N GLU D 342 -35.48 15.07 13.95
CA GLU D 342 -35.92 16.06 14.93
C GLU D 342 -36.25 17.38 14.26
N ASP D 343 -35.45 17.79 13.27
CA ASP D 343 -35.75 18.97 12.49
C ASP D 343 -37.06 18.81 11.72
N ARG D 344 -37.30 17.64 11.14
CA ARG D 344 -38.55 17.36 10.46
C ARG D 344 -39.73 17.44 11.41
N ALA D 345 -39.57 16.90 12.63
CA ALA D 345 -40.64 16.92 13.62
C ALA D 345 -40.96 18.34 14.08
N THR D 346 -39.94 19.18 14.29
CA THR D 346 -40.22 20.53 14.77
C THR D 346 -40.74 21.44 13.65
N VAL D 347 -40.34 21.19 12.39
CA VAL D 347 -40.97 21.89 11.28
C VAL D 347 -42.42 21.45 11.12
N LEU D 348 -42.71 20.16 11.36
CA LEU D 348 -44.09 19.69 11.36
C LEU D 348 -44.91 20.36 12.45
N LYS D 349 -44.34 20.51 13.64
CA LYS D 349 -45.02 21.20 14.73
C LYS D 349 -45.24 22.68 14.42
N ALA D 350 -44.30 23.30 13.69
CA ALA D 350 -44.49 24.69 13.29
C ALA D 350 -45.60 24.84 12.26
N VAL D 351 -45.64 23.95 11.25
CA VAL D 351 -46.64 24.06 10.20
C VAL D 351 -48.03 23.65 10.70
N HIS D 352 -48.12 22.77 11.70
CA HIS D 352 -49.42 22.33 12.19
C HIS D 352 -50.23 23.43 12.88
N LYS D 353 -49.66 24.60 13.17
CA LYS D 353 -50.46 25.73 13.62
C LYS D 353 -50.97 26.57 12.45
N VAL D 354 -50.23 26.64 11.35
CA VAL D 354 -50.74 27.32 10.16
C VAL D 354 -51.71 26.42 9.40
N LYS D 355 -51.22 25.28 8.93
CA LYS D 355 -52.04 24.31 8.23
C LYS D 355 -52.07 23.01 9.02
N PRO D 356 -53.13 22.78 9.81
CA PRO D 356 -53.36 21.46 10.39
C PRO D 356 -53.75 20.40 9.37
N THR D 357 -54.07 20.80 8.14
CA THR D 357 -54.45 19.89 7.07
C THR D 357 -53.27 19.48 6.20
N PHE D 358 -52.05 19.88 6.58
CA PHE D 358 -50.86 19.47 5.85
C PHE D 358 -50.46 18.08 6.27
N SER D 359 -50.26 17.19 5.29
CA SER D 359 -49.84 15.82 5.53
C SER D 359 -48.71 15.47 4.58
N LEU D 360 -47.67 14.83 5.11
CA LEU D 360 -46.61 14.32 4.26
C LEU D 360 -47.13 13.16 3.42
N PRO D 361 -46.55 12.92 2.25
CA PRO D 361 -46.94 11.76 1.43
C PRO D 361 -46.65 10.46 2.15
N PRO D 362 -47.50 9.45 1.97
CA PRO D 362 -47.29 8.18 2.66
C PRO D 362 -46.06 7.45 2.13
N GLN D 363 -45.49 6.60 2.98
CA GLN D 363 -44.30 5.85 2.62
C GLN D 363 -44.63 4.83 1.54
N LEU D 364 -43.96 4.94 0.39
CA LEU D 364 -44.15 3.99 -0.68
C LEU D 364 -43.58 2.63 -0.29
N PRO D 365 -44.09 1.55 -0.87
CA PRO D 365 -43.48 0.24 -0.63
C PRO D 365 -42.07 0.20 -1.19
N PRO D 366 -41.18 -0.57 -0.57
CA PRO D 366 -39.78 -0.63 -1.02
C PRO D 366 -39.69 -1.23 -2.42
N PRO D 367 -38.95 -0.59 -3.32
CA PRO D 367 -38.91 -1.07 -4.71
C PRO D 367 -38.13 -2.37 -4.84
N VAL D 368 -38.50 -3.14 -5.85
CA VAL D 368 -37.94 -4.46 -6.10
C VAL D 368 -37.16 -4.42 -7.41
N ASN D 369 -35.93 -4.92 -7.37
CA ASN D 369 -35.06 -4.90 -8.54
C ASN D 369 -35.61 -5.93 -9.54
N THR D 370 -35.83 -5.49 -10.78
CA THR D 370 -36.46 -6.30 -11.81
C THR D 370 -35.55 -6.54 -13.01
N SER D 371 -34.24 -6.50 -12.79
CA SER D 371 -33.30 -6.84 -13.86
C SER D 371 -33.33 -8.34 -14.13
N LYS D 372 -32.94 -8.71 -15.34
CA LYS D 372 -33.08 -10.10 -15.78
C LYS D 372 -32.18 -11.04 -15.02
N LEU D 373 -30.95 -10.62 -14.73
CA LEU D 373 -30.04 -11.45 -13.95
C LEU D 373 -30.50 -11.56 -12.50
N LEU D 374 -31.21 -10.56 -12.00
CA LEU D 374 -31.68 -10.53 -10.61
C LEU D 374 -33.19 -10.64 -10.53
N ARG D 375 -33.79 -11.44 -11.42
CA ARG D 375 -35.24 -11.66 -11.39
C ARG D 375 -35.62 -12.99 -10.78
N ASP D 376 -34.74 -13.99 -10.81
CA ASP D 376 -34.98 -15.20 -10.05
C ASP D 376 -34.90 -14.94 -8.56
N VAL D 377 -33.88 -14.18 -8.13
CA VAL D 377 -33.95 -13.55 -6.83
C VAL D 377 -34.90 -12.36 -6.91
N TYR D 378 -35.35 -11.89 -5.74
CA TYR D 378 -36.38 -10.85 -5.61
C TYR D 378 -37.67 -11.27 -6.31
N ALA D 379 -37.99 -12.55 -6.25
CA ALA D 379 -39.19 -13.11 -6.84
C ALA D 379 -40.00 -13.81 -5.74
N LYS D 380 -41.29 -13.47 -5.65
CA LYS D 380 -42.13 -14.01 -4.59
C LYS D 380 -42.53 -15.45 -4.83
N ASP D 381 -42.48 -15.93 -6.07
CA ASP D 381 -42.84 -17.31 -6.36
C ASP D 381 -41.65 -18.23 -6.12
N GLY D 382 -41.95 -19.52 -6.05
CA GLY D 382 -40.94 -20.54 -5.84
C GLY D 382 -40.70 -20.83 -4.38
N ARG D 383 -40.16 -22.02 -4.13
CA ARG D 383 -39.81 -22.45 -2.78
C ARG D 383 -38.41 -21.98 -2.44
N VAL D 384 -38.26 -21.24 -1.35
CA VAL D 384 -36.97 -20.76 -0.88
C VAL D 384 -36.70 -21.37 0.49
N SER D 385 -35.52 -21.98 0.64
CA SER D 385 -35.06 -22.48 1.93
C SER D 385 -33.86 -21.62 2.35
N TYR D 386 -34.17 -20.49 2.97
CA TYR D 386 -33.12 -19.56 3.35
C TYR D 386 -32.34 -20.11 4.54
N PRO D 387 -31.02 -19.95 4.54
CA PRO D 387 -30.21 -20.47 5.65
C PRO D 387 -30.46 -19.73 6.95
N LYS D 388 -30.30 -20.47 8.05
CA LYS D 388 -30.42 -19.92 9.38
C LYS D 388 -29.16 -20.25 10.17
N LEU D 389 -28.70 -19.29 10.97
CA LEU D 389 -27.54 -19.52 11.81
C LEU D 389 -27.87 -20.52 12.91
N HIS D 390 -26.85 -21.22 13.39
CA HIS D 390 -27.05 -22.23 14.42
C HIS D 390 -27.14 -21.61 15.82
N LEU D 391 -26.94 -20.31 15.97
CA LEU D 391 -27.07 -19.66 17.25
C LEU D 391 -28.52 -19.28 17.51
N PRO D 392 -28.95 -19.30 18.76
CA PRO D 392 -30.30 -18.83 19.10
C PRO D 392 -30.35 -17.31 19.13
N LEU D 393 -31.53 -16.79 19.49
CA LEU D 393 -31.77 -15.35 19.44
C LEU D 393 -31.05 -14.61 20.56
N LYS D 394 -31.13 -15.15 21.79
CA LYS D 394 -30.57 -14.46 22.94
C LYS D 394 -29.04 -14.42 22.90
N THR D 395 -28.41 -15.50 22.42
CA THR D 395 -26.96 -15.50 22.31
C THR D 395 -26.49 -14.50 21.25
N LEU D 396 -27.23 -14.40 20.14
CA LEU D 396 -26.90 -13.42 19.10
C LEU D 396 -27.07 -12.00 19.63
N GLN D 397 -28.09 -11.77 20.45
CA GLN D 397 -28.25 -10.46 21.08
C GLN D 397 -27.10 -10.14 22.04
N CYS D 398 -26.64 -11.16 22.78
CA CYS D 398 -25.49 -10.97 23.67
C CYS D 398 -24.22 -10.64 22.89
N LEU D 399 -24.01 -11.31 21.76
CA LEU D 399 -22.86 -10.99 20.92
C LEU D 399 -22.98 -9.60 20.30
N PHE D 400 -24.20 -9.16 19.99
CA PHE D 400 -24.40 -7.78 19.56
C PHE D 400 -24.02 -6.79 20.65
N GLU D 401 -24.37 -7.10 21.90
CA GLU D 401 -23.94 -6.27 23.03
C GLU D 401 -22.42 -6.25 23.16
N LYS D 402 -21.78 -7.41 22.98
CA LYS D 402 -20.32 -7.49 23.09
C LYS D 402 -19.64 -6.66 22.01
N GLN D 403 -20.12 -6.74 20.78
CA GLN D 403 -19.52 -5.96 19.70
C GLN D 403 -19.82 -4.47 19.84
N LEU D 404 -21.00 -4.12 20.38
CA LEU D 404 -21.30 -2.72 20.63
C LEU D 404 -20.37 -2.14 21.70
N HIS D 405 -20.12 -2.89 22.77
CA HIS D 405 -19.16 -2.44 23.78
C HIS D 405 -17.75 -2.35 23.22
N MET D 406 -17.37 -3.31 22.36
CA MET D 406 -16.04 -3.31 21.76
C MET D 406 -15.83 -2.10 20.85
N GLU D 407 -16.86 -1.73 20.08
CA GLU D 407 -16.75 -0.58 19.20
C GLU D 407 -16.87 0.74 19.95
N LEU D 408 -17.60 0.77 21.07
CA LEU D 408 -17.61 1.96 21.92
C LEU D 408 -16.25 2.18 22.58
N ALA D 409 -15.59 1.09 23.00
CA ALA D 409 -14.27 1.21 23.59
C ALA D 409 -13.20 1.57 22.56
N SER D 410 -13.44 1.24 21.28
CA SER D 410 -12.63 1.55 20.11
C SER D 410 -11.26 0.88 20.10
N ARG D 411 -10.96 0.01 21.05
CA ARG D 411 -9.69 -0.71 21.05
C ARG D 411 -9.87 -2.07 21.71
N VAL D 412 -9.03 -3.02 21.30
CA VAL D 412 -9.05 -4.39 21.81
C VAL D 412 -7.65 -4.74 22.27
N CYS D 413 -7.54 -5.30 23.47
CA CYS D 413 -6.28 -5.80 23.99
C CYS D 413 -6.27 -7.31 23.97
N VAL D 414 -5.25 -7.90 23.36
CA VAL D 414 -5.11 -9.35 23.21
C VAL D 414 -3.80 -9.79 23.87
N VAL D 415 -3.77 -11.06 24.28
CA VAL D 415 -2.57 -11.63 24.86
C VAL D 415 -1.64 -12.09 23.75
N SER D 416 -0.36 -11.77 23.87
CA SER D 416 0.62 -12.21 22.89
C SER D 416 0.83 -13.72 22.97
N VAL D 417 1.18 -14.31 21.83
CA VAL D 417 1.41 -15.74 21.76
C VAL D 417 2.85 -16.13 22.07
N GLU D 418 3.74 -15.15 22.28
CA GLU D 418 5.09 -15.45 22.70
C GLU D 418 5.09 -15.99 24.13
N LYS D 419 6.08 -16.82 24.42
CA LYS D 419 6.22 -17.34 25.78
C LYS D 419 6.60 -16.20 26.72
N PRO D 420 5.96 -16.08 27.89
CA PRO D 420 6.24 -14.95 28.78
C PRO D 420 7.64 -15.02 29.37
N THR D 421 8.27 -13.85 29.47
CA THR D 421 9.61 -13.76 30.02
C THR D 421 9.58 -13.97 31.53
N LEU D 422 10.71 -14.37 32.08
CA LEU D 422 10.83 -14.57 33.52
C LEU D 422 10.80 -13.22 34.24
N PRO D 423 9.89 -13.02 35.19
CA PRO D 423 9.80 -11.71 35.85
C PRO D 423 10.95 -11.46 36.82
N SER D 424 12.11 -11.10 36.29
CA SER D 424 13.27 -10.79 37.11
C SER D 424 13.18 -9.36 37.63
N LYS D 425 14.24 -8.92 38.32
CA LYS D 425 14.28 -7.55 38.82
C LYS D 425 14.43 -6.55 37.67
N GLU D 426 15.21 -6.92 36.64
CA GLU D 426 15.41 -6.03 35.51
C GLU D 426 14.12 -5.81 34.73
N VAL D 427 13.32 -6.87 34.55
CA VAL D 427 12.06 -6.76 33.84
C VAL D 427 11.07 -5.88 34.60
N LYS D 428 11.01 -6.05 35.92
CA LYS D 428 10.09 -5.24 36.72
C LYS D 428 10.52 -3.78 36.80
N HIS D 429 11.84 -3.54 36.88
CA HIS D 429 12.31 -2.15 36.84
C HIS D 429 12.07 -1.51 35.48
N ALA D 430 12.20 -2.28 34.40
CA ALA D 430 11.87 -1.78 33.06
C ALA D 430 10.39 -1.44 32.96
N ARG D 431 9.53 -2.30 33.53
CA ARG D 431 8.09 -2.03 33.52
C ARG D 431 7.73 -0.79 34.33
N LYS D 432 8.38 -0.62 35.49
CA LYS D 432 8.13 0.57 36.32
C LYS D 432 8.60 1.83 35.61
N THR D 433 9.77 1.77 34.95
CA THR D 433 10.27 2.92 34.21
C THR D 433 9.35 3.28 33.05
N LEU D 434 8.87 2.28 32.32
CA LEU D 434 7.92 2.53 31.24
C LEU D 434 6.61 3.10 31.77
N LYS D 435 6.16 2.64 32.94
CA LYS D 435 4.93 3.14 33.53
C LYS D 435 5.06 4.61 33.92
N THR D 436 6.17 4.99 34.56
CA THR D 436 6.31 6.38 34.98
C THR D 436 6.55 7.29 33.78
N LEU D 437 7.23 6.80 32.75
CA LEU D 437 7.34 7.58 31.51
C LEU D 437 5.99 7.77 30.85
N ARG D 438 5.14 6.75 30.84
CA ARG D 438 3.82 6.87 30.22
C ARG D 438 2.93 7.83 31.00
N ASP D 439 3.03 7.82 32.33
CA ASP D 439 2.29 8.80 33.14
C ASP D 439 2.78 10.22 32.87
N GLN D 440 4.11 10.41 32.76
CA GLN D 440 4.65 11.73 32.46
C GLN D 440 4.22 12.21 31.07
N TRP D 441 4.21 11.32 30.09
CA TRP D 441 3.73 11.66 28.76
C TRP D 441 2.25 11.99 28.76
N GLU D 442 1.46 11.30 29.59
CA GLU D 442 0.04 11.61 29.70
C GLU D 442 -0.18 13.02 30.23
N LYS D 443 0.52 13.38 31.31
CA LYS D 443 0.39 14.72 31.87
C LYS D 443 0.90 15.79 30.90
N ALA D 444 2.03 15.51 30.23
CA ALA D 444 2.60 16.46 29.29
C ALA D 444 1.69 16.67 28.08
N LEU D 445 1.06 15.59 27.60
CA LEU D 445 0.15 15.72 26.48
C LEU D 445 -1.13 16.44 26.89
N CYS D 446 -1.58 16.26 28.12
CA CYS D 446 -2.72 17.03 28.61
C CYS D 446 -2.40 18.52 28.65
N ARG D 447 -1.22 18.88 29.16
CA ARG D 447 -0.82 20.29 29.20
C ARG D 447 -0.65 20.87 27.80
N ALA D 448 -0.03 20.11 26.89
CA ALA D 448 0.17 20.57 25.53
C ALA D 448 -1.16 20.73 24.80
N LEU D 449 -2.11 19.82 25.02
CA LEU D 449 -3.42 19.91 24.39
C LEU D 449 -4.20 21.11 24.90
N ARG D 450 -4.14 21.37 26.22
CA ARG D 450 -4.79 22.57 26.76
C ARG D 450 -4.15 23.85 26.22
N GLU D 451 -2.82 23.90 26.15
CA GLU D 451 -2.16 25.09 25.62
C GLU D 451 -2.49 25.31 24.15
N THR D 452 -2.57 24.22 23.38
CA THR D 452 -2.95 24.34 21.97
C THR D 452 -4.39 24.80 21.82
N LYS D 453 -5.29 24.30 22.67
CA LYS D 453 -6.70 24.74 22.57
C LYS D 453 -6.87 26.20 22.98
N ASN D 454 -6.14 26.65 24.01
CA ASN D 454 -6.20 28.07 24.36
C ASN D 454 -5.60 28.94 23.26
N ARG D 455 -4.51 28.48 22.64
CA ARG D 455 -3.92 29.24 21.54
C ARG D 455 -4.87 29.31 20.35
N LEU D 456 -5.55 28.20 20.04
CA LEU D 456 -6.50 28.21 18.93
C LEU D 456 -7.73 29.06 19.23
N GLU D 457 -8.20 29.07 20.48
CA GLU D 457 -9.32 29.93 20.85
C GLU D 457 -8.97 31.41 20.77
N ARG D 458 -7.79 31.78 21.30
CA ARG D 458 -7.33 33.16 21.19
C ARG D 458 -7.04 33.55 19.74
N GLU D 459 -6.60 32.60 18.92
CA GLU D 459 -6.26 32.88 17.53
C GLU D 459 -7.54 33.06 16.72
N VAL D 460 -8.60 32.35 17.11
CA VAL D 460 -9.93 32.54 16.56
C VAL D 460 -10.47 33.92 16.89
N TYR D 461 -10.30 34.35 18.16
CA TYR D 461 -10.83 35.65 18.58
C TYR D 461 -10.22 36.80 17.78
N GLU D 462 -8.98 36.66 17.31
CA GLU D 462 -8.41 37.61 16.36
C GLU D 462 -8.60 37.08 14.93
N GLY D 463 -9.83 36.70 14.64
CA GLY D 463 -10.35 36.54 13.28
C GLY D 463 -9.65 35.59 12.33
N ARG D 464 -9.19 34.43 12.79
CA ARG D 464 -8.51 33.48 11.91
C ARG D 464 -9.12 32.10 12.07
N PHE D 465 -9.16 31.35 10.97
CA PHE D 465 -9.63 29.97 10.97
C PHE D 465 -8.61 29.12 11.72
N SER D 466 -9.02 28.54 12.83
CA SER D 466 -8.16 27.67 13.61
C SER D 466 -8.70 26.25 13.54
N LEU D 467 -8.14 25.36 14.37
CA LEU D 467 -8.62 23.99 14.48
C LEU D 467 -9.35 23.76 15.79
N TYR D 468 -9.78 24.83 16.47
CA TYR D 468 -10.26 24.74 17.85
C TYR D 468 -11.49 23.85 18.05
N PRO D 469 -12.56 23.91 17.24
CA PRO D 469 -13.66 22.94 17.47
C PRO D 469 -13.27 21.51 17.14
N PHE D 470 -12.30 21.33 16.24
CA PHE D 470 -11.84 19.99 15.85
C PHE D 470 -11.10 19.28 16.98
N LEU D 471 -10.53 20.03 17.93
CA LEU D 471 -9.90 19.45 19.09
C LEU D 471 -10.81 19.38 20.31
N CYS D 472 -11.96 20.02 20.28
CA CYS D 472 -12.99 19.84 21.31
C CYS D 472 -14.06 18.84 20.89
N LEU D 473 -13.92 18.21 19.73
CA LEU D 473 -14.83 17.14 19.33
C LEU D 473 -14.73 15.95 20.28
N LEU D 474 -13.52 15.60 20.70
CA LEU D 474 -13.28 14.51 21.61
C LEU D 474 -12.87 15.07 22.96
N ASP D 475 -12.94 14.22 23.97
CA ASP D 475 -12.45 14.60 25.28
C ASP D 475 -10.92 14.67 25.27
N GLU D 476 -10.38 15.45 26.20
CA GLU D 476 -8.92 15.57 26.35
C GLU D 476 -8.28 14.22 26.64
N ARG D 477 -8.91 13.43 27.52
CA ARG D 477 -8.39 12.12 27.87
C ARG D 477 -8.36 11.19 26.65
N GLU D 478 -9.40 11.25 25.82
CA GLU D 478 -9.49 10.38 24.64
C GLU D 478 -8.41 10.72 23.62
N VAL D 479 -8.17 12.02 23.38
CA VAL D 479 -7.14 12.44 22.44
C VAL D 479 -5.75 12.07 22.95
N VAL D 480 -5.50 12.29 24.25
CA VAL D 480 -4.20 11.95 24.84
C VAL D 480 -3.97 10.44 24.77
N ARG D 481 -5.00 9.65 25.06
CA ARG D 481 -4.89 8.20 25.01
C ARG D 481 -4.68 7.71 23.58
N MET D 482 -5.33 8.35 22.60
CA MET D 482 -5.10 8.01 21.19
C MET D 482 -3.66 8.29 20.77
N LEU D 483 -3.13 9.45 21.16
CA LEU D 483 -1.74 9.79 20.84
C LEU D 483 -0.77 8.82 21.52
N LEU D 484 -1.06 8.42 22.76
CA LEU D 484 -0.22 7.45 23.45
C LEU D 484 -0.29 6.08 22.78
N GLN D 485 -1.47 5.70 22.27
CA GLN D 485 -1.61 4.43 21.57
C GLN D 485 -0.81 4.42 20.26
N VAL D 486 -0.86 5.50 19.49
CA VAL D 486 -0.05 5.57 18.27
C VAL D 486 1.44 5.69 18.58
N LEU D 487 1.80 6.31 19.72
CA LEU D 487 3.19 6.30 20.16
C LEU D 487 3.67 4.90 20.52
N GLN D 488 2.79 4.09 21.13
CA GLN D 488 3.16 2.74 21.55
C GLN D 488 3.41 1.82 20.36
N ALA D 489 2.65 1.98 19.28
CA ALA D 489 2.68 1.06 18.15
C ALA D 489 3.55 1.58 17.02
N LEU D 490 4.64 2.27 17.35
CA LEU D 490 5.55 2.79 16.34
C LEU D 490 6.68 1.80 16.14
N PRO D 491 6.96 1.37 14.91
CA PRO D 491 8.08 0.47 14.66
C PRO D 491 9.41 1.18 14.92
N ALA D 492 10.45 0.36 15.16
CA ALA D 492 11.77 0.90 15.46
C ALA D 492 12.37 1.64 14.27
N GLN D 493 12.02 1.23 13.05
CA GLN D 493 12.51 1.93 11.87
C GLN D 493 11.84 3.30 11.72
N GLY D 494 10.60 3.44 12.17
CA GLY D 494 9.87 4.68 12.07
C GLY D 494 8.89 4.68 10.91
N GLU D 495 8.01 5.68 10.93
CA GLU D 495 6.99 5.85 9.91
C GLU D 495 7.09 7.25 9.33
N SER D 496 6.44 7.44 8.18
CA SER D 496 6.38 8.75 7.56
C SER D 496 5.51 9.69 8.38
N PHE D 497 5.86 10.98 8.35
CA PHE D 497 5.07 12.00 9.06
C PHE D 497 3.67 12.13 8.46
N THR D 498 3.56 12.04 7.13
CA THR D 498 2.26 12.08 6.47
C THR D 498 1.42 10.86 6.82
N THR D 499 2.07 9.71 7.01
CA THR D 499 1.35 8.50 7.42
C THR D 499 0.78 8.66 8.82
N LEU D 500 1.56 9.22 9.76
CA LEU D 500 1.06 9.50 11.10
C LEU D 500 -0.07 10.51 11.04
N ALA D 501 0.02 11.50 10.15
CA ALA D 501 -1.04 12.48 9.99
C ALA D 501 -2.35 11.82 9.53
N ARG D 502 -2.25 10.97 8.50
CA ARG D 502 -3.42 10.26 8.00
C ARG D 502 -4.04 9.38 9.06
N GLU D 503 -3.21 8.61 9.78
CA GLU D 503 -3.73 7.65 10.74
C GLU D 503 -4.35 8.35 11.95
N LEU D 504 -3.71 9.44 12.41
CA LEU D 504 -4.24 10.19 13.54
C LEU D 504 -5.55 10.88 13.17
N SER D 505 -5.64 11.44 11.97
CA SER D 505 -6.88 12.07 11.52
C SER D 505 -8.01 11.05 11.37
N ALA D 506 -7.69 9.86 10.82
CA ALA D 506 -8.70 8.82 10.66
C ALA D 506 -9.20 8.32 12.00
N ARG D 507 -8.29 8.13 12.96
CA ARG D 507 -8.70 7.70 14.30
C ARG D 507 -9.56 8.74 14.99
N THR D 508 -9.20 10.02 14.84
CA THR D 508 -9.99 11.09 15.43
C THR D 508 -11.38 11.17 14.81
N PHE D 509 -11.47 11.00 13.49
CA PHE D 509 -12.77 11.01 12.81
C PHE D 509 -13.64 9.84 13.23
N SER D 510 -13.04 8.65 13.36
CA SER D 510 -13.81 7.48 13.77
C SER D 510 -14.33 7.63 15.19
N ARG D 511 -13.50 8.13 16.11
CA ARG D 511 -13.96 8.37 17.47
C ARG D 511 -15.00 9.48 17.54
N HIS D 512 -14.88 10.49 16.67
CA HIS D 512 -15.91 11.52 16.56
C HIS D 512 -17.25 10.93 16.14
N VAL D 513 -17.23 10.03 15.15
CA VAL D 513 -18.46 9.41 14.68
C VAL D 513 -19.09 8.55 15.76
N VAL D 514 -18.28 7.74 16.45
CA VAL D 514 -18.81 6.87 17.50
C VAL D 514 -19.36 7.69 18.67
N GLN D 515 -18.65 8.76 19.05
CA GLN D 515 -19.11 9.62 20.14
C GLN D 515 -20.39 10.36 19.78
N ARG D 516 -20.51 10.82 18.53
CA ARG D 516 -21.70 11.55 18.12
C ARG D 516 -22.91 10.62 18.06
N GLN D 517 -22.72 9.38 17.59
CA GLN D 517 -23.81 8.42 17.64
C GLN D 517 -24.15 8.02 19.07
N ARG D 518 -23.18 8.06 19.98
CA ARG D 518 -23.46 7.74 21.37
C ARG D 518 -24.30 8.83 22.04
N VAL D 519 -23.94 10.10 21.82
CA VAL D 519 -24.66 11.20 22.47
C VAL D 519 -26.01 11.44 21.80
N SER D 520 -26.07 11.29 20.48
CA SER D 520 -27.29 11.60 19.73
C SER D 520 -28.43 10.63 20.01
N GLY D 521 -28.14 9.47 20.58
CA GLY D 521 -29.17 8.50 20.90
C GLY D 521 -29.45 7.47 19.82
N GLN D 522 -28.63 7.41 18.78
CA GLN D 522 -28.84 6.44 17.72
C GLN D 522 -28.37 5.04 18.08
N VAL D 523 -27.57 4.91 19.15
CA VAL D 523 -27.15 3.59 19.61
C VAL D 523 -28.34 2.78 20.11
N GLN D 524 -29.23 3.43 20.86
CA GLN D 524 -30.42 2.74 21.38
C GLN D 524 -31.38 2.39 20.25
N ALA D 525 -31.50 3.26 19.24
CA ALA D 525 -32.35 2.97 18.09
C ALA D 525 -31.81 1.79 17.30
N LEU D 526 -30.50 1.76 17.05
CA LEU D 526 -29.88 0.64 16.35
C LEU D 526 -30.00 -0.65 17.17
N GLN D 527 -29.90 -0.53 18.49
CA GLN D 527 -30.08 -1.67 19.39
C GLN D 527 -31.49 -2.26 19.26
N ASN D 528 -32.50 -1.41 19.39
CA ASN D 528 -33.89 -1.88 19.33
C ASN D 528 -34.24 -2.41 17.96
N HIS D 529 -33.63 -1.87 16.89
CA HIS D 529 -33.88 -2.41 15.56
C HIS D 529 -33.14 -3.72 15.34
N TYR D 530 -31.96 -3.88 15.95
CA TYR D 530 -31.15 -5.07 15.69
C TYR D 530 -31.70 -6.29 16.42
N ARG D 531 -32.25 -6.10 17.65
CA ARG D 531 -32.93 -7.21 18.31
C ARG D 531 -34.14 -7.70 17.51
N LYS D 532 -34.82 -6.81 16.80
CA LYS D 532 -35.91 -7.26 15.95
C LYS D 532 -35.40 -7.89 14.66
N TYR D 533 -34.27 -7.40 14.14
CA TYR D 533 -33.70 -7.93 12.90
C TYR D 533 -33.15 -9.34 13.09
N LEU D 534 -32.62 -9.64 14.29
CA LEU D 534 -31.99 -10.94 14.53
C LEU D 534 -32.98 -12.11 14.49
N CYS D 535 -34.29 -11.84 14.50
CA CYS D 535 -35.27 -12.92 14.46
C CYS D 535 -35.29 -13.62 13.11
N LEU D 536 -34.83 -12.95 12.04
CA LEU D 536 -34.80 -13.58 10.73
C LEU D 536 -33.70 -14.63 10.63
N LEU D 537 -32.51 -14.31 11.15
CA LEU D 537 -31.36 -15.19 11.02
C LEU D 537 -31.23 -16.19 12.17
N ALA D 538 -32.13 -16.14 13.14
CA ALA D 538 -32.04 -17.03 14.30
C ALA D 538 -32.69 -18.37 13.98
N SER D 539 -32.15 -19.43 14.60
CA SER D 539 -32.68 -20.78 14.36
C SER D 539 -34.04 -20.95 14.99
N ASP D 540 -34.25 -20.42 16.20
CA ASP D 540 -35.48 -20.64 16.95
C ASP D 540 -36.51 -19.54 16.77
N ALA D 541 -36.25 -18.55 15.92
CA ALA D 541 -37.18 -17.47 15.66
C ALA D 541 -37.61 -17.51 14.20
N GLU D 542 -38.92 -17.45 13.96
CA GLU D 542 -39.48 -17.56 12.64
C GLU D 542 -40.21 -16.28 12.26
N VAL D 543 -39.86 -15.73 11.11
CA VAL D 543 -40.55 -14.56 10.55
C VAL D 543 -41.81 -15.05 9.84
N PRO D 544 -42.85 -14.22 9.72
CA PRO D 544 -44.04 -14.65 8.95
C PRO D 544 -43.76 -14.95 7.48
N GLU D 545 -42.90 -14.17 6.84
CA GLU D 545 -42.55 -14.38 5.44
C GLU D 545 -41.04 -14.35 5.30
N PRO D 546 -40.43 -15.38 4.71
CA PRO D 546 -38.97 -15.38 4.53
C PRO D 546 -38.54 -14.35 3.50
N CYS D 547 -37.40 -13.71 3.76
CA CYS D 547 -36.85 -12.66 2.91
C CYS D 547 -35.37 -12.50 3.23
N LEU D 548 -34.72 -11.63 2.49
CA LEU D 548 -33.29 -11.35 2.67
C LEU D 548 -33.08 -10.44 3.88
N PRO D 549 -31.85 -10.43 4.45
CA PRO D 549 -31.60 -9.54 5.59
C PRO D 549 -31.77 -8.06 5.32
N ARG D 550 -31.45 -7.58 4.12
CA ARG D 550 -31.69 -6.18 3.79
C ARG D 550 -33.19 -5.89 3.70
N GLN D 551 -33.94 -6.81 3.10
CA GLN D 551 -35.39 -6.63 2.97
C GLN D 551 -36.07 -6.66 4.33
N TYR D 552 -35.59 -7.48 5.24
CA TYR D 552 -36.16 -7.49 6.59
C TYR D 552 -35.70 -6.29 7.40
N TRP D 553 -34.50 -5.78 7.13
CA TRP D 553 -34.05 -4.56 7.78
C TRP D 553 -34.91 -3.37 7.38
N GLU D 554 -35.27 -3.28 6.10
CA GLU D 554 -36.12 -2.19 5.64
C GLU D 554 -37.61 -2.43 5.83
N GLU D 555 -38.03 -3.69 6.02
CA GLU D 555 -39.44 -3.98 6.23
C GLU D 555 -39.91 -3.48 7.59
N LEU D 556 -39.09 -3.66 8.61
CA LEU D 556 -39.31 -3.04 9.91
C LEU D 556 -39.02 -1.53 9.81
N GLY D 557 -39.39 -0.81 10.86
CA GLY D 557 -39.11 0.61 10.92
C GLY D 557 -37.62 0.89 10.94
N ALA D 558 -37.10 1.36 9.82
CA ALA D 558 -35.66 1.54 9.68
C ALA D 558 -35.23 2.79 10.43
N PRO D 559 -34.26 2.71 11.34
CA PRO D 559 -33.75 3.91 11.98
C PRO D 559 -32.97 4.78 11.00
N GLU D 560 -33.06 6.09 11.21
CA GLU D 560 -32.42 7.02 10.30
C GLU D 560 -30.91 7.03 10.53
N ALA D 561 -30.16 6.84 9.45
CA ALA D 561 -28.70 6.89 9.50
C ALA D 561 -28.28 8.29 9.06
N LEU D 562 -27.78 9.08 10.01
CA LEU D 562 -27.29 10.42 9.71
C LEU D 562 -26.03 10.31 8.87
N ARG D 563 -26.15 10.66 7.59
CA ARG D 563 -24.99 10.71 6.70
C ARG D 563 -24.06 11.81 7.17
N GLU D 564 -22.92 11.42 7.74
CA GLU D 564 -21.93 12.37 8.26
C GLU D 564 -20.89 12.61 7.18
N GLN D 565 -20.84 13.83 6.67
CA GLN D 565 -19.85 14.18 5.65
C GLN D 565 -18.46 14.17 6.27
N PRO D 566 -17.51 13.46 5.69
CA PRO D 566 -16.14 13.47 6.23
C PRO D 566 -15.47 14.80 6.03
N TRP D 567 -14.42 15.03 6.81
CA TRP D 567 -13.67 16.27 6.76
C TRP D 567 -12.96 16.40 5.42
N PRO D 568 -12.73 17.63 4.94
CA PRO D 568 -11.94 17.81 3.72
C PRO D 568 -10.49 17.38 3.93
N LEU D 569 -9.85 16.99 2.83
CA LEU D 569 -8.48 16.52 2.88
C LEU D 569 -7.46 17.49 3.49
N PRO D 570 -7.44 18.80 3.19
CA PRO D 570 -6.50 19.67 3.93
C PRO D 570 -6.82 19.79 5.41
N VAL D 571 -8.10 19.73 5.78
CA VAL D 571 -8.46 19.77 7.20
C VAL D 571 -7.96 18.52 7.92
N GLN D 572 -8.13 17.36 7.29
CA GLN D 572 -7.60 16.11 7.83
C GLN D 572 -6.09 16.17 7.95
N MET D 573 -5.43 16.73 6.93
CA MET D 573 -3.98 16.80 6.92
C MET D 573 -3.43 17.69 8.03
N GLU D 574 -4.01 18.88 8.21
CA GLU D 574 -3.50 19.74 9.27
C GLU D 574 -3.90 19.25 10.65
N LEU D 575 -5.03 18.55 10.78
CA LEU D 575 -5.38 17.98 12.08
C LEU D 575 -4.39 16.87 12.47
N GLY D 576 -4.12 15.95 11.54
CA GLY D 576 -3.16 14.91 11.83
C GLY D 576 -1.74 15.43 12.00
N LYS D 577 -1.38 16.44 11.21
CA LYS D 577 -0.06 17.06 11.32
C LYS D 577 0.11 17.76 12.67
N LEU D 578 -0.91 18.48 13.11
CA LEU D 578 -0.86 19.13 14.42
C LEU D 578 -0.80 18.12 15.55
N LEU D 579 -1.55 17.01 15.43
CA LEU D 579 -1.51 15.99 16.49
C LEU D 579 -0.18 15.28 16.53
N ALA D 580 0.41 15.01 15.36
CA ALA D 580 1.74 14.38 15.31
C ALA D 580 2.80 15.30 15.88
N GLU D 581 2.75 16.60 15.53
CA GLU D 581 3.69 17.56 16.10
C GLU D 581 3.50 17.70 17.60
N MET D 582 2.25 17.60 18.07
CA MET D 582 1.97 17.62 19.50
C MET D 582 2.60 16.42 20.20
N LEU D 583 2.52 15.24 19.57
CA LEU D 583 3.15 14.05 20.15
C LEU D 583 4.67 14.17 20.17
N VAL D 584 5.27 14.74 19.12
CA VAL D 584 6.72 14.86 19.06
C VAL D 584 7.23 15.88 20.08
N GLN D 585 6.61 17.06 20.14
CA GLN D 585 7.11 18.10 21.04
C GLN D 585 6.73 17.82 22.49
N ALA D 586 5.57 17.22 22.72
CA ALA D 586 5.05 17.13 24.08
C ALA D 586 5.74 16.05 24.90
N THR D 587 6.16 14.97 24.25
CA THR D 587 6.76 13.85 24.98
C THR D 587 8.25 14.10 25.22
N GLN D 588 8.68 13.96 26.48
CA GLN D 588 10.09 14.06 26.82
C GLN D 588 10.50 12.80 27.57
N MET D 589 11.76 12.43 27.43
CA MET D 589 12.38 11.24 28.00
C MET D 589 13.67 11.70 28.69
N PRO D 590 14.22 10.96 29.66
CA PRO D 590 15.57 11.30 30.14
C PRO D 590 16.66 11.00 29.12
N CYS D 591 17.92 11.23 29.50
CA CYS D 591 19.02 11.30 28.53
C CYS D 591 19.23 9.99 27.80
N SER D 592 19.19 8.87 28.53
CA SER D 592 19.23 7.55 27.93
C SER D 592 18.50 6.58 28.85
N LEU D 593 17.53 5.85 28.30
CA LEU D 593 16.85 4.83 29.08
C LEU D 593 17.76 3.67 29.43
N ASP D 594 18.70 3.36 28.54
CA ASP D 594 19.78 2.44 28.88
C ASP D 594 20.75 3.14 29.82
N LYS D 595 20.82 2.66 31.06
CA LYS D 595 21.59 3.22 32.18
C LYS D 595 21.16 4.67 32.43
N PRO D 596 19.98 4.90 33.01
CA PRO D 596 19.52 6.27 33.24
C PRO D 596 19.98 6.90 34.55
N HIS D 597 20.93 6.29 35.25
CA HIS D 597 21.34 6.78 36.57
C HIS D 597 22.17 8.06 36.48
N ARG D 598 22.75 8.35 35.33
CA ARG D 598 23.51 9.59 35.16
C ARG D 598 22.54 10.77 35.06
N SER D 599 23.07 11.98 35.24
CA SER D 599 22.28 13.20 35.13
C SER D 599 21.71 13.33 33.71
N SER D 600 20.45 13.76 33.63
CA SER D 600 19.67 13.64 32.41
C SER D 600 19.27 15.00 31.89
N ARG D 601 19.49 15.21 30.60
CA ARG D 601 18.84 16.26 29.82
C ARG D 601 17.67 15.63 29.07
N LEU D 602 16.56 16.36 28.98
CA LEU D 602 15.36 15.79 28.40
C LEU D 602 15.47 15.77 26.88
N VAL D 603 15.68 14.58 26.33
CA VAL D 603 15.78 14.40 24.88
C VAL D 603 14.43 13.90 24.38
N PRO D 604 14.07 14.16 23.12
CA PRO D 604 12.74 13.73 22.64
C PRO D 604 12.60 12.22 22.57
N VAL D 605 11.35 11.76 22.73
CA VAL D 605 11.06 10.35 22.54
C VAL D 605 11.16 9.98 21.06
N LEU D 606 10.61 10.81 20.19
CA LEU D 606 10.63 10.59 18.76
C LEU D 606 11.54 11.61 18.10
N TYR D 607 12.24 11.19 17.06
CA TYR D 607 13.15 12.07 16.34
C TYR D 607 12.72 12.15 14.89
N HIS D 608 12.79 13.35 14.33
CA HIS D 608 12.39 13.61 12.96
C HIS D 608 13.65 13.58 12.09
N VAL D 609 13.90 12.43 11.47
CA VAL D 609 15.07 12.24 10.63
C VAL D 609 14.62 12.22 9.18
N TYR D 610 15.38 12.93 8.33
CA TYR D 610 15.14 12.84 6.90
C TYR D 610 15.71 11.53 6.38
N SER D 611 14.88 10.75 5.68
CA SER D 611 15.33 9.54 5.01
C SER D 611 15.28 9.79 3.50
N PHE D 612 16.24 9.23 2.80
CA PHE D 612 16.58 9.69 1.47
C PHE D 612 16.51 8.51 0.51
N ARG D 613 15.71 8.63 -0.54
CA ARG D 613 15.64 7.63 -1.59
C ARG D 613 15.63 8.38 -2.92
N ASN D 614 16.69 8.19 -3.69
CA ASN D 614 17.10 8.92 -4.92
C ASN D 614 17.00 10.43 -4.62
N VAL D 615 16.42 11.23 -5.50
CA VAL D 615 16.24 12.67 -5.24
C VAL D 615 15.27 12.90 -4.08
N GLN D 616 14.42 11.92 -3.78
CA GLN D 616 13.31 12.10 -2.85
C GLN D 616 13.78 12.13 -1.40
N GLN D 617 13.15 13.00 -0.62
CA GLN D 617 13.48 13.22 0.80
C GLN D 617 12.18 13.15 1.59
N ILE D 618 12.05 12.15 2.46
CA ILE D 618 10.83 11.95 3.23
C ILE D 618 11.15 12.04 4.72
N GLY D 619 10.29 12.70 5.47
CA GLY D 619 10.48 12.80 6.91
C GLY D 619 9.95 11.58 7.63
N ILE D 620 10.80 11.00 8.48
CA ILE D 620 10.50 9.76 9.19
C ILE D 620 10.65 10.02 10.68
N LEU D 621 9.63 9.64 11.44
CA LEU D 621 9.68 9.78 12.90
C LEU D 621 10.18 8.47 13.46
N LYS D 622 11.46 8.41 13.76
CA LYS D 622 12.05 7.21 14.30
C LYS D 622 12.12 7.34 15.82
N PRO D 623 11.67 6.33 16.56
CA PRO D 623 11.81 6.37 18.02
C PRO D 623 13.27 6.27 18.41
N HIS D 624 13.58 6.83 19.58
CA HIS D 624 14.94 6.81 20.07
C HIS D 624 15.34 5.38 20.42
N PRO D 625 16.57 4.96 20.13
CA PRO D 625 16.96 3.56 20.38
C PRO D 625 16.92 3.14 21.83
N ALA D 626 17.07 4.05 22.79
CA ALA D 626 16.90 3.65 24.19
C ALA D 626 15.44 3.38 24.53
N TYR D 627 14.52 4.17 23.95
CA TYR D 627 13.10 3.86 24.06
C TYR D 627 12.78 2.50 23.44
N VAL D 628 13.35 2.21 22.27
CA VAL D 628 13.16 0.91 21.63
C VAL D 628 13.67 -0.21 22.53
N GLN D 629 14.90 -0.07 23.03
CA GLN D 629 15.50 -1.09 23.88
C GLN D 629 14.71 -1.31 25.15
N LEU D 630 14.13 -0.24 25.71
CA LEU D 630 13.24 -0.42 26.86
C LEU D 630 11.97 -1.16 26.46
N LEU D 631 11.49 -0.95 25.23
CA LEU D 631 10.30 -1.65 24.78
C LEU D 631 10.53 -3.16 24.63
N GLU D 632 11.64 -3.59 24.03
CA GLU D 632 11.83 -5.04 24.01
C GLU D 632 12.41 -5.58 25.32
N LYS D 633 12.91 -4.71 26.21
CA LYS D 633 13.34 -5.22 27.51
C LYS D 633 12.16 -5.41 28.45
N ALA D 634 11.10 -4.61 28.27
CA ALA D 634 9.95 -4.68 29.17
C ALA D 634 9.11 -5.93 28.90
N ALA D 635 9.10 -6.41 27.65
CA ALA D 635 8.37 -7.59 27.21
C ALA D 635 6.87 -7.47 27.53
N GLU D 636 6.25 -6.51 26.86
CA GLU D 636 4.84 -6.23 27.08
C GLU D 636 4.00 -7.42 26.62
N PRO D 637 3.17 -8.00 27.49
CA PRO D 637 2.42 -9.20 27.14
C PRO D 637 1.14 -8.96 26.35
N THR D 638 0.82 -7.71 26.00
CA THR D 638 -0.43 -7.39 25.34
C THR D 638 -0.17 -6.69 24.02
N LEU D 639 -1.14 -6.82 23.12
CA LEU D 639 -1.14 -6.10 21.85
C LEU D 639 -2.50 -5.43 21.68
N THR D 640 -2.49 -4.25 21.09
CA THR D 640 -3.70 -3.44 20.95
C THR D 640 -4.06 -3.29 19.48
N PHE D 641 -5.32 -3.58 19.15
CA PHE D 641 -5.87 -3.39 17.83
C PHE D 641 -7.02 -2.40 17.89
N GLU D 642 -7.30 -1.79 16.74
CA GLU D 642 -8.54 -1.02 16.60
C GLU D 642 -9.73 -1.96 16.51
N ALA D 643 -10.92 -1.41 16.80
CA ALA D 643 -12.14 -2.20 16.70
C ALA D 643 -12.45 -2.56 15.25
N VAL D 644 -12.04 -1.71 14.30
CA VAL D 644 -12.21 -1.99 12.88
C VAL D 644 -11.33 -3.15 12.41
N ASP D 645 -10.15 -3.32 13.01
CA ASP D 645 -9.18 -4.31 12.58
C ASP D 645 -9.42 -5.68 13.19
N VAL D 646 -10.48 -5.85 13.96
CA VAL D 646 -10.80 -7.11 14.62
C VAL D 646 -12.05 -7.67 13.98
N PRO D 647 -12.15 -9.00 13.77
CA PRO D 647 -13.40 -9.58 13.27
C PRO D 647 -14.57 -9.32 14.22
N MET D 648 -15.75 -9.09 13.63
CA MET D 648 -16.93 -8.77 14.41
C MET D 648 -17.42 -9.98 15.19
N LEU D 649 -17.93 -9.72 16.39
CA LEU D 649 -18.46 -10.77 17.26
C LEU D 649 -19.92 -11.08 16.99
N CYS D 650 -20.61 -10.22 16.24
CA CYS D 650 -22.02 -10.34 15.91
C CYS D 650 -22.15 -10.35 14.39
N PRO D 651 -23.29 -10.81 13.86
CA PRO D 651 -23.55 -10.64 12.43
C PRO D 651 -23.52 -9.17 12.05
N PRO D 652 -22.90 -8.83 10.92
CA PRO D 652 -22.78 -7.43 10.54
C PRO D 652 -24.14 -6.84 10.15
N LEU D 653 -24.19 -5.51 10.20
CA LEU D 653 -25.37 -4.82 9.72
C LEU D 653 -25.52 -5.07 8.22
N PRO D 654 -26.74 -5.33 7.75
CA PRO D 654 -26.95 -5.53 6.31
C PRO D 654 -26.62 -4.27 5.53
N TRP D 655 -26.00 -4.47 4.36
CA TRP D 655 -25.67 -3.37 3.47
C TRP D 655 -26.95 -2.84 2.85
N THR D 656 -27.48 -1.75 3.41
CA THR D 656 -28.69 -1.13 2.92
C THR D 656 -28.42 0.12 2.10
N SER D 657 -27.18 0.59 2.10
CA SER D 657 -26.79 1.85 1.47
C SER D 657 -25.27 1.87 1.42
N PRO D 658 -24.67 2.69 0.56
CA PRO D 658 -23.22 2.89 0.63
C PRO D 658 -22.74 3.49 1.94
N HIS D 659 -23.61 4.11 2.73
CA HIS D 659 -23.25 4.63 4.05
C HIS D 659 -23.46 3.60 5.14
N SER D 660 -24.68 3.11 5.31
CA SER D 660 -24.97 2.11 6.32
C SER D 660 -24.46 0.75 5.87
N GLY D 661 -23.45 0.21 6.56
CA GLY D 661 -22.66 -0.88 6.04
C GLY D 661 -22.23 -1.90 7.05
N ALA D 662 -20.93 -2.21 7.06
CA ALA D 662 -20.44 -3.43 7.67
C ALA D 662 -20.45 -3.39 9.19
N PHE D 663 -19.98 -2.30 9.79
CA PHE D 663 -19.79 -2.24 11.23
C PHE D 663 -21.00 -1.60 11.89
N LEU D 664 -21.10 -1.80 13.21
CA LEU D 664 -22.23 -1.29 13.97
C LEU D 664 -22.22 0.24 14.02
N LEU D 665 -21.08 0.82 14.41
CA LEU D 665 -20.98 2.26 14.63
C LEU D 665 -19.89 2.93 13.81
N SER D 666 -18.78 2.25 13.55
CA SER D 666 -17.65 2.84 12.85
C SER D 666 -17.98 3.06 11.38
N PRO D 667 -17.54 4.18 10.80
CA PRO D 667 -17.79 4.40 9.37
C PRO D 667 -16.96 3.46 8.51
N THR D 668 -17.58 2.91 7.48
CA THR D 668 -16.93 1.97 6.59
C THR D 668 -17.37 2.25 5.16
N LYS D 669 -16.40 2.35 4.26
CA LYS D 669 -16.69 2.64 2.86
C LYS D 669 -17.20 1.41 2.14
N LEU D 670 -18.14 1.62 1.22
CA LEU D 670 -18.57 0.55 0.33
C LEU D 670 -17.44 0.12 -0.59
N MET D 671 -16.63 1.07 -1.04
CA MET D 671 -15.55 0.80 -1.98
C MET D 671 -14.24 1.27 -1.34
N ARG D 672 -13.28 0.37 -1.22
CA ARG D 672 -11.98 0.76 -0.68
C ARG D 672 -11.26 1.69 -1.65
N THR D 673 -10.66 2.74 -1.10
CA THR D 673 -9.98 3.75 -1.90
C THR D 673 -8.74 4.20 -1.15
N VAL D 674 -7.59 4.10 -1.84
CA VAL D 674 -6.35 4.60 -1.25
C VAL D 674 -6.38 6.12 -1.13
N GLU D 675 -6.98 6.79 -2.12
CA GLU D 675 -7.09 8.24 -2.10
C GLU D 675 -8.10 8.70 -1.04
N GLY D 676 -7.96 9.96 -0.61
CA GLY D 676 -8.79 10.45 0.48
C GLY D 676 -10.21 10.78 0.05
N ALA D 677 -10.36 11.70 -0.89
CA ALA D 677 -11.66 12.10 -1.41
C ALA D 677 -11.74 11.69 -2.87
N THR D 678 -12.73 10.88 -3.22
CA THR D 678 -12.74 10.21 -4.51
C THR D 678 -14.19 10.12 -4.99
N GLN D 679 -14.35 10.03 -6.31
CA GLN D 679 -15.64 10.11 -6.99
C GLN D 679 -16.41 8.79 -7.01
N HIS D 680 -15.95 7.77 -6.27
CA HIS D 680 -16.63 6.49 -6.28
C HIS D 680 -18.01 6.57 -5.63
N GLN D 681 -18.09 7.24 -4.47
CA GLN D 681 -19.35 7.34 -3.74
C GLN D 681 -20.37 8.18 -4.51
N GLU D 682 -19.90 9.11 -5.34
CA GLU D 682 -20.82 9.86 -6.20
C GLU D 682 -21.53 8.95 -7.19
N LEU D 683 -20.82 8.00 -7.80
CA LEU D 683 -21.49 7.03 -8.65
C LEU D 683 -22.31 6.05 -7.83
N LEU D 684 -21.91 5.77 -6.59
CA LEU D 684 -22.69 4.88 -5.74
C LEU D 684 -24.00 5.50 -5.27
N GLU D 685 -24.09 6.84 -5.26
CA GLU D 685 -25.31 7.51 -4.84
C GLU D 685 -26.15 8.06 -6.00
N THR D 686 -25.55 8.39 -7.14
CA THR D 686 -26.34 8.85 -8.28
C THR D 686 -26.90 7.70 -9.12
N CYS D 687 -26.62 6.46 -8.74
CA CYS D 687 -27.20 5.31 -9.41
C CYS D 687 -28.69 5.21 -9.07
N PRO D 688 -29.46 4.45 -9.84
CA PRO D 688 -30.83 4.14 -9.44
C PRO D 688 -30.84 3.37 -8.13
N PRO D 689 -31.87 3.55 -7.30
CA PRO D 689 -31.90 2.92 -5.97
C PRO D 689 -31.85 1.39 -5.99
N THR D 690 -32.42 0.77 -7.01
CA THR D 690 -32.44 -0.68 -7.11
C THR D 690 -31.25 -1.25 -7.88
N ALA D 691 -30.29 -0.42 -8.27
CA ALA D 691 -29.17 -0.90 -9.08
C ALA D 691 -28.17 -1.68 -8.23
N LEU D 692 -27.96 -1.25 -6.98
CA LEU D 692 -26.94 -1.83 -6.13
C LEU D 692 -27.47 -2.95 -5.24
N HIS D 693 -28.72 -3.37 -5.42
CA HIS D 693 -29.35 -4.32 -4.51
C HIS D 693 -28.64 -5.67 -4.53
N GLY D 694 -28.23 -6.15 -5.71
CA GLY D 694 -27.55 -7.42 -5.80
C GLY D 694 -26.18 -7.42 -5.14
N ALA D 695 -25.39 -6.37 -5.37
CA ALA D 695 -24.07 -6.28 -4.78
C ALA D 695 -24.14 -6.13 -3.26
N LEU D 696 -25.07 -5.31 -2.77
CA LEU D 696 -25.23 -5.13 -1.33
C LEU D 696 -25.72 -6.41 -0.66
N ASP D 697 -26.64 -7.13 -1.32
CA ASP D 697 -27.12 -8.39 -0.76
C ASP D 697 -26.04 -9.46 -0.76
N ALA D 698 -25.19 -9.49 -1.80
CA ALA D 698 -24.09 -10.44 -1.81
C ALA D 698 -23.04 -10.09 -0.76
N LEU D 699 -22.81 -8.80 -0.53
CA LEU D 699 -21.91 -8.37 0.55
C LEU D 699 -22.46 -8.77 1.91
N THR D 700 -23.76 -8.62 2.10
CA THR D 700 -24.41 -9.06 3.34
C THR D 700 -24.30 -10.57 3.51
N GLN D 701 -24.48 -11.32 2.43
CA GLN D 701 -24.40 -12.78 2.48
C GLN D 701 -22.98 -13.25 2.82
N LEU D 702 -21.98 -12.62 2.20
CA LEU D 702 -20.59 -12.97 2.50
C LEU D 702 -20.22 -12.57 3.92
N GLY D 703 -20.76 -11.45 4.41
CA GLY D 703 -20.50 -11.05 5.78
C GLY D 703 -21.24 -11.88 6.80
N ASN D 704 -22.33 -12.53 6.40
CA ASN D 704 -23.13 -13.32 7.33
C ASN D 704 -22.56 -14.71 7.60
N CYS D 705 -21.47 -15.08 6.92
CA CYS D 705 -20.86 -16.38 7.16
C CYS D 705 -20.18 -16.42 8.52
N ALA D 706 -20.52 -17.42 9.31
CA ALA D 706 -19.97 -17.58 10.66
C ALA D 706 -18.73 -18.45 10.61
N TRP D 707 -17.63 -17.93 11.14
CA TRP D 707 -16.33 -18.59 11.09
C TRP D 707 -15.97 -19.19 12.44
N ARG D 708 -15.00 -20.09 12.43
CA ARG D 708 -14.58 -20.79 13.63
C ARG D 708 -13.13 -21.21 13.48
N VAL D 709 -12.35 -21.05 14.54
CA VAL D 709 -10.92 -21.31 14.49
C VAL D 709 -10.67 -22.80 14.70
N ASN D 710 -9.89 -23.40 13.79
CA ASN D 710 -9.44 -24.79 13.93
C ASN D 710 -8.39 -24.84 15.04
N GLY D 711 -8.76 -25.43 16.18
CA GLY D 711 -7.90 -25.39 17.35
C GLY D 711 -6.66 -26.26 17.24
N ARG D 712 -6.75 -27.38 16.53
CA ARG D 712 -5.61 -28.30 16.44
C ARG D 712 -4.50 -27.72 15.57
N VAL D 713 -4.86 -27.15 14.43
CA VAL D 713 -3.90 -26.47 13.57
C VAL D 713 -3.28 -25.29 14.30
N LEU D 714 -4.11 -24.57 15.08
CA LEU D 714 -3.59 -23.47 15.89
C LEU D 714 -2.60 -23.95 16.93
N ASP D 715 -2.88 -25.11 17.55
CA ASP D 715 -1.96 -25.68 18.53
C ASP D 715 -0.62 -26.04 17.89
N LEU D 716 -0.65 -26.62 16.70
CA LEU D 716 0.61 -27.00 16.04
C LEU D 716 1.40 -25.78 15.57
N VAL D 717 0.72 -24.78 15.01
CA VAL D 717 1.43 -23.56 14.58
C VAL D 717 1.96 -22.80 15.80
N LEU D 718 1.23 -22.82 16.92
CA LEU D 718 1.74 -22.21 18.14
C LEU D 718 2.95 -22.97 18.67
N GLN D 719 2.93 -24.30 18.54
CA GLN D 719 4.08 -25.11 18.94
C GLN D 719 5.32 -24.75 18.13
N LEU D 720 5.15 -24.56 16.82
CA LEU D 720 6.30 -24.20 15.99
C LEU D 720 6.72 -22.75 16.19
N PHE D 721 5.78 -21.86 16.46
CA PHE D 721 6.09 -20.43 16.60
C PHE D 721 6.75 -20.13 17.93
N GLN D 722 6.29 -20.75 19.02
CA GLN D 722 6.84 -20.49 20.34
C GLN D 722 8.25 -21.01 20.47
N ALA D 723 8.53 -22.15 19.84
CA ALA D 723 9.89 -22.68 19.73
C ALA D 723 10.57 -22.05 18.52
N LYS D 724 11.69 -22.63 18.09
CA LYS D 724 12.33 -22.18 16.86
C LYS D 724 11.41 -22.44 15.68
N GLY D 725 11.21 -21.41 14.86
CA GLY D 725 10.23 -21.50 13.80
C GLY D 725 10.68 -22.39 12.66
N CYS D 726 9.71 -22.79 11.84
CA CYS D 726 9.97 -23.63 10.67
C CYS D 726 9.62 -22.84 9.42
N PRO D 727 10.60 -22.23 8.75
CA PRO D 727 10.30 -21.46 7.53
C PRO D 727 9.85 -22.32 6.35
N GLN D 728 10.10 -23.63 6.39
CA GLN D 728 9.60 -24.51 5.34
C GLN D 728 8.08 -24.61 5.39
N LEU D 729 7.49 -24.52 6.58
CA LEU D 729 6.05 -24.62 6.76
C LEU D 729 5.37 -23.27 6.89
N GLY D 730 6.09 -22.17 6.68
CA GLY D 730 5.51 -20.85 6.72
C GLY D 730 5.51 -20.18 8.09
N VAL D 731 6.00 -20.86 9.12
CA VAL D 731 6.06 -20.29 10.47
C VAL D 731 7.39 -19.54 10.59
N PRO D 732 7.37 -18.22 10.85
CA PRO D 732 8.62 -17.47 10.91
C PRO D 732 9.48 -17.85 12.11
N ALA D 733 10.78 -17.93 11.88
CA ALA D 733 11.76 -18.18 12.93
C ALA D 733 12.04 -16.90 13.70
N PRO D 734 12.36 -17.01 14.99
CA PRO D 734 12.69 -15.82 15.77
C PRO D 734 13.99 -15.21 15.30
N PRO D 735 14.13 -13.88 15.40
CA PRO D 735 15.35 -13.22 14.92
C PRO D 735 16.60 -13.54 15.74
N SER D 736 16.43 -14.06 16.96
CA SER D 736 17.59 -14.44 17.78
C SER D 736 18.34 -15.62 17.21
N GLU D 737 17.71 -16.42 16.35
CA GLU D 737 18.34 -17.56 15.71
C GLU D 737 18.90 -17.23 14.34
N ALA D 738 19.11 -15.94 14.03
CA ALA D 738 19.70 -15.56 12.76
C ALA D 738 21.16 -15.98 12.70
N PRO D 739 21.67 -16.35 11.52
CA PRO D 739 23.10 -16.62 11.41
C PRO D 739 23.94 -15.37 11.58
N GLN D 740 25.13 -15.54 12.15
CA GLN D 740 26.02 -14.43 12.40
C GLN D 740 27.31 -14.56 11.58
N GLU D 757 33.47 -8.10 1.16
CA GLU D 757 34.15 -9.34 1.53
C GLU D 757 33.77 -9.75 2.95
N LEU D 758 34.77 -9.83 3.83
CA LEU D 758 34.51 -10.13 5.24
C LEU D 758 33.80 -8.98 5.92
N ARG D 759 34.02 -7.75 5.45
CA ARG D 759 33.42 -6.57 6.05
C ARG D 759 31.94 -6.43 5.69
N ARG D 760 31.48 -7.16 4.66
CA ARG D 760 30.09 -7.04 4.23
C ARG D 760 29.17 -7.98 5.01
N GLU D 761 29.76 -9.02 5.62
CA GLU D 761 28.97 -10.12 6.18
C GLU D 761 28.14 -9.67 7.37
N LEU D 762 28.66 -8.76 8.19
CA LEU D 762 27.91 -8.28 9.35
C LEU D 762 26.68 -7.50 8.93
N ALA D 763 26.81 -6.64 7.92
CA ALA D 763 25.66 -5.90 7.40
C ALA D 763 24.64 -6.84 6.76
N HIS D 764 25.13 -7.90 6.07
CA HIS D 764 24.22 -8.88 5.51
C HIS D 764 23.44 -9.62 6.60
N CYS D 765 24.12 -9.97 7.69
CA CYS D 765 23.44 -10.63 8.81
C CYS D 765 22.41 -9.71 9.46
N GLN D 766 22.72 -8.42 9.58
CA GLN D 766 21.72 -7.47 10.10
C GLN D 766 20.51 -7.37 9.17
N LYS D 767 20.74 -7.40 7.86
CA LYS D 767 19.63 -7.37 6.89
C LYS D 767 18.73 -8.60 7.04
N VAL D 768 19.34 -9.78 7.15
CA VAL D 768 18.56 -11.03 7.31
C VAL D 768 17.79 -11.02 8.63
N ALA D 769 18.45 -10.54 9.70
CA ALA D 769 17.80 -10.46 11.01
C ALA D 769 16.63 -9.49 10.98
N ARG D 770 16.73 -8.40 10.21
CA ARG D 770 15.63 -7.45 10.15
C ARG D 770 14.47 -7.98 9.31
N GLU D 771 14.76 -8.76 8.26
CA GLU D 771 13.69 -9.43 7.52
C GLU D 771 12.92 -10.40 8.41
N MET D 772 13.64 -11.21 9.20
CA MET D 772 12.95 -12.11 10.13
C MET D 772 12.32 -11.37 11.29
N HIS D 773 12.77 -10.15 11.57
CA HIS D 773 12.09 -9.30 12.54
C HIS D 773 10.74 -8.82 12.02
N SER D 774 10.66 -8.47 10.74
CA SER D 774 9.41 -7.98 10.17
C SER D 774 8.38 -9.09 10.04
N LEU D 775 8.80 -10.24 9.46
CA LEU D 775 7.84 -11.30 9.20
C LEU D 775 7.31 -11.93 10.49
N ARG D 776 8.16 -12.03 11.51
CA ARG D 776 7.71 -12.59 12.78
C ARG D 776 6.75 -11.66 13.49
N ALA D 777 6.91 -10.34 13.31
CA ALA D 777 5.95 -9.40 13.90
C ALA D 777 4.59 -9.50 13.22
N GLU D 778 4.59 -9.69 11.89
CA GLU D 778 3.33 -9.93 11.18
C GLU D 778 2.64 -11.21 11.69
N ALA D 779 3.41 -12.29 11.84
CA ALA D 779 2.86 -13.51 12.40
C ALA D 779 2.44 -13.34 13.86
N LEU D 780 3.13 -12.47 14.59
CA LEU D 780 2.77 -12.20 15.98
C LEU D 780 1.40 -11.56 16.09
N TYR D 781 1.10 -10.61 15.20
CA TYR D 781 -0.26 -10.07 15.15
C TYR D 781 -1.28 -11.14 14.76
N ARG D 782 -0.95 -11.93 13.72
CA ARG D 782 -1.95 -12.86 13.17
C ARG D 782 -2.31 -13.97 14.17
N LEU D 783 -1.30 -14.60 14.78
CA LEU D 783 -1.57 -15.71 15.69
C LEU D 783 -2.16 -15.22 17.01
N SER D 784 -1.83 -14.00 17.43
CA SER D 784 -2.47 -13.44 18.62
C SER D 784 -3.96 -13.18 18.38
N LEU D 785 -4.29 -12.63 17.21
CA LEU D 785 -5.71 -12.42 16.89
C LEU D 785 -6.43 -13.74 16.68
N ALA D 786 -5.72 -14.77 16.19
CA ALA D 786 -6.31 -16.10 16.07
C ALA D 786 -6.55 -16.74 17.43
N GLN D 787 -5.62 -16.57 18.37
CA GLN D 787 -5.80 -17.06 19.74
C GLN D 787 -6.93 -16.33 20.46
N HIS D 788 -7.11 -15.04 20.14
CA HIS D 788 -8.21 -14.28 20.74
C HIS D 788 -9.57 -14.80 20.32
N LEU D 789 -9.68 -15.42 19.14
CA LEU D 789 -10.93 -15.92 18.61
C LEU D 789 -11.03 -17.44 18.65
N ARG D 790 -10.29 -18.09 19.56
CA ARG D 790 -10.16 -19.55 19.52
C ARG D 790 -11.47 -20.26 19.83
N ASP D 791 -12.24 -19.75 20.78
CA ASP D 791 -13.44 -20.43 21.26
C ASP D 791 -14.72 -19.64 21.00
N ARG D 792 -14.70 -18.70 20.07
CA ARG D 792 -15.85 -17.84 19.80
C ARG D 792 -16.17 -17.81 18.31
N VAL D 793 -17.47 -17.82 18.00
CA VAL D 793 -17.95 -17.68 16.63
C VAL D 793 -17.87 -16.21 16.25
N PHE D 794 -17.21 -15.92 15.12
CA PHE D 794 -17.00 -14.55 14.68
C PHE D 794 -17.37 -14.41 13.22
N TRP D 795 -17.50 -13.16 12.78
CA TRP D 795 -17.94 -12.81 11.43
C TRP D 795 -16.91 -11.90 10.79
N LEU D 796 -16.69 -12.09 9.49
CA LEU D 796 -15.80 -11.22 8.73
C LEU D 796 -16.63 -10.31 7.84
N PRO D 797 -16.74 -9.03 8.18
CA PRO D 797 -17.45 -8.09 7.31
C PRO D 797 -16.67 -7.86 6.03
N HIS D 798 -17.37 -7.55 4.95
CA HIS D 798 -16.79 -7.51 3.63
C HIS D 798 -17.05 -6.17 2.94
N ASN D 799 -16.04 -5.68 2.22
CA ASN D 799 -16.13 -4.49 1.38
C ASN D 799 -15.72 -4.87 -0.03
N MET D 800 -15.76 -3.89 -0.93
CA MET D 800 -15.28 -4.03 -2.29
C MET D 800 -14.17 -3.01 -2.56
N ASP D 801 -13.45 -3.25 -3.65
CA ASP D 801 -12.64 -2.22 -4.27
C ASP D 801 -13.48 -1.45 -5.28
N PHE D 802 -12.84 -0.54 -6.01
CA PHE D 802 -13.55 0.33 -6.95
C PHE D 802 -14.11 -0.44 -8.15
N ARG D 803 -13.48 -1.55 -8.50
CA ARG D 803 -13.91 -2.45 -9.56
C ARG D 803 -14.57 -3.74 -9.08
N GLY D 804 -14.94 -3.83 -7.80
CA GLY D 804 -15.99 -4.73 -7.35
C GLY D 804 -15.52 -5.96 -6.60
N ARG D 805 -14.22 -6.30 -6.63
CA ARG D 805 -13.77 -7.51 -5.95
C ARG D 805 -13.88 -7.36 -4.44
N THR D 806 -14.28 -8.45 -3.78
CA THR D 806 -14.70 -8.43 -2.39
C THR D 806 -13.59 -8.87 -1.46
N TYR D 807 -13.36 -8.11 -0.39
CA TYR D 807 -12.34 -8.41 0.60
C TYR D 807 -12.93 -8.33 2.00
N PRO D 808 -12.50 -9.19 2.92
CA PRO D 808 -12.88 -9.03 4.32
C PRO D 808 -12.22 -7.82 4.94
N CYS D 809 -13.00 -7.05 5.72
CA CYS D 809 -12.49 -5.84 6.34
C CYS D 809 -11.37 -6.03 7.35
N PRO D 810 -11.40 -7.01 8.27
CA PRO D 810 -10.23 -7.22 9.15
C PRO D 810 -9.01 -7.67 8.36
N PRO D 811 -7.89 -6.96 8.49
CA PRO D 811 -6.73 -7.23 7.63
C PRO D 811 -5.81 -8.33 8.12
N HIS D 812 -5.80 -8.60 9.43
CA HIS D 812 -4.80 -9.51 9.99
C HIS D 812 -5.19 -10.98 9.80
N PHE D 813 -6.32 -11.38 10.39
CA PHE D 813 -6.75 -12.77 10.38
C PHE D 813 -7.99 -12.88 9.51
N ASN D 814 -7.84 -13.47 8.34
CA ASN D 814 -8.95 -13.65 7.40
C ASN D 814 -8.62 -14.84 6.49
N HIS D 815 -9.57 -15.16 5.62
CA HIS D 815 -9.44 -16.32 4.74
C HIS D 815 -8.83 -15.98 3.38
N LEU D 816 -8.39 -14.73 3.19
CA LEU D 816 -7.66 -14.34 1.99
C LEU D 816 -6.16 -14.26 2.23
N GLY D 817 -5.68 -14.82 3.34
CA GLY D 817 -4.28 -14.71 3.69
C GLY D 817 -3.47 -15.93 3.30
N SER D 818 -2.42 -16.21 4.07
CA SER D 818 -1.50 -17.28 3.75
C SER D 818 -2.11 -18.65 4.04
N ASP D 819 -1.31 -19.70 3.82
CA ASP D 819 -1.77 -21.06 3.99
C ASP D 819 -2.15 -21.37 5.44
N VAL D 820 -1.38 -20.81 6.39
CA VAL D 820 -1.68 -21.00 7.81
C VAL D 820 -3.04 -20.40 8.16
N ALA D 821 -3.29 -19.18 7.67
CA ALA D 821 -4.53 -18.47 8.00
C ALA D 821 -5.76 -19.19 7.43
N ARG D 822 -5.64 -19.73 6.22
CA ARG D 822 -6.73 -20.53 5.67
C ARG D 822 -6.88 -21.86 6.41
N ALA D 823 -5.79 -22.39 6.95
CA ALA D 823 -5.88 -23.63 7.71
C ALA D 823 -6.56 -23.43 9.05
N LEU D 824 -6.38 -22.26 9.68
CA LEU D 824 -7.01 -22.02 10.98
C LEU D 824 -8.52 -21.87 10.87
N LEU D 825 -9.03 -21.48 9.71
CA LEU D 825 -10.44 -21.15 9.56
C LEU D 825 -11.26 -22.32 9.06
N GLU D 826 -12.45 -22.48 9.64
CA GLU D 826 -13.47 -23.37 9.11
C GLU D 826 -14.83 -22.75 9.35
N PHE D 827 -15.86 -23.37 8.77
CA PHE D 827 -17.22 -22.91 8.95
C PHE D 827 -17.70 -23.23 10.35
N ALA D 828 -18.48 -22.32 10.93
CA ALA D 828 -19.04 -22.54 12.26
C ALA D 828 -20.29 -23.40 12.25
N GLN D 829 -20.92 -23.58 11.10
CA GLN D 829 -22.08 -24.45 10.96
C GLN D 829 -21.72 -25.57 10.00
N GLY D 830 -22.03 -26.80 10.39
CA GLY D 830 -21.64 -27.95 9.60
C GLY D 830 -22.79 -28.66 8.91
N ARG D 831 -22.47 -29.49 7.92
CA ARG D 831 -23.47 -30.22 7.16
C ARG D 831 -23.10 -31.70 7.13
N PRO D 832 -24.09 -32.59 7.20
CA PRO D 832 -23.81 -34.03 7.02
C PRO D 832 -23.31 -34.30 5.61
N LEU D 833 -22.33 -35.21 5.52
CA LEU D 833 -21.60 -35.42 4.26
C LEU D 833 -22.51 -35.98 3.17
N GLY D 834 -23.39 -36.90 3.51
CA GLY D 834 -24.31 -37.45 2.53
C GLY D 834 -23.69 -38.56 1.70
N PRO D 835 -24.39 -38.95 0.63
CA PRO D 835 -23.92 -40.10 -0.16
C PRO D 835 -22.60 -39.88 -0.89
N HIS D 836 -22.32 -38.66 -1.35
CA HIS D 836 -21.10 -38.40 -2.11
C HIS D 836 -20.42 -37.13 -1.60
N GLY D 837 -20.24 -37.06 -0.28
CA GLY D 837 -19.55 -35.94 0.33
C GLY D 837 -18.12 -36.25 0.70
N LEU D 838 -17.85 -37.51 1.07
CA LEU D 838 -16.49 -37.94 1.37
C LEU D 838 -15.60 -37.92 0.14
N ASP D 839 -16.19 -38.19 -1.04
CA ASP D 839 -15.44 -38.13 -2.28
C ASP D 839 -14.96 -36.71 -2.56
N TRP D 840 -15.78 -35.72 -2.24
CA TRP D 840 -15.38 -34.34 -2.45
C TRP D 840 -14.26 -33.93 -1.49
N LEU D 841 -14.30 -34.46 -0.27
CA LEU D 841 -13.21 -34.23 0.68
C LEU D 841 -11.91 -34.85 0.18
N LYS D 842 -11.97 -36.07 -0.38
CA LYS D 842 -10.77 -36.72 -0.91
C LYS D 842 -10.22 -35.97 -2.11
N ILE D 843 -11.10 -35.52 -3.02
CA ILE D 843 -10.67 -34.75 -4.19
C ILE D 843 -10.05 -33.42 -3.76
N HIS D 844 -10.66 -32.76 -2.76
CA HIS D 844 -10.10 -31.52 -2.23
C HIS D 844 -8.73 -31.75 -1.61
N LEU D 845 -8.54 -32.88 -0.92
CA LEU D 845 -7.24 -33.18 -0.33
C LEU D 845 -6.18 -33.42 -1.40
N VAL D 846 -6.52 -34.15 -2.46
CA VAL D 846 -5.58 -34.36 -3.56
C VAL D 846 -5.27 -33.04 -4.26
N ASN D 847 -6.25 -32.14 -4.35
CA ASN D 847 -6.00 -30.80 -4.89
C ASN D 847 -5.05 -30.00 -4.00
N LEU D 848 -5.20 -30.12 -2.67
CA LEU D 848 -4.30 -29.41 -1.77
C LEU D 848 -2.91 -30.02 -1.69
N THR D 849 -2.74 -31.29 -2.07
CA THR D 849 -1.39 -31.85 -2.14
C THR D 849 -0.56 -31.24 -3.26
N GLY D 850 -1.19 -30.70 -4.30
CA GLY D 850 -0.47 -30.23 -5.46
C GLY D 850 -0.08 -31.32 -6.42
N LEU D 851 -0.39 -32.57 -6.11
CA LEU D 851 -0.13 -33.72 -6.96
C LEU D 851 -1.42 -34.13 -7.64
N LYS D 852 -1.27 -34.88 -8.74
CA LYS D 852 -2.39 -35.36 -9.57
C LYS D 852 -3.26 -34.20 -10.07
N LYS D 853 -2.61 -33.09 -10.43
CA LYS D 853 -3.33 -31.92 -10.89
C LYS D 853 -3.91 -32.12 -12.29
N ARG D 854 -3.20 -32.85 -13.15
CA ARG D 854 -3.64 -33.09 -14.52
C ARG D 854 -4.54 -34.31 -14.65
N GLU D 855 -4.90 -34.94 -13.54
CA GLU D 855 -5.61 -36.20 -13.59
C GLU D 855 -7.11 -36.01 -13.33
N PRO D 856 -7.96 -36.88 -13.88
CA PRO D 856 -9.40 -36.76 -13.66
C PRO D 856 -9.81 -37.05 -12.23
N LEU D 857 -11.10 -36.84 -11.97
CA LEU D 857 -11.64 -36.94 -10.62
C LEU D 857 -11.56 -38.37 -10.08
N ARG D 858 -11.81 -39.36 -10.93
CA ARG D 858 -11.70 -40.75 -10.50
C ARG D 858 -10.26 -41.12 -10.20
N LYS D 859 -9.31 -40.55 -10.96
CA LYS D 859 -7.90 -40.79 -10.67
C LYS D 859 -7.48 -40.14 -9.36
N ARG D 860 -7.99 -38.94 -9.08
CA ARG D 860 -7.70 -38.29 -7.80
C ARG D 860 -8.30 -39.07 -6.63
N LEU D 861 -9.51 -39.59 -6.80
CA LEU D 861 -10.14 -40.38 -5.75
C LEU D 861 -9.39 -41.69 -5.52
N ALA D 862 -8.94 -42.34 -6.61
CA ALA D 862 -8.15 -43.55 -6.47
C ALA D 862 -6.81 -43.27 -5.83
N PHE D 863 -6.20 -42.12 -6.15
CA PHE D 863 -4.95 -41.72 -5.52
C PHE D 863 -5.14 -41.48 -4.03
N ALA D 864 -6.25 -40.85 -3.65
CA ALA D 864 -6.56 -40.66 -2.24
C ALA D 864 -6.76 -42.00 -1.53
N GLU D 865 -7.33 -42.98 -2.24
CA GLU D 865 -7.41 -44.32 -1.68
C GLU D 865 -6.05 -44.99 -1.58
N GLU D 866 -5.11 -44.62 -2.46
CA GLU D 866 -3.77 -45.20 -2.38
C GLU D 866 -2.94 -44.63 -1.24
N VAL D 867 -3.15 -43.36 -0.88
CA VAL D 867 -2.34 -42.73 0.15
C VAL D 867 -3.14 -42.60 1.44
N MET D 868 -4.11 -43.49 1.64
CA MET D 868 -5.00 -43.44 2.80
C MET D 868 -4.22 -43.59 4.10
N ASP D 869 -3.24 -44.50 4.13
CA ASP D 869 -2.41 -44.67 5.31
C ASP D 869 -1.57 -43.43 5.58
N ASP D 870 -1.05 -42.80 4.52
CA ASP D 870 -0.32 -41.55 4.69
C ASP D 870 -1.23 -40.43 5.18
N ILE D 871 -2.48 -40.44 4.73
CA ILE D 871 -3.47 -39.46 5.21
C ILE D 871 -3.70 -39.61 6.70
N LEU D 872 -3.90 -40.85 7.16
CA LEU D 872 -4.12 -41.09 8.58
C LEU D 872 -2.88 -40.84 9.41
N ASP D 873 -1.69 -41.09 8.84
CA ASP D 873 -0.45 -40.81 9.57
C ASP D 873 -0.21 -39.31 9.68
N SER D 874 -0.56 -38.55 8.65
CA SER D 874 -0.45 -37.10 8.72
C SER D 874 -1.43 -36.52 9.72
N ALA D 875 -2.66 -37.05 9.75
CA ALA D 875 -3.66 -36.53 10.68
C ALA D 875 -3.35 -36.89 12.12
N ASP D 876 -3.01 -38.16 12.38
CA ASP D 876 -2.78 -38.61 13.75
C ASP D 876 -1.45 -38.11 14.28
N GLN D 877 -0.41 -38.12 13.45
CA GLN D 877 0.94 -37.72 13.85
C GLN D 877 1.41 -36.62 12.91
N PRO D 878 1.09 -35.36 13.20
CA PRO D 878 1.48 -34.28 12.28
C PRO D 878 2.97 -33.97 12.31
N LEU D 879 3.60 -33.96 13.48
CA LEU D 879 5.00 -33.60 13.60
C LEU D 879 5.89 -34.75 14.04
N THR D 880 5.32 -35.86 14.49
CA THR D 880 6.08 -37.00 14.97
C THR D 880 5.92 -38.23 14.09
N GLY D 881 5.47 -38.04 12.84
CA GLY D 881 5.23 -39.17 11.96
C GLY D 881 6.09 -39.14 10.71
N ARG D 882 5.56 -39.68 9.62
CA ARG D 882 6.29 -39.72 8.35
C ARG D 882 6.31 -38.38 7.63
N LYS D 883 5.55 -37.39 8.13
CA LYS D 883 5.59 -36.00 7.65
C LYS D 883 5.22 -35.89 6.18
N TRP D 884 4.18 -36.62 5.78
CA TRP D 884 3.73 -36.59 4.39
C TRP D 884 3.11 -35.24 4.03
N TRP D 885 2.42 -34.62 4.99
CA TRP D 885 1.73 -33.36 4.75
C TRP D 885 2.67 -32.19 4.53
N MET D 886 3.93 -32.30 4.97
CA MET D 886 4.87 -31.20 4.77
C MET D 886 5.29 -31.07 3.32
N GLY D 887 5.27 -32.17 2.57
CA GLY D 887 5.65 -32.15 1.17
C GLY D 887 4.59 -31.59 0.24
N ALA D 888 3.39 -31.33 0.75
CA ALA D 888 2.33 -30.77 -0.07
C ALA D 888 2.63 -29.32 -0.43
N GLU D 889 2.04 -28.86 -1.53
CA GLU D 889 2.22 -27.47 -1.97
C GLU D 889 1.57 -26.51 -0.99
N GLU D 890 0.44 -26.89 -0.39
CA GLU D 890 -0.23 -26.11 0.65
C GLU D 890 -0.29 -27.00 1.88
N PRO D 891 0.77 -27.00 2.73
CA PRO D 891 0.91 -28.02 3.77
C PRO D 891 -0.12 -27.99 4.89
N TRP D 892 -0.38 -26.82 5.47
CA TRP D 892 -1.28 -26.75 6.61
C TRP D 892 -2.73 -27.00 6.21
N GLN D 893 -3.13 -26.50 5.04
CA GLN D 893 -4.46 -26.79 4.51
C GLN D 893 -4.61 -28.28 4.24
N THR D 894 -3.57 -28.90 3.70
CA THR D 894 -3.55 -30.35 3.49
C THR D 894 -3.67 -31.10 4.82
N LEU D 895 -3.00 -30.62 5.86
CA LEU D 895 -3.06 -31.27 7.16
C LEU D 895 -4.45 -31.16 7.78
N ALA D 896 -5.07 -29.99 7.67
CA ALA D 896 -6.43 -29.82 8.16
C ALA D 896 -7.42 -30.71 7.42
N CYS D 897 -7.25 -30.83 6.10
CA CYS D 897 -8.13 -31.69 5.33
C CYS D 897 -7.87 -33.16 5.63
N CYS D 898 -6.62 -33.54 5.92
CA CYS D 898 -6.33 -34.90 6.36
C CYS D 898 -7.00 -35.21 7.69
N MET D 899 -7.01 -34.25 8.62
CA MET D 899 -7.72 -34.43 9.88
C MET D 899 -9.22 -34.61 9.65
N GLU D 900 -9.78 -33.81 8.73
CA GLU D 900 -11.21 -33.92 8.44
C GLU D 900 -11.57 -35.27 7.82
N VAL D 901 -10.74 -35.75 6.88
CA VAL D 901 -10.98 -37.05 6.26
C VAL D 901 -10.78 -38.17 7.29
N ALA D 902 -9.81 -38.02 8.19
CA ALA D 902 -9.59 -39.03 9.22
C ALA D 902 -10.76 -39.15 10.18
N ASN D 903 -11.34 -38.01 10.58
CA ASN D 903 -12.54 -38.07 11.41
C ASN D 903 -13.75 -38.56 10.63
N ALA D 904 -13.81 -38.29 9.32
CA ALA D 904 -14.98 -38.68 8.54
C ALA D 904 -15.01 -40.18 8.26
N VAL D 905 -13.86 -40.76 7.90
CA VAL D 905 -13.82 -42.18 7.57
C VAL D 905 -14.00 -43.04 8.82
N ARG D 906 -13.41 -42.65 9.95
CA ARG D 906 -13.53 -43.42 11.18
C ARG D 906 -14.89 -43.30 11.84
N ALA D 907 -15.78 -42.46 11.32
CA ALA D 907 -17.14 -42.40 11.83
C ALA D 907 -17.91 -43.66 11.48
N SER D 908 -18.95 -43.95 12.27
CA SER D 908 -19.76 -45.14 12.04
C SER D 908 -20.55 -45.01 10.74
N ASP D 909 -21.22 -43.89 10.54
CA ASP D 909 -21.92 -43.61 9.29
C ASP D 909 -21.20 -42.46 8.61
N PRO D 910 -20.50 -42.71 7.49
CA PRO D 910 -19.80 -41.61 6.80
C PRO D 910 -20.71 -40.52 6.28
N ALA D 911 -21.94 -40.86 5.90
CA ALA D 911 -22.87 -39.85 5.42
C ALA D 911 -23.39 -38.97 6.54
N ALA D 912 -23.43 -39.49 7.76
CA ALA D 912 -23.97 -38.75 8.90
C ALA D 912 -22.94 -37.89 9.61
N TYR D 913 -21.69 -37.88 9.16
CA TYR D 913 -20.69 -37.03 9.77
C TYR D 913 -20.91 -35.57 9.37
N VAL D 914 -21.05 -34.72 10.38
CA VAL D 914 -21.27 -33.28 10.17
C VAL D 914 -19.91 -32.65 9.90
N SER D 915 -19.75 -32.08 8.71
CA SER D 915 -18.47 -31.56 8.26
C SER D 915 -18.50 -30.04 8.22
N HIS D 916 -17.48 -29.42 8.81
CA HIS D 916 -17.36 -27.98 8.85
C HIS D 916 -16.26 -27.44 7.94
N LEU D 917 -15.52 -28.33 7.28
CA LEU D 917 -14.39 -27.90 6.47
C LEU D 917 -14.89 -27.29 5.16
N PRO D 918 -14.32 -26.16 4.73
CA PRO D 918 -14.69 -25.58 3.43
C PRO D 918 -13.94 -26.28 2.30
N VAL D 919 -14.71 -26.80 1.34
CA VAL D 919 -14.17 -27.39 0.13
C VAL D 919 -14.19 -26.33 -0.95
N HIS D 920 -13.07 -26.21 -1.68
CA HIS D 920 -12.80 -25.11 -2.59
C HIS D 920 -12.93 -25.60 -4.03
N GLN D 921 -13.59 -24.80 -4.86
CA GLN D 921 -13.62 -25.00 -6.30
C GLN D 921 -13.01 -23.78 -6.94
N ASP D 922 -11.97 -23.99 -7.75
CA ASP D 922 -11.13 -22.92 -8.28
C ASP D 922 -11.18 -22.92 -9.79
N GLY D 923 -11.14 -21.72 -10.38
CA GLY D 923 -11.16 -21.62 -11.83
C GLY D 923 -9.78 -21.86 -12.43
N SER D 924 -9.77 -22.50 -13.59
CA SER D 924 -8.55 -22.77 -14.34
C SER D 924 -8.43 -21.72 -15.45
N CYS D 925 -7.48 -20.80 -15.28
CA CYS D 925 -7.29 -19.65 -16.17
C CYS D 925 -8.59 -18.84 -16.28
N ASN D 926 -9.00 -18.28 -15.14
CA ASN D 926 -10.35 -17.74 -15.03
C ASN D 926 -10.51 -16.43 -15.78
N GLY D 927 -9.45 -15.63 -15.84
CA GLY D 927 -9.45 -14.49 -16.75
C GLY D 927 -9.55 -14.93 -18.20
N LEU D 928 -8.84 -16.00 -18.54
CA LEU D 928 -8.97 -16.60 -19.87
C LEU D 928 -10.31 -17.28 -20.05
N GLN D 929 -10.89 -17.81 -18.97
CA GLN D 929 -12.24 -18.35 -19.02
C GLN D 929 -13.24 -17.28 -19.42
N HIS D 930 -13.12 -16.09 -18.81
CA HIS D 930 -13.99 -14.98 -19.16
C HIS D 930 -13.69 -14.44 -20.55
N TYR D 931 -12.42 -14.39 -20.95
CA TYR D 931 -12.08 -13.96 -22.30
C TYR D 931 -12.67 -14.89 -23.35
N ALA D 932 -12.65 -16.20 -23.10
CA ALA D 932 -13.28 -17.14 -24.02
C ALA D 932 -14.80 -17.07 -23.93
N ALA D 933 -15.34 -16.66 -22.78
CA ALA D 933 -16.80 -16.52 -22.66
C ALA D 933 -17.32 -15.31 -23.43
N LEU D 934 -16.62 -14.18 -23.34
CA LEU D 934 -17.00 -13.01 -24.14
C LEU D 934 -16.70 -13.21 -25.61
N GLY D 935 -15.57 -13.83 -25.93
CA GLY D 935 -15.21 -14.02 -27.32
C GLY D 935 -16.01 -15.09 -28.03
N ARG D 936 -16.64 -16.01 -27.28
CA ARG D 936 -17.35 -17.17 -27.80
C ARG D 936 -16.47 -18.02 -28.71
N ASP D 937 -15.19 -18.13 -28.37
CA ASP D 937 -14.25 -18.90 -29.17
C ASP D 937 -14.46 -20.40 -28.95
N SER D 938 -13.92 -21.20 -29.87
CA SER D 938 -14.05 -22.64 -29.78
C SER D 938 -12.75 -23.34 -29.39
N VAL D 939 -11.61 -22.70 -29.56
CA VAL D 939 -10.31 -23.29 -29.25
C VAL D 939 -9.85 -22.91 -27.84
N GLY D 940 -9.86 -21.62 -27.54
CA GLY D 940 -9.49 -21.17 -26.20
C GLY D 940 -10.45 -21.66 -25.14
N ALA D 941 -11.75 -21.71 -25.47
CA ALA D 941 -12.74 -22.21 -24.53
C ALA D 941 -12.53 -23.69 -24.24
N ALA D 942 -12.14 -24.47 -25.25
CA ALA D 942 -11.73 -25.85 -25.00
C ALA D 942 -10.47 -25.91 -24.16
N SER D 943 -9.57 -24.94 -24.34
CA SER D 943 -8.33 -24.93 -23.57
C SER D 943 -8.56 -24.59 -22.10
N VAL D 944 -9.53 -23.71 -21.82
CA VAL D 944 -9.82 -23.30 -20.45
C VAL D 944 -11.05 -24.02 -19.88
N ASN D 945 -11.38 -25.18 -20.44
CA ASN D 945 -12.38 -26.13 -19.92
C ASN D 945 -13.79 -25.56 -19.95
N LEU D 946 -14.13 -24.77 -20.97
CA LEU D 946 -15.51 -24.41 -21.21
C LEU D 946 -16.22 -25.44 -22.09
N GLU D 947 -15.49 -26.41 -22.63
CA GLU D 947 -16.03 -27.54 -23.35
C GLU D 947 -15.84 -28.79 -22.51
N PRO D 948 -16.84 -29.67 -22.41
CA PRO D 948 -16.68 -30.88 -21.59
C PRO D 948 -15.58 -31.80 -22.11
N SER D 949 -14.81 -32.35 -21.17
CA SER D 949 -13.69 -33.21 -21.49
C SER D 949 -13.50 -34.19 -20.35
N ASP D 950 -12.86 -35.32 -20.67
CA ASP D 950 -12.61 -36.34 -19.66
C ASP D 950 -11.47 -35.95 -18.73
N VAL D 951 -10.45 -35.28 -19.27
CA VAL D 951 -9.30 -34.85 -18.48
C VAL D 951 -9.29 -33.33 -18.40
N PRO D 952 -8.73 -32.74 -17.34
CA PRO D 952 -8.59 -31.29 -17.29
C PRO D 952 -7.55 -30.81 -18.30
N GLN D 953 -7.72 -29.58 -18.75
CA GLN D 953 -6.86 -28.96 -19.74
C GLN D 953 -6.19 -27.74 -19.12
N ASP D 954 -4.87 -27.66 -19.26
CA ASP D 954 -4.09 -26.55 -18.71
C ASP D 954 -3.20 -25.99 -19.80
N VAL D 955 -3.27 -24.66 -20.00
CA VAL D 955 -2.42 -24.02 -20.99
C VAL D 955 -1.03 -23.73 -20.41
N TYR D 956 -0.93 -23.64 -19.08
CA TYR D 956 0.33 -23.31 -18.43
C TYR D 956 1.36 -24.42 -18.67
N SER D 957 0.93 -25.67 -18.55
CA SER D 957 1.83 -26.80 -18.77
C SER D 957 2.17 -26.95 -20.25
N GLY D 958 1.26 -26.57 -21.15
CA GLY D 958 1.57 -26.59 -22.56
C GLY D 958 2.65 -25.59 -22.93
N VAL D 959 2.54 -24.37 -22.40
CA VAL D 959 3.60 -23.38 -22.60
C VAL D 959 4.90 -23.83 -21.94
N ALA D 960 4.80 -24.48 -20.77
CA ALA D 960 5.98 -25.00 -20.11
C ALA D 960 6.67 -26.09 -20.94
N ALA D 961 5.88 -26.95 -21.58
CA ALA D 961 6.45 -27.98 -22.45
C ALA D 961 7.12 -27.37 -23.68
N GLN D 962 6.50 -26.34 -24.27
CA GLN D 962 7.11 -25.66 -25.40
C GLN D 962 8.43 -24.99 -25.02
N VAL D 963 8.45 -24.33 -23.85
CA VAL D 963 9.68 -23.69 -23.39
C VAL D 963 10.74 -24.74 -23.06
N GLU D 964 10.33 -25.89 -22.53
CA GLU D 964 11.29 -26.94 -22.20
C GLU D 964 11.88 -27.58 -23.44
N VAL D 965 11.10 -27.78 -24.50
CA VAL D 965 11.68 -28.34 -25.73
C VAL D 965 12.57 -27.31 -26.41
N PHE D 966 12.22 -26.02 -26.31
CA PHE D 966 13.13 -24.97 -26.78
C PHE D 966 14.44 -24.96 -25.98
N ARG D 967 14.35 -25.20 -24.67
CA ARG D 967 15.53 -25.29 -23.83
C ARG D 967 16.39 -26.48 -24.21
N ARG D 968 15.75 -27.61 -24.55
CA ARG D 968 16.52 -28.78 -24.99
C ARG D 968 17.24 -28.52 -26.30
N GLN D 969 16.58 -27.82 -27.25
CA GLN D 969 17.25 -27.45 -28.50
C GLN D 969 18.40 -26.50 -28.25
N ASP D 970 18.25 -25.56 -27.32
CA ASP D 970 19.32 -24.62 -27.05
C ASP D 970 20.46 -25.25 -26.22
N ALA D 971 20.15 -26.28 -25.42
CA ALA D 971 21.19 -27.01 -24.73
C ALA D 971 21.95 -27.94 -25.66
N GLN D 972 21.30 -28.38 -26.74
CA GLN D 972 22.00 -29.16 -27.76
C GLN D 972 23.10 -28.32 -28.43
N ARG D 973 22.82 -27.04 -28.67
CA ARG D 973 23.79 -26.15 -29.29
C ARG D 973 24.91 -25.73 -28.33
N GLY D 974 24.77 -26.02 -27.04
CA GLY D 974 25.79 -25.67 -26.07
C GLY D 974 25.60 -24.34 -25.37
N MET D 975 24.42 -23.73 -25.46
CA MET D 975 24.16 -22.47 -24.77
C MET D 975 24.11 -22.71 -23.26
N ARG D 976 24.74 -21.82 -22.51
CA ARG D 976 25.02 -22.08 -21.10
C ARG D 976 23.75 -22.00 -20.25
N VAL D 977 22.82 -21.11 -20.61
CA VAL D 977 21.63 -20.88 -19.80
C VAL D 977 20.71 -22.10 -19.82
N ALA D 978 20.63 -22.78 -20.96
CA ALA D 978 19.82 -24.00 -21.04
C ALA D 978 20.40 -25.12 -20.19
N GLN D 979 21.73 -25.22 -20.17
CA GLN D 979 22.40 -26.22 -19.35
C GLN D 979 22.23 -25.91 -17.86
N VAL D 980 22.18 -24.62 -17.51
CA VAL D 980 21.92 -24.26 -16.12
C VAL D 980 20.48 -24.57 -15.74
N LEU D 981 19.54 -24.31 -16.65
CA LEU D 981 18.12 -24.46 -16.32
C LEU D 981 17.73 -25.93 -16.22
N GLU D 982 17.90 -26.69 -17.30
CA GLU D 982 17.49 -28.09 -17.41
C GLU D 982 16.02 -28.32 -17.06
N GLY D 983 15.76 -29.03 -15.97
CA GLY D 983 14.42 -29.35 -15.55
C GLY D 983 13.74 -28.32 -14.67
N PHE D 984 14.35 -27.16 -14.47
CA PHE D 984 13.79 -26.15 -13.57
C PHE D 984 12.59 -25.43 -14.14
N ILE D 985 12.37 -25.49 -15.47
CA ILE D 985 11.19 -24.85 -16.04
C ILE D 985 9.98 -25.73 -15.75
N THR D 986 9.14 -25.28 -14.83
CA THR D 986 7.93 -25.98 -14.43
C THR D 986 6.73 -25.10 -14.76
N ARG D 987 5.55 -25.53 -14.29
CA ARG D 987 4.33 -24.76 -14.48
C ARG D 987 4.36 -23.47 -13.69
N LYS D 988 5.02 -23.48 -12.53
CA LYS D 988 4.91 -22.37 -11.58
C LYS D 988 5.69 -21.14 -12.06
N VAL D 989 6.86 -21.34 -12.66
CA VAL D 989 7.68 -20.21 -13.09
C VAL D 989 7.08 -19.52 -14.31
N VAL D 990 6.23 -20.23 -15.06
CA VAL D 990 5.66 -19.73 -16.31
C VAL D 990 4.20 -19.30 -16.11
N LYS D 991 3.58 -19.68 -14.98
CA LYS D 991 2.15 -19.50 -14.75
C LYS D 991 1.74 -18.03 -14.77
N GLN D 992 2.41 -17.19 -13.98
CA GLN D 992 1.99 -15.80 -13.84
C GLN D 992 2.21 -15.02 -15.12
N THR D 993 3.29 -15.33 -15.83
CA THR D 993 3.56 -14.64 -17.10
C THR D 993 2.53 -15.02 -18.17
N VAL D 994 2.18 -16.31 -18.27
CA VAL D 994 1.15 -16.71 -19.24
C VAL D 994 -0.21 -16.15 -18.84
N MET D 995 -0.47 -16.09 -17.53
CA MET D 995 -1.69 -15.47 -16.99
C MET D 995 -1.74 -13.98 -17.32
N THR D 996 -0.58 -13.35 -17.44
CA THR D 996 -0.49 -11.90 -17.48
C THR D 996 -0.38 -11.34 -18.90
N VAL D 997 0.21 -12.11 -19.84
CA VAL D 997 0.38 -11.68 -21.24
C VAL D 997 -0.94 -11.29 -21.90
N VAL D 998 -2.06 -11.87 -21.47
CA VAL D 998 -3.34 -11.49 -22.03
C VAL D 998 -3.85 -10.16 -21.45
N TYR D 999 -3.08 -9.52 -20.57
CA TYR D 999 -3.25 -8.11 -20.26
C TYR D 999 -2.09 -7.32 -20.86
N GLY D 1000 -2.15 -5.99 -20.71
CA GLY D 1000 -1.16 -5.13 -21.32
C GLY D 1000 0.18 -5.11 -20.61
N VAL D 1001 0.88 -6.24 -20.58
CA VAL D 1001 2.16 -6.34 -19.90
C VAL D 1001 3.29 -6.05 -20.87
N THR D 1002 4.39 -5.52 -20.34
CA THR D 1002 5.64 -5.40 -21.06
C THR D 1002 6.54 -6.59 -20.74
N ARG D 1003 7.70 -6.63 -21.40
CA ARG D 1003 8.65 -7.70 -21.14
C ARG D 1003 9.41 -7.48 -19.84
N TYR D 1004 9.46 -6.24 -19.36
CA TYR D 1004 10.09 -5.95 -18.07
C TYR D 1004 9.28 -6.54 -16.92
N GLY D 1005 7.95 -6.47 -17.03
CA GLY D 1005 7.10 -7.07 -16.02
C GLY D 1005 7.23 -8.58 -15.97
N GLY D 1006 7.24 -9.23 -17.13
CA GLY D 1006 7.50 -10.66 -17.18
C GLY D 1006 8.90 -11.03 -16.72
N ARG D 1007 9.86 -10.15 -16.98
CA ARG D 1007 11.23 -10.33 -16.48
C ARG D 1007 11.25 -10.41 -14.96
N LEU D 1008 10.65 -9.42 -14.29
CA LEU D 1008 10.60 -9.45 -12.84
C LEU D 1008 9.76 -10.60 -12.32
N GLN D 1009 8.69 -10.94 -13.07
CA GLN D 1009 7.79 -12.03 -12.68
C GLN D 1009 8.50 -13.37 -12.62
N ILE D 1010 9.31 -13.67 -13.64
CA ILE D 1010 10.03 -14.95 -13.59
C ILE D 1010 11.33 -14.85 -12.79
N GLU D 1011 11.88 -13.64 -12.63
CA GLU D 1011 13.07 -13.49 -11.80
C GLU D 1011 12.77 -13.78 -10.34
N LYS D 1012 11.60 -13.35 -9.86
CA LYS D 1012 11.22 -13.67 -8.49
C LYS D 1012 11.02 -15.17 -8.29
N ARG D 1013 10.41 -15.85 -9.27
CA ARG D 1013 10.16 -17.28 -9.17
C ARG D 1013 11.46 -18.07 -9.24
N LEU D 1014 12.42 -17.62 -10.04
CA LEU D 1014 13.73 -18.27 -10.05
C LEU D 1014 14.53 -17.95 -8.79
N ARG D 1015 14.30 -16.79 -8.19
CA ARG D 1015 15.02 -16.43 -6.98
C ARG D 1015 14.52 -17.18 -5.77
N GLU D 1016 13.22 -17.52 -5.71
CA GLU D 1016 12.73 -18.29 -4.58
C GLU D 1016 13.12 -19.76 -4.64
N LEU D 1017 13.65 -20.24 -5.76
CA LEU D 1017 14.10 -21.62 -5.87
C LEU D 1017 15.45 -21.77 -5.18
N SER D 1018 15.52 -22.72 -4.24
CA SER D 1018 16.77 -22.93 -3.50
C SER D 1018 17.81 -23.68 -4.31
N ASP D 1019 17.38 -24.64 -5.13
CA ASP D 1019 18.32 -25.48 -5.86
C ASP D 1019 18.94 -24.77 -7.06
N PHE D 1020 18.35 -23.67 -7.50
CA PHE D 1020 18.90 -22.92 -8.62
C PHE D 1020 20.17 -22.18 -8.22
N PRO D 1021 21.21 -22.19 -9.05
CA PRO D 1021 22.36 -21.33 -8.79
C PRO D 1021 21.97 -19.86 -8.89
N GLN D 1022 22.26 -19.10 -7.84
CA GLN D 1022 21.74 -17.75 -7.69
C GLN D 1022 22.53 -16.71 -8.47
N GLU D 1023 23.65 -17.07 -9.07
CA GLU D 1023 24.39 -16.14 -9.92
C GLU D 1023 23.82 -16.07 -11.32
N PHE D 1024 22.93 -16.99 -11.69
CA PHE D 1024 22.39 -17.11 -13.03
C PHE D 1024 20.96 -16.60 -13.14
N VAL D 1025 20.47 -15.88 -12.14
CA VAL D 1025 19.05 -15.52 -12.08
C VAL D 1025 18.69 -14.54 -13.19
N TRP D 1026 19.51 -13.52 -13.40
CA TRP D 1026 19.25 -12.47 -14.37
C TRP D 1026 19.21 -12.99 -15.82
N GLU D 1027 20.25 -13.72 -16.22
CA GLU D 1027 20.34 -14.14 -17.61
C GLU D 1027 19.35 -15.26 -17.92
N ALA D 1028 19.09 -16.14 -16.95
CA ALA D 1028 18.06 -17.15 -17.14
C ALA D 1028 16.67 -16.52 -17.17
N SER D 1029 16.48 -15.43 -16.41
CA SER D 1029 15.21 -14.71 -16.50
C SER D 1029 14.98 -14.12 -17.88
N HIS D 1030 16.01 -13.48 -18.46
CA HIS D 1030 15.85 -12.94 -19.82
C HIS D 1030 15.61 -14.04 -20.85
N TYR D 1031 16.37 -15.13 -20.78
CA TYR D 1031 16.21 -16.23 -21.72
C TYR D 1031 14.82 -16.85 -21.60
N LEU D 1032 14.35 -17.03 -20.36
CA LEU D 1032 13.08 -17.70 -20.12
C LEU D 1032 11.92 -16.81 -20.53
N VAL D 1033 12.04 -15.49 -20.35
CA VAL D 1033 11.04 -14.55 -20.86
C VAL D 1033 10.99 -14.58 -22.38
N ARG D 1034 12.15 -14.64 -23.04
CA ARG D 1034 12.15 -14.69 -24.50
C ARG D 1034 11.47 -15.95 -25.03
N GLN D 1035 11.75 -17.11 -24.42
CA GLN D 1035 11.08 -18.32 -24.88
C GLN D 1035 9.58 -18.34 -24.51
N VAL D 1036 9.21 -17.72 -23.38
CA VAL D 1036 7.79 -17.68 -23.02
C VAL D 1036 7.00 -16.80 -23.99
N PHE D 1037 7.50 -15.59 -24.28
CA PHE D 1037 6.79 -14.73 -25.22
C PHE D 1037 6.89 -15.24 -26.66
N LYS D 1038 7.89 -16.06 -26.97
CA LYS D 1038 7.89 -16.72 -28.27
C LYS D 1038 6.87 -17.85 -28.31
N SER D 1039 6.62 -18.48 -27.16
CA SER D 1039 5.71 -19.63 -27.11
C SER D 1039 4.26 -19.23 -27.33
N LEU D 1040 3.87 -18.04 -26.86
CA LEU D 1040 2.47 -17.61 -26.93
C LEU D 1040 2.09 -16.98 -28.26
N GLN D 1041 2.98 -16.99 -29.25
CA GLN D 1041 2.64 -16.45 -30.55
C GLN D 1041 1.66 -17.37 -31.28
N GLU D 1042 0.71 -16.76 -31.98
CA GLU D 1042 -0.42 -17.44 -32.64
C GLU D 1042 -1.19 -18.30 -31.64
N MET D 1043 -1.71 -17.65 -30.59
CA MET D 1043 -2.40 -18.34 -29.53
C MET D 1043 -3.32 -17.36 -28.82
N PHE D 1044 -4.53 -17.81 -28.50
CA PHE D 1044 -5.60 -17.01 -27.88
C PHE D 1044 -5.94 -15.78 -28.74
N SER D 1045 -6.42 -16.04 -29.96
CA SER D 1045 -6.63 -14.96 -30.92
C SER D 1045 -7.75 -14.02 -30.49
N GLY D 1046 -8.90 -14.59 -30.07
CA GLY D 1046 -10.00 -13.76 -29.63
C GLY D 1046 -9.69 -13.00 -28.35
N THR D 1047 -8.90 -13.60 -27.46
CA THR D 1047 -8.46 -12.93 -26.25
C THR D 1047 -7.60 -11.70 -26.56
N ARG D 1048 -6.63 -11.84 -27.47
CA ARG D 1048 -5.79 -10.71 -27.86
C ARG D 1048 -6.61 -9.66 -28.60
N ALA D 1049 -7.59 -10.08 -29.40
CA ALA D 1049 -8.44 -9.12 -30.10
C ALA D 1049 -9.27 -8.30 -29.11
N ILE D 1050 -9.86 -8.96 -28.12
CA ILE D 1050 -10.70 -8.26 -27.14
C ILE D 1050 -9.83 -7.36 -26.26
N GLN D 1051 -8.64 -7.82 -25.88
CA GLN D 1051 -7.74 -7.00 -25.08
C GLN D 1051 -7.25 -5.77 -25.87
N HIS D 1052 -6.98 -5.94 -27.17
CA HIS D 1052 -6.60 -4.80 -28.00
C HIS D 1052 -7.75 -3.80 -28.12
N TRP D 1053 -8.99 -4.30 -28.25
CA TRP D 1053 -10.14 -3.40 -28.31
C TRP D 1053 -10.33 -2.63 -27.01
N LEU D 1054 -10.19 -3.32 -25.87
CA LEU D 1054 -10.31 -2.67 -24.57
C LEU D 1054 -9.21 -1.62 -24.37
N THR D 1055 -7.98 -1.96 -24.75
CA THR D 1055 -6.86 -1.02 -24.61
C THR D 1055 -7.04 0.19 -25.52
N GLU D 1056 -7.48 -0.03 -26.76
CA GLU D 1056 -7.71 1.07 -27.68
C GLU D 1056 -8.83 1.98 -27.20
N SER D 1057 -9.93 1.40 -26.70
CA SER D 1057 -11.03 2.18 -26.18
C SER D 1057 -10.60 2.98 -24.96
N ALA D 1058 -9.83 2.37 -24.06
CA ALA D 1058 -9.34 3.08 -22.88
C ALA D 1058 -8.38 4.20 -23.26
N ARG D 1059 -7.55 3.97 -24.29
CA ARG D 1059 -6.62 5.02 -24.72
C ARG D 1059 -7.35 6.20 -25.33
N LEU D 1060 -8.40 5.94 -26.13
CA LEU D 1060 -9.14 7.05 -26.71
C LEU D 1060 -10.01 7.77 -25.67
N ILE D 1061 -10.49 7.06 -24.64
CA ILE D 1061 -11.22 7.74 -23.57
C ILE D 1061 -10.27 8.59 -22.73
N SER D 1062 -9.13 8.03 -22.34
CA SER D 1062 -8.21 8.74 -21.46
C SER D 1062 -7.38 9.79 -22.18
N HIS D 1063 -7.34 9.76 -23.53
CA HIS D 1063 -6.73 10.86 -24.25
C HIS D 1063 -7.56 12.12 -24.11
N MET D 1064 -8.88 11.97 -24.04
CA MET D 1064 -9.76 13.05 -23.63
C MET D 1064 -9.75 13.19 -22.10
N GLY D 1065 -10.50 14.17 -21.61
CA GLY D 1065 -10.47 14.49 -20.19
C GLY D 1065 -11.06 13.40 -19.32
N SER D 1066 -12.14 12.77 -19.77
CA SER D 1066 -12.88 11.84 -18.93
C SER D 1066 -12.12 10.53 -18.74
N VAL D 1067 -12.17 10.01 -17.51
CA VAL D 1067 -11.61 8.71 -17.19
C VAL D 1067 -12.62 7.62 -17.56
N VAL D 1068 -12.18 6.37 -17.58
CA VAL D 1068 -13.01 5.28 -18.09
C VAL D 1068 -14.06 4.90 -17.04
N GLU D 1069 -15.32 4.84 -17.47
CA GLU D 1069 -16.43 4.42 -16.64
C GLU D 1069 -17.15 3.27 -17.33
N TRP D 1070 -17.63 2.31 -16.52
CA TRP D 1070 -18.54 1.30 -17.07
C TRP D 1070 -19.43 0.76 -15.98
N VAL D 1071 -20.56 0.19 -16.39
CA VAL D 1071 -21.55 -0.38 -15.50
C VAL D 1071 -21.52 -1.90 -15.66
N THR D 1072 -21.38 -2.61 -14.54
CA THR D 1072 -21.39 -4.06 -14.53
C THR D 1072 -22.79 -4.57 -14.89
N PRO D 1073 -22.91 -5.83 -15.35
CA PRO D 1073 -24.23 -6.38 -15.63
C PRO D 1073 -25.16 -6.47 -14.41
N LEU D 1074 -24.61 -6.47 -13.20
CA LEU D 1074 -25.44 -6.35 -12.01
C LEU D 1074 -25.78 -4.91 -11.65
N GLY D 1075 -25.26 -3.94 -12.39
CA GLY D 1075 -25.64 -2.56 -12.21
C GLY D 1075 -24.67 -1.69 -11.42
N VAL D 1076 -23.50 -2.20 -11.08
CA VAL D 1076 -22.55 -1.44 -10.26
C VAL D 1076 -21.78 -0.49 -11.16
N PRO D 1077 -21.78 0.82 -10.88
CA PRO D 1077 -20.93 1.75 -11.63
C PRO D 1077 -19.48 1.63 -11.16
N VAL D 1078 -18.54 1.66 -12.11
CA VAL D 1078 -17.12 1.52 -11.81
C VAL D 1078 -16.36 2.58 -12.59
N ILE D 1079 -15.53 3.34 -11.88
CA ILE D 1079 -14.67 4.38 -12.45
C ILE D 1079 -13.25 4.14 -11.96
N GLN D 1080 -12.28 4.58 -12.76
CA GLN D 1080 -10.87 4.42 -12.41
C GLN D 1080 -10.30 5.71 -11.85
N PRO D 1081 -9.65 5.66 -10.69
CA PRO D 1081 -9.09 6.87 -10.06
C PRO D 1081 -7.62 7.13 -10.44
N TYR D 1082 -7.35 7.24 -11.74
CA TYR D 1082 -5.99 7.44 -12.23
C TYR D 1082 -5.91 8.82 -12.87
N ARG D 1083 -5.17 9.73 -12.25
CA ARG D 1083 -4.97 11.07 -12.79
C ARG D 1083 -3.50 11.46 -12.64
N LEU D 1084 -3.00 12.23 -13.61
CA LEU D 1084 -1.56 12.49 -13.69
C LEU D 1084 -1.10 13.43 -12.58
N ASP D 1085 -1.85 14.50 -12.33
CA ASP D 1085 -1.35 15.60 -11.51
C ASP D 1085 -1.24 15.19 -10.05
N SER D 1086 -0.04 15.31 -9.50
CA SER D 1086 0.21 15.10 -8.08
C SER D 1086 0.55 16.47 -7.51
N LYS D 1087 -0.48 17.17 -7.03
CA LYS D 1087 -0.30 18.49 -6.43
C LYS D 1087 0.53 18.37 -5.16
N VAL D 1088 1.43 19.33 -4.96
CA VAL D 1088 2.30 19.28 -3.78
C VAL D 1088 1.51 19.56 -2.51
N LYS D 1089 0.62 20.56 -2.54
CA LYS D 1089 -0.24 20.96 -1.43
C LYS D 1089 0.54 21.14 -0.13
N GLN D 1090 1.65 21.87 -0.22
CA GLN D 1090 2.57 22.00 0.90
C GLN D 1090 1.95 22.81 2.03
N ILE D 1091 2.04 22.28 3.24
CA ILE D 1091 1.42 22.88 4.43
C ILE D 1091 2.52 23.22 5.41
N GLY D 1092 2.71 24.51 5.67
CA GLY D 1092 3.75 24.94 6.58
C GLY D 1092 3.43 24.53 8.02
N GLY D 1093 4.49 24.28 8.78
CA GLY D 1093 4.31 23.78 10.13
C GLY D 1093 5.57 23.91 10.93
N GLY D 1094 5.50 23.43 12.18
CA GLY D 1094 6.62 23.55 13.09
C GLY D 1094 7.80 22.67 12.69
N ILE D 1095 7.54 21.47 12.19
CA ILE D 1095 8.62 20.54 11.89
C ILE D 1095 8.99 20.59 10.41
N GLN D 1096 8.04 20.28 9.53
CA GLN D 1096 8.32 20.33 8.10
C GLN D 1096 7.03 20.69 7.36
N SER D 1097 7.12 20.67 6.03
CA SER D 1097 5.99 20.87 5.14
C SER D 1097 5.62 19.53 4.51
N ILE D 1098 4.38 19.10 4.74
CA ILE D 1098 3.93 17.82 4.20
C ILE D 1098 3.65 17.97 2.71
N THR D 1099 3.75 16.85 1.99
CA THR D 1099 3.49 16.80 0.56
C THR D 1099 2.48 15.69 0.30
N TYR D 1100 1.24 16.07 -0.02
CA TYR D 1100 0.16 15.14 -0.29
C TYR D 1100 -0.53 15.54 -1.57
N THR D 1101 -0.98 14.54 -2.33
CA THR D 1101 -1.73 14.81 -3.56
C THR D 1101 -3.19 15.06 -3.22
N HIS D 1102 -3.69 16.23 -3.63
CA HIS D 1102 -5.09 16.58 -3.39
C HIS D 1102 -5.94 15.73 -4.34
N ASN D 1103 -6.56 14.69 -3.78
CA ASN D 1103 -7.24 13.67 -4.57
C ASN D 1103 -8.68 14.04 -4.90
N GLY D 1104 -9.23 15.08 -4.28
CA GLY D 1104 -10.61 15.45 -4.51
C GLY D 1104 -10.83 16.23 -5.80
N ASP D 1105 -10.47 15.61 -6.93
CA ASP D 1105 -10.60 16.12 -8.29
C ASP D 1105 -9.82 17.41 -8.52
N ILE D 1106 -8.87 17.74 -7.64
CA ILE D 1106 -7.92 18.80 -7.97
C ILE D 1106 -6.97 18.33 -9.06
N SER D 1107 -6.55 17.08 -8.98
CA SER D 1107 -5.92 16.41 -10.11
C SER D 1107 -6.92 16.28 -11.26
N ARG D 1108 -6.51 16.70 -12.44
CA ARG D 1108 -7.43 16.83 -13.57
C ARG D 1108 -7.06 15.94 -14.74
N LYS D 1109 -5.81 15.95 -15.18
CA LYS D 1109 -5.43 15.25 -16.40
C LYS D 1109 -5.35 13.74 -16.14
N PRO D 1110 -6.10 12.92 -16.86
CA PRO D 1110 -6.06 11.47 -16.63
C PRO D 1110 -4.77 10.85 -17.12
N ASN D 1111 -4.34 9.80 -16.42
CA ASN D 1111 -3.12 9.07 -16.74
C ASN D 1111 -3.42 8.05 -17.83
N THR D 1112 -3.13 8.42 -19.08
CA THR D 1112 -3.51 7.62 -20.24
C THR D 1112 -2.86 6.24 -20.21
N ARG D 1113 -1.56 6.18 -19.89
CA ARG D 1113 -0.85 4.90 -19.80
C ARG D 1113 -1.45 4.01 -18.72
N LYS D 1114 -1.79 4.60 -17.57
CA LYS D 1114 -2.33 3.79 -16.47
C LYS D 1114 -3.77 3.36 -16.74
N GLN D 1115 -4.57 4.20 -17.41
CA GLN D 1115 -5.90 3.79 -17.82
C GLN D 1115 -5.84 2.63 -18.81
N LYS D 1116 -4.91 2.72 -19.78
CA LYS D 1116 -4.68 1.63 -20.73
C LYS D 1116 -4.27 0.35 -20.03
N ASN D 1117 -3.33 0.45 -19.09
CA ASN D 1117 -2.80 -0.73 -18.44
C ASN D 1117 -3.72 -1.24 -17.33
N GLY D 1118 -4.76 -0.50 -16.99
CA GLY D 1118 -5.68 -0.95 -15.98
C GLY D 1118 -7.00 -1.50 -16.49
N PHE D 1119 -7.51 -0.98 -17.61
CA PHE D 1119 -8.87 -1.34 -18.05
C PHE D 1119 -9.05 -2.82 -18.42
N PRO D 1120 -8.20 -3.47 -19.22
CA PRO D 1120 -8.44 -4.89 -19.56
C PRO D 1120 -8.41 -5.84 -18.37
N PRO D 1121 -7.56 -5.65 -17.34
CA PRO D 1121 -7.77 -6.47 -16.14
C PRO D 1121 -8.99 -6.06 -15.32
N ASN D 1122 -9.28 -4.77 -15.24
CA ASN D 1122 -10.35 -4.31 -14.34
C ASN D 1122 -11.72 -4.78 -14.82
N PHE D 1123 -11.93 -4.80 -16.14
CA PHE D 1123 -13.19 -5.30 -16.69
C PHE D 1123 -13.38 -6.79 -16.39
N ILE D 1124 -12.33 -7.58 -16.55
CA ILE D 1124 -12.41 -9.01 -16.33
C ILE D 1124 -12.64 -9.31 -14.85
N HIS D 1125 -12.01 -8.54 -13.97
CA HIS D 1125 -12.26 -8.73 -12.55
C HIS D 1125 -13.64 -8.26 -12.12
N SER D 1126 -14.19 -7.24 -12.77
CA SER D 1126 -15.58 -6.84 -12.51
C SER D 1126 -16.54 -7.95 -12.92
N LEU D 1127 -16.25 -8.61 -14.04
CA LEU D 1127 -17.11 -9.73 -14.44
C LEU D 1127 -16.91 -10.94 -13.54
N ASP D 1128 -15.70 -11.11 -12.99
CA ASP D 1128 -15.47 -12.08 -11.93
C ASP D 1128 -16.35 -11.82 -10.73
N SER D 1129 -16.43 -10.55 -10.32
CA SER D 1129 -17.27 -10.17 -9.20
C SER D 1129 -18.75 -10.42 -9.50
N SER D 1130 -19.17 -10.14 -10.74
CA SER D 1130 -20.56 -10.38 -11.12
C SER D 1130 -20.91 -11.87 -11.07
N HIS D 1131 -20.02 -12.72 -11.58
CA HIS D 1131 -20.23 -14.17 -11.52
C HIS D 1131 -20.28 -14.65 -10.07
N MET D 1132 -19.37 -14.14 -9.23
CA MET D 1132 -19.33 -14.54 -7.83
C MET D 1132 -20.60 -14.13 -7.09
N MET D 1133 -21.08 -12.90 -7.34
CA MET D 1133 -22.28 -12.42 -6.67
C MET D 1133 -23.52 -13.18 -7.15
N LEU D 1134 -23.60 -13.49 -8.44
CA LEU D 1134 -24.71 -14.30 -8.94
C LEU D 1134 -24.71 -15.69 -8.32
N THR D 1135 -23.53 -16.31 -8.21
CA THR D 1135 -23.42 -17.64 -7.62
C THR D 1135 -23.82 -17.60 -6.14
N ALA D 1136 -23.38 -16.57 -5.42
CA ALA D 1136 -23.73 -16.44 -4.00
C ALA D 1136 -25.23 -16.24 -3.82
N LEU D 1137 -25.84 -15.36 -4.63
CA LEU D 1137 -27.25 -15.04 -4.46
C LEU D 1137 -28.14 -16.22 -4.84
N HIS D 1138 -27.74 -17.01 -5.84
CA HIS D 1138 -28.54 -18.17 -6.19
C HIS D 1138 -28.19 -19.42 -5.42
N CYS D 1139 -27.09 -19.44 -4.67
CA CYS D 1139 -26.87 -20.50 -3.70
C CYS D 1139 -27.51 -20.17 -2.35
N TYR D 1140 -27.84 -18.91 -2.09
CA TYR D 1140 -28.52 -18.57 -0.86
C TYR D 1140 -29.93 -19.11 -0.84
N ARG D 1141 -30.61 -19.13 -2.00
CA ARG D 1141 -31.98 -19.63 -2.05
C ARG D 1141 -32.05 -21.15 -1.93
N LYS D 1142 -30.94 -21.85 -2.12
CA LYS D 1142 -30.90 -23.29 -1.98
C LYS D 1142 -30.35 -23.73 -0.62
N GLY D 1143 -30.15 -22.80 0.31
CA GLY D 1143 -29.69 -23.16 1.63
C GLY D 1143 -28.22 -23.50 1.72
N LEU D 1144 -27.38 -22.92 0.87
CA LEU D 1144 -25.95 -23.21 0.83
C LEU D 1144 -25.16 -22.08 1.46
N THR D 1145 -24.22 -22.44 2.33
CA THR D 1145 -23.27 -21.49 2.87
C THR D 1145 -22.14 -21.30 1.87
N PHE D 1146 -21.95 -20.07 1.42
CA PHE D 1146 -21.06 -19.74 0.32
C PHE D 1146 -20.12 -18.64 0.78
N VAL D 1147 -18.81 -18.87 0.64
CA VAL D 1147 -17.86 -17.78 0.81
C VAL D 1147 -16.92 -17.87 -0.39
N SER D 1148 -16.18 -16.79 -0.66
CA SER D 1148 -15.40 -16.78 -1.89
C SER D 1148 -14.13 -15.99 -1.69
N VAL D 1149 -12.99 -16.67 -1.84
CA VAL D 1149 -11.81 -15.98 -2.31
C VAL D 1149 -11.98 -15.80 -3.83
N HIS D 1150 -11.24 -14.84 -4.40
CA HIS D 1150 -11.29 -14.54 -5.83
C HIS D 1150 -11.00 -15.81 -6.63
N ASP D 1151 -11.90 -16.10 -7.58
CA ASP D 1151 -12.13 -17.32 -8.38
C ASP D 1151 -11.93 -18.61 -7.58
N CYS D 1152 -12.24 -18.59 -6.29
CA CYS D 1152 -12.14 -19.75 -5.41
C CYS D 1152 -13.37 -19.76 -4.53
N TYR D 1153 -14.37 -20.54 -4.93
CA TYR D 1153 -15.64 -20.60 -4.24
C TYR D 1153 -15.59 -21.72 -3.20
N TRP D 1154 -15.87 -21.39 -1.95
CA TRP D 1154 -15.83 -22.35 -0.86
C TRP D 1154 -17.24 -22.63 -0.36
N THR D 1155 -17.56 -23.92 -0.22
CA THR D 1155 -18.82 -24.33 0.38
C THR D 1155 -18.59 -25.59 1.19
N HIS D 1156 -19.64 -26.09 1.82
CA HIS D 1156 -19.56 -27.35 2.55
C HIS D 1156 -19.35 -28.52 1.60
N ALA D 1157 -18.72 -29.58 2.11
CA ALA D 1157 -18.44 -30.76 1.30
C ALA D 1157 -19.71 -31.50 0.90
N ALA D 1158 -20.82 -31.26 1.60
CA ALA D 1158 -22.09 -31.87 1.22
C ALA D 1158 -22.61 -31.32 -0.09
N ASP D 1159 -22.51 -30.02 -0.30
CA ASP D 1159 -23.20 -29.34 -1.39
C ASP D 1159 -22.24 -28.80 -2.45
N VAL D 1160 -21.16 -29.53 -2.74
CA VAL D 1160 -20.23 -29.10 -3.79
C VAL D 1160 -20.87 -29.24 -5.16
N SER D 1161 -21.63 -30.30 -5.38
CA SER D 1161 -22.26 -30.54 -6.68
C SER D 1161 -23.32 -29.48 -6.98
N VAL D 1162 -24.11 -29.11 -5.98
CA VAL D 1162 -25.11 -28.07 -6.16
C VAL D 1162 -24.46 -26.72 -6.44
N MET D 1163 -23.36 -26.41 -5.73
CA MET D 1163 -22.64 -25.17 -5.99
C MET D 1163 -22.06 -25.16 -7.39
N ASN D 1164 -21.53 -26.30 -7.85
CA ASN D 1164 -21.00 -26.40 -9.20
C ASN D 1164 -22.08 -26.18 -10.25
N GLN D 1165 -23.26 -26.77 -10.03
CA GLN D 1165 -24.36 -26.61 -10.98
C GLN D 1165 -24.86 -25.17 -11.02
N VAL D 1166 -24.98 -24.53 -9.85
CA VAL D 1166 -25.43 -23.14 -9.79
C VAL D 1166 -24.37 -22.23 -10.40
N CYS D 1167 -23.09 -22.53 -10.18
CA CYS D 1167 -22.01 -21.74 -10.77
C CYS D 1167 -22.04 -21.82 -12.29
N ARG D 1168 -22.28 -23.00 -12.83
CA ARG D 1168 -22.39 -23.16 -14.28
C ARG D 1168 -23.61 -22.44 -14.85
N GLU D 1169 -24.77 -22.54 -14.18
CA GLU D 1169 -25.95 -21.82 -14.67
C GLU D 1169 -25.77 -20.31 -14.60
N GLN D 1170 -25.12 -19.81 -13.54
CA GLN D 1170 -24.92 -18.37 -13.42
C GLN D 1170 -23.88 -17.89 -14.42
N PHE D 1171 -22.89 -18.72 -14.75
CA PHE D 1171 -21.96 -18.41 -15.82
C PHE D 1171 -22.70 -18.29 -17.16
N VAL D 1172 -23.62 -19.23 -17.41
CA VAL D 1172 -24.39 -19.19 -18.66
C VAL D 1172 -25.28 -17.96 -18.72
N ARG D 1173 -25.98 -17.66 -17.62
CA ARG D 1173 -26.88 -16.51 -17.62
C ARG D 1173 -26.13 -15.18 -17.65
N LEU D 1174 -24.95 -15.11 -17.04
CA LEU D 1174 -24.12 -13.92 -17.15
C LEU D 1174 -23.62 -13.74 -18.57
N HIS D 1175 -23.25 -14.83 -19.24
CA HIS D 1175 -22.63 -14.74 -20.56
C HIS D 1175 -23.60 -15.02 -21.69
N SER D 1176 -24.90 -15.11 -21.41
CA SER D 1176 -25.91 -15.08 -22.45
C SER D 1176 -26.36 -13.66 -22.77
N GLU D 1177 -25.80 -12.68 -22.08
CA GLU D 1177 -25.94 -11.23 -22.15
C GLU D 1177 -24.85 -10.64 -23.03
N PRO D 1178 -25.19 -9.77 -23.97
CA PRO D 1178 -24.18 -9.18 -24.87
C PRO D 1178 -23.31 -8.15 -24.16
N ILE D 1179 -22.38 -8.65 -23.34
CA ILE D 1179 -21.61 -7.81 -22.43
C ILE D 1179 -20.71 -6.85 -23.21
N LEU D 1180 -20.03 -7.34 -24.25
CA LEU D 1180 -19.30 -6.45 -25.14
C LEU D 1180 -20.24 -5.48 -25.87
N GLN D 1181 -21.38 -5.98 -26.36
CA GLN D 1181 -22.29 -5.13 -27.12
C GLN D 1181 -22.99 -4.13 -26.21
N ASP D 1182 -23.42 -4.56 -25.03
CA ASP D 1182 -24.04 -3.62 -24.10
C ASP D 1182 -23.04 -2.62 -23.56
N LEU D 1183 -21.78 -3.05 -23.37
CA LEU D 1183 -20.71 -2.12 -23.01
C LEU D 1183 -20.50 -1.08 -24.09
N SER D 1184 -20.51 -1.49 -25.35
CA SER D 1184 -20.34 -0.56 -26.46
C SER D 1184 -21.49 0.42 -26.55
N ARG D 1185 -22.74 -0.06 -26.42
CA ARG D 1185 -23.89 0.84 -26.47
C ARG D 1185 -23.90 1.80 -25.29
N PHE D 1186 -23.53 1.32 -24.10
CA PHE D 1186 -23.44 2.20 -22.93
C PHE D 1186 -22.35 3.24 -23.11
N LEU D 1187 -21.20 2.85 -23.67
CA LEU D 1187 -20.09 3.77 -23.84
C LEU D 1187 -20.41 4.82 -24.91
N VAL D 1188 -21.10 4.42 -25.97
CA VAL D 1188 -21.55 5.39 -26.98
C VAL D 1188 -22.60 6.33 -26.39
N LYS D 1189 -23.51 5.80 -25.56
CA LYS D 1189 -24.56 6.61 -24.96
C LYS D 1189 -23.98 7.64 -23.99
N ARG D 1190 -23.00 7.25 -23.18
CA ARG D 1190 -22.49 8.17 -22.17
C ARG D 1190 -21.35 9.03 -22.72
N PHE D 1191 -20.26 8.40 -23.16
CA PHE D 1191 -19.03 9.11 -23.48
C PHE D 1191 -18.89 9.46 -24.96
N CYS D 1192 -19.89 9.17 -25.78
CA CYS D 1192 -19.82 9.52 -27.20
C CYS D 1192 -21.13 10.11 -27.68
N SER D 1193 -21.77 10.97 -26.89
CA SER D 1193 -23.02 11.60 -27.26
C SER D 1193 -23.07 13.10 -27.04
N GLU D 1194 -22.12 13.67 -26.31
CA GLU D 1194 -22.06 15.12 -26.18
C GLU D 1194 -21.64 15.73 -27.51
N PRO D 1195 -22.29 16.80 -27.97
CA PRO D 1195 -21.99 17.32 -29.31
C PRO D 1195 -20.59 17.90 -29.45
N GLN D 1196 -20.11 18.62 -28.44
CA GLN D 1196 -18.86 19.37 -28.50
C GLN D 1196 -17.64 18.48 -28.68
N LYS D 1197 -17.77 17.17 -28.48
CA LYS D 1197 -16.67 16.24 -28.63
C LYS D 1197 -16.78 15.36 -29.88
N ILE D 1198 -17.88 15.46 -30.64
CA ILE D 1198 -18.15 14.48 -31.72
C ILE D 1198 -17.06 14.48 -32.77
N LEU D 1199 -16.62 15.68 -33.19
CA LEU D 1199 -15.57 15.80 -34.20
C LEU D 1199 -14.26 15.18 -33.70
N GLU D 1200 -14.04 15.16 -32.38
CA GLU D 1200 -12.87 14.48 -31.85
C GLU D 1200 -13.17 13.03 -31.46
N ALA D 1201 -14.44 12.66 -31.28
CA ALA D 1201 -14.78 11.33 -30.80
C ALA D 1201 -15.31 10.40 -31.89
N SER D 1202 -15.38 10.87 -33.14
CA SER D 1202 -15.91 10.04 -34.21
C SER D 1202 -15.05 8.80 -34.44
N GLN D 1203 -13.72 8.98 -34.36
CA GLN D 1203 -12.81 7.83 -34.39
C GLN D 1203 -13.09 6.90 -33.22
N LEU D 1204 -13.38 7.46 -32.04
CA LEU D 1204 -13.81 6.65 -30.91
C LEU D 1204 -15.12 5.93 -31.22
N LYS D 1205 -16.02 6.61 -31.95
CA LYS D 1205 -17.24 5.96 -32.40
C LYS D 1205 -16.93 4.83 -33.38
N GLU D 1206 -15.83 4.95 -34.12
CA GLU D 1206 -15.36 3.82 -34.91
C GLU D 1206 -14.85 2.70 -34.02
N THR D 1207 -14.18 3.05 -32.92
CA THR D 1207 -13.55 2.03 -32.08
C THR D 1207 -14.58 1.29 -31.24
N LEU D 1208 -15.54 2.01 -30.66
CA LEU D 1208 -16.49 1.39 -29.74
C LEU D 1208 -17.44 0.41 -30.44
N GLN D 1209 -17.81 0.71 -31.69
CA GLN D 1209 -18.69 -0.16 -32.47
C GLN D 1209 -17.92 -1.17 -33.31
N ALA D 1210 -16.71 -1.54 -32.89
CA ALA D 1210 -15.87 -2.48 -33.61
C ALA D 1210 -15.51 -3.67 -32.71
N VAL D 1211 -16.49 -4.23 -32.02
CA VAL D 1211 -16.30 -5.42 -31.21
C VAL D 1211 -16.12 -6.64 -32.11
N PRO D 1212 -15.32 -7.62 -31.72
CA PRO D 1212 -15.18 -8.82 -32.54
C PRO D 1212 -16.44 -9.68 -32.53
N LYS D 1213 -16.60 -10.44 -33.60
CA LYS D 1213 -17.76 -11.32 -33.74
C LYS D 1213 -17.62 -12.50 -32.77
N PRO D 1214 -18.75 -13.04 -32.28
CA PRO D 1214 -18.69 -14.18 -31.37
C PRO D 1214 -18.24 -15.48 -32.03
N GLY D 1215 -18.81 -15.82 -33.18
CA GLY D 1215 -18.48 -17.09 -33.80
C GLY D 1215 -19.40 -18.21 -33.37
N ALA D 1216 -18.88 -19.43 -33.28
CA ALA D 1216 -19.69 -20.62 -33.02
C ALA D 1216 -19.11 -21.40 -31.84
N PHE D 1217 -19.69 -21.19 -30.65
CA PHE D 1217 -19.42 -22.01 -29.48
C PHE D 1217 -20.69 -22.03 -28.65
N ASP D 1218 -21.38 -23.17 -28.65
CA ASP D 1218 -22.59 -23.33 -27.84
C ASP D 1218 -22.19 -23.33 -26.37
N LEU D 1219 -22.51 -22.25 -25.66
CA LEU D 1219 -22.00 -22.05 -24.31
C LEU D 1219 -22.76 -22.88 -23.29
N GLU D 1220 -23.90 -23.47 -23.68
CA GLU D 1220 -24.67 -24.33 -22.79
C GLU D 1220 -23.89 -25.57 -22.37
N GLN D 1221 -22.89 -25.98 -23.16
CA GLN D 1221 -22.01 -27.08 -22.82
C GLN D 1221 -21.22 -26.83 -21.53
N VAL D 1222 -21.10 -25.57 -21.10
CA VAL D 1222 -20.46 -25.26 -19.83
C VAL D 1222 -21.21 -25.94 -18.68
N LYS D 1223 -22.52 -26.13 -18.81
CA LYS D 1223 -23.26 -26.84 -17.76
C LYS D 1223 -22.87 -28.32 -17.66
N ARG D 1224 -22.25 -28.89 -18.68
CA ARG D 1224 -21.76 -30.26 -18.61
C ARG D 1224 -20.27 -30.35 -18.37
N SER D 1225 -19.58 -29.22 -18.22
CA SER D 1225 -18.13 -29.21 -18.06
C SER D 1225 -17.79 -29.58 -16.62
N THR D 1226 -17.16 -30.74 -16.44
CA THR D 1226 -16.77 -31.18 -15.10
C THR D 1226 -15.63 -30.32 -14.55
N TYR D 1227 -14.73 -29.88 -15.41
CA TYR D 1227 -13.51 -29.22 -14.98
C TYR D 1227 -13.54 -27.70 -15.23
N PHE D 1228 -14.73 -27.13 -15.30
CA PHE D 1228 -14.90 -25.68 -15.32
C PHE D 1228 -14.31 -25.07 -14.05
N PHE D 1229 -14.91 -25.37 -12.91
CA PHE D 1229 -14.28 -25.13 -11.61
C PHE D 1229 -13.99 -26.49 -10.97
N SER D 1230 -12.73 -26.69 -10.57
CA SER D 1230 -12.32 -27.96 -9.98
C SER D 1230 -11.13 -27.78 -9.06
N LYS E 72 29.12 9.73 -27.43
CA LYS E 72 30.04 9.52 -26.32
C LYS E 72 31.31 10.34 -26.52
N ARG E 73 31.72 11.05 -25.47
CA ARG E 73 32.87 11.95 -25.55
C ARG E 73 34.16 11.16 -25.70
N TYR E 74 34.97 11.55 -26.68
CA TYR E 74 36.23 10.86 -26.96
C TYR E 74 37.28 11.88 -27.35
N VAL E 75 38.50 11.71 -26.83
CA VAL E 75 39.60 12.60 -27.13
C VAL E 75 40.25 12.15 -28.44
N THR E 76 40.30 13.05 -29.42
CA THR E 76 40.82 12.71 -30.74
C THR E 76 41.73 13.78 -31.34
N ASP E 77 42.13 14.78 -30.58
CA ASP E 77 42.94 15.88 -31.10
C ASP E 77 44.35 15.80 -30.54
N ARG E 78 45.34 16.03 -31.41
CA ARG E 78 46.75 16.03 -31.02
C ARG E 78 47.15 17.26 -30.23
N ARG E 79 46.25 18.24 -30.06
CA ARG E 79 46.56 19.42 -29.27
C ARG E 79 46.83 19.05 -27.83
N LEU E 80 48.01 19.48 -27.33
CA LEU E 80 48.53 19.26 -25.98
C LEU E 80 48.47 17.79 -25.51
N ALA E 81 48.41 16.83 -26.43
CA ALA E 81 48.45 15.42 -26.02
C ALA E 81 49.81 15.08 -25.43
N GLU E 82 50.88 15.64 -25.99
CA GLU E 82 52.20 15.55 -25.37
C GLU E 82 52.24 16.26 -24.03
N THR E 83 51.45 17.32 -23.87
CA THR E 83 51.42 18.03 -22.58
C THR E 83 50.77 17.18 -21.50
N LEU E 84 49.64 16.53 -21.81
CA LEU E 84 49.07 15.56 -20.87
C LEU E 84 50.01 14.39 -20.63
N ALA E 85 50.78 13.99 -21.66
CA ALA E 85 51.78 12.94 -21.46
C ALA E 85 52.84 13.36 -20.45
N GLN E 86 53.32 14.60 -20.55
CA GLN E 86 54.29 15.10 -19.56
C GLN E 86 53.65 15.31 -18.19
N ILE E 87 52.34 15.57 -18.16
CA ILE E 87 51.62 15.62 -16.89
C ILE E 87 51.65 14.26 -16.21
N TYR E 88 51.35 13.20 -16.97
CA TYR E 88 51.32 11.88 -16.37
C TYR E 88 52.71 11.24 -16.25
N LEU E 89 53.76 11.88 -16.78
CA LEU E 89 55.12 11.39 -16.53
C LEU E 89 55.50 11.49 -15.06
N GLY E 90 55.22 12.62 -14.43
CA GLY E 90 55.62 12.80 -13.04
C GLY E 90 57.13 12.97 -12.93
N LYS E 91 57.70 12.38 -11.88
CA LYS E 91 59.14 12.45 -11.68
C LYS E 91 59.86 11.57 -12.71
N PRO E 92 60.95 12.06 -13.31
CA PRO E 92 61.71 11.24 -14.26
C PRO E 92 62.36 10.01 -13.63
N SER E 93 62.71 10.07 -12.35
CA SER E 93 63.36 8.94 -11.68
C SER E 93 62.40 7.82 -11.33
N ARG E 94 61.10 8.02 -11.52
CA ARG E 94 60.11 6.98 -11.22
C ARG E 94 60.22 5.85 -12.23
N PRO E 95 59.86 4.62 -11.83
CA PRO E 95 59.81 3.51 -12.78
C PRO E 95 58.67 3.69 -13.78
N PRO E 96 58.66 2.92 -14.90
CA PRO E 96 57.53 2.99 -15.84
C PRO E 96 56.18 2.72 -15.17
N HIS E 97 55.35 3.75 -15.14
CA HIS E 97 54.18 3.79 -14.28
C HIS E 97 52.94 3.42 -15.08
N LEU E 98 52.13 2.52 -14.53
CA LEU E 98 50.96 2.01 -15.23
C LEU E 98 49.90 3.08 -15.40
N LEU E 99 49.36 3.19 -16.61
CA LEU E 99 48.34 4.17 -16.94
C LEU E 99 47.10 3.41 -17.41
N LEU E 100 46.07 3.34 -16.56
CA LEU E 100 44.80 2.71 -16.91
C LEU E 100 43.90 3.74 -17.60
N GLU E 101 44.13 3.89 -18.90
CA GLU E 101 43.32 4.80 -19.70
C GLU E 101 41.93 4.23 -19.89
N CYS E 102 40.91 5.07 -19.67
CA CYS E 102 39.53 4.62 -19.72
C CYS E 102 38.86 5.13 -20.99
N ASN E 103 38.20 4.21 -21.70
CA ASN E 103 37.62 4.36 -23.03
C ASN E 103 38.59 4.93 -24.07
N PRO E 104 39.59 4.16 -24.54
CA PRO E 104 40.39 4.65 -25.71
C PRO E 104 39.68 4.43 -27.05
N GLY E 105 38.79 5.36 -27.40
CA GLY E 105 38.03 5.25 -28.62
C GLY E 105 38.84 5.40 -29.89
N PRO E 106 39.31 6.61 -30.18
CA PRO E 106 40.16 6.81 -31.37
C PRO E 106 41.52 6.16 -31.26
N GLY E 107 42.06 6.05 -30.04
CA GLY E 107 43.39 5.48 -29.86
C GLY E 107 44.53 6.44 -30.07
N ILE E 108 44.25 7.70 -30.45
CA ILE E 108 45.31 8.68 -30.64
C ILE E 108 45.93 9.07 -29.30
N LEU E 109 45.09 9.24 -28.28
CA LEU E 109 45.60 9.56 -26.95
C LEU E 109 46.43 8.40 -26.38
N THR E 110 46.01 7.16 -26.68
CA THR E 110 46.80 6.00 -26.27
C THR E 110 48.15 5.96 -26.97
N GLN E 111 48.19 6.33 -28.25
CA GLN E 111 49.46 6.42 -28.97
C GLN E 111 50.36 7.51 -28.38
N ALA E 112 49.77 8.66 -28.03
CA ALA E 112 50.55 9.73 -27.41
C ALA E 112 51.06 9.33 -26.03
N LEU E 113 50.27 8.55 -25.30
CA LEU E 113 50.72 8.04 -24.00
C LEU E 113 51.83 7.01 -24.17
N LEU E 114 51.76 6.21 -25.23
CA LEU E 114 52.81 5.23 -25.49
C LEU E 114 54.09 5.89 -25.98
N GLU E 115 53.98 7.09 -26.57
CA GLU E 115 55.18 7.85 -26.90
C GLU E 115 55.97 8.28 -25.68
N ALA E 116 55.35 8.35 -24.51
CA ALA E 116 56.08 8.68 -23.29
C ALA E 116 57.03 7.56 -22.87
N GLY E 117 56.71 6.32 -23.21
CA GLY E 117 57.57 5.18 -22.94
C GLY E 117 57.16 4.32 -21.76
N ALA E 118 56.30 4.82 -20.89
CA ALA E 118 55.83 4.03 -19.77
C ALA E 118 54.74 3.06 -20.23
N LYS E 119 54.50 2.03 -19.41
CA LYS E 119 53.50 1.03 -19.72
C LYS E 119 52.10 1.62 -19.61
N VAL E 120 51.25 1.29 -20.58
CA VAL E 120 49.88 1.80 -20.64
C VAL E 120 48.95 0.60 -20.76
N VAL E 121 47.93 0.56 -19.90
CA VAL E 121 46.89 -0.47 -19.95
C VAL E 121 45.59 0.20 -20.35
N ALA E 122 44.96 -0.28 -21.41
CA ALA E 122 43.72 0.30 -21.91
C ALA E 122 42.52 -0.42 -21.32
N LEU E 123 41.62 0.34 -20.70
CA LEU E 123 40.32 -0.15 -20.26
C LEU E 123 39.25 0.53 -21.10
N GLU E 124 38.51 -0.25 -21.88
CA GLU E 124 37.61 0.27 -22.91
C GLU E 124 36.22 -0.35 -22.80
N SER E 125 35.20 0.47 -23.01
CA SER E 125 33.83 -0.01 -23.12
C SER E 125 33.37 -0.19 -24.56
N ASP E 126 34.15 0.30 -25.53
CA ASP E 126 33.74 0.26 -26.94
C ASP E 126 34.48 -0.89 -27.62
N LYS E 127 33.87 -2.07 -27.57
CA LYS E 127 34.42 -3.27 -28.20
C LYS E 127 34.14 -3.32 -29.69
N THR E 128 33.32 -2.40 -30.22
CA THR E 128 33.02 -2.38 -31.65
C THR E 128 34.26 -2.09 -32.49
N PHE E 129 35.13 -1.20 -32.00
CA PHE E 129 36.40 -0.86 -32.63
C PHE E 129 37.57 -1.34 -31.78
N ILE E 130 37.53 -2.62 -31.41
CA ILE E 130 38.54 -3.25 -30.57
C ILE E 130 39.89 -3.57 -31.23
N PRO E 131 40.02 -4.00 -32.51
CA PRO E 131 41.32 -4.57 -32.94
C PRO E 131 42.44 -3.55 -33.05
N HIS E 132 42.12 -2.26 -33.11
CA HIS E 132 43.13 -1.23 -33.32
C HIS E 132 44.07 -1.13 -32.12
N LEU E 133 43.52 -1.21 -30.90
CA LEU E 133 44.32 -1.05 -29.69
C LEU E 133 45.33 -2.18 -29.53
N GLU E 134 44.88 -3.43 -29.67
CA GLU E 134 45.82 -4.54 -29.58
C GLU E 134 46.76 -4.61 -30.78
N SER E 135 46.30 -4.20 -31.96
CA SER E 135 47.18 -4.19 -33.13
C SER E 135 48.32 -3.20 -32.96
N LEU E 136 48.03 -2.04 -32.36
CA LEU E 136 49.11 -1.14 -31.96
C LEU E 136 49.90 -1.69 -30.78
N GLY E 137 49.26 -2.55 -29.96
CA GLY E 137 49.93 -3.11 -28.81
C GLY E 137 51.04 -4.09 -29.16
N LYS E 138 50.80 -4.96 -30.14
CA LYS E 138 51.86 -5.87 -30.57
C LYS E 138 53.01 -5.12 -31.25
N ASN E 139 52.73 -3.97 -31.85
CA ASN E 139 53.80 -3.19 -32.47
C ASN E 139 54.72 -2.56 -31.43
N LEU E 140 54.21 -2.32 -30.22
CA LEU E 140 54.99 -1.76 -29.12
C LEU E 140 55.55 -2.82 -28.19
N ASP E 141 55.63 -4.07 -28.66
CA ASP E 141 56.22 -5.21 -27.93
C ASP E 141 55.51 -5.47 -26.60
N GLY E 142 54.17 -5.45 -26.63
CA GLY E 142 53.40 -5.84 -25.47
C GLY E 142 53.31 -4.82 -24.36
N LYS E 143 53.71 -3.57 -24.60
CA LYS E 143 53.56 -2.53 -23.59
C LYS E 143 52.08 -2.22 -23.36
N LEU E 144 51.27 -2.29 -24.41
CA LEU E 144 49.85 -1.94 -24.36
C LEU E 144 49.05 -3.20 -24.10
N ARG E 145 48.88 -3.55 -22.81
CA ARG E 145 48.13 -4.75 -22.43
C ARG E 145 46.65 -4.38 -22.41
N VAL E 146 46.02 -4.53 -23.57
CA VAL E 146 44.63 -4.12 -23.74
C VAL E 146 43.69 -5.17 -23.17
N ILE E 147 42.83 -4.75 -22.24
CA ILE E 147 41.85 -5.64 -21.64
C ILE E 147 40.49 -4.93 -21.66
N HIS E 148 39.47 -5.61 -22.17
CA HIS E 148 38.15 -5.03 -22.40
C HIS E 148 37.41 -4.85 -21.09
N CYS E 149 37.26 -3.59 -20.64
CA CYS E 149 36.57 -3.30 -19.39
C CYS E 149 36.19 -1.82 -19.33
N ASP E 150 35.07 -1.55 -18.67
CA ASP E 150 34.59 -0.18 -18.44
C ASP E 150 34.83 0.15 -16.98
N PHE E 151 35.29 1.37 -16.71
CA PHE E 151 35.80 1.70 -15.38
C PHE E 151 34.68 1.84 -14.35
N PHE E 152 33.51 2.31 -14.78
CA PHE E 152 32.41 2.52 -13.84
C PHE E 152 31.77 1.19 -13.46
N LYS E 153 32.07 0.14 -14.22
CA LYS E 153 31.42 -1.15 -14.08
C LYS E 153 32.28 -2.19 -13.35
N LEU E 154 33.41 -1.79 -12.75
CA LEU E 154 34.15 -2.75 -11.91
C LEU E 154 33.36 -3.10 -10.66
N ASP E 155 33.48 -4.37 -10.25
CA ASP E 155 32.71 -5.00 -9.19
C ASP E 155 31.23 -4.69 -9.35
N PRO E 156 30.54 -5.34 -10.28
CA PRO E 156 29.18 -4.93 -10.63
C PRO E 156 28.20 -5.15 -9.49
N ARG E 157 26.99 -4.64 -9.70
CA ARG E 157 26.05 -4.41 -8.61
C ARG E 157 25.04 -5.54 -8.56
N SER E 158 25.21 -6.44 -7.58
CA SER E 158 24.38 -7.63 -7.39
C SER E 158 24.33 -8.50 -8.65
N GLY E 159 25.49 -8.66 -9.30
CA GLY E 159 25.57 -9.47 -10.50
C GLY E 159 26.52 -10.65 -10.36
N GLY E 160 26.07 -11.83 -10.75
CA GLY E 160 26.90 -13.02 -10.63
C GLY E 160 27.79 -13.31 -11.82
N VAL E 161 27.18 -13.47 -13.00
CA VAL E 161 27.91 -13.93 -14.18
C VAL E 161 28.66 -12.74 -14.77
N ILE E 162 29.99 -12.81 -14.73
CA ILE E 162 30.84 -11.71 -15.18
C ILE E 162 30.88 -11.69 -16.70
N LYS E 163 30.28 -10.66 -17.29
CA LYS E 163 30.33 -10.44 -18.72
C LYS E 163 31.64 -9.71 -19.08
N PRO E 164 32.09 -9.82 -20.33
CA PRO E 164 33.32 -9.09 -20.73
C PRO E 164 33.26 -7.56 -20.67
N PRO E 165 32.07 -6.86 -20.72
CA PRO E 165 32.14 -5.42 -20.40
C PRO E 165 32.46 -5.10 -18.94
N ALA E 166 31.82 -5.79 -18.01
CA ALA E 166 31.92 -5.45 -16.58
C ALA E 166 32.57 -6.59 -15.81
N MET E 167 33.72 -6.33 -15.20
CA MET E 167 34.43 -7.36 -14.48
C MET E 167 35.05 -6.82 -13.20
N SER E 168 35.38 -7.74 -12.31
CA SER E 168 35.86 -7.42 -10.98
C SER E 168 37.27 -6.84 -11.01
N SER E 169 37.59 -6.05 -9.98
CA SER E 169 38.90 -5.41 -9.87
C SER E 169 40.00 -6.45 -9.56
N ARG E 170 39.64 -7.52 -8.86
CA ARG E 170 40.61 -8.59 -8.60
C ARG E 170 41.06 -9.25 -9.89
N GLY E 171 40.15 -9.34 -10.88
CA GLY E 171 40.54 -9.84 -12.19
C GLY E 171 41.56 -8.95 -12.87
N LEU E 172 41.33 -7.63 -12.83
CA LEU E 172 42.30 -6.66 -13.35
C LEU E 172 43.66 -6.84 -12.70
N PHE E 173 43.67 -6.89 -11.36
CA PHE E 173 44.94 -6.82 -10.65
C PHE E 173 45.62 -8.17 -10.58
N LYS E 174 44.91 -9.26 -10.91
CA LYS E 174 45.56 -10.55 -11.09
C LYS E 174 46.12 -10.69 -12.50
N ASN E 175 45.44 -10.10 -13.49
CA ASN E 175 45.99 -10.10 -14.84
C ASN E 175 47.25 -9.24 -14.93
N LEU E 176 47.27 -8.09 -14.25
CA LEU E 176 48.44 -7.22 -14.34
C LEU E 176 49.54 -7.56 -13.34
N GLY E 177 49.31 -8.48 -12.42
CA GLY E 177 50.30 -8.88 -11.45
C GLY E 177 50.53 -7.91 -10.30
N ILE E 178 50.10 -6.66 -10.45
CA ILE E 178 50.22 -5.66 -9.40
C ILE E 178 49.28 -6.00 -8.25
N GLU E 179 49.72 -5.72 -7.03
CA GLU E 179 49.08 -6.25 -5.84
C GLU E 179 48.69 -5.14 -4.87
N ALA E 180 48.08 -5.56 -3.77
CA ALA E 180 47.63 -4.62 -2.74
C ALA E 180 48.80 -4.13 -1.91
N VAL E 181 48.70 -2.89 -1.46
CA VAL E 181 49.71 -2.25 -0.61
C VAL E 181 48.97 -1.66 0.59
N PRO E 182 49.68 -1.43 1.70
CA PRO E 182 49.06 -0.71 2.82
C PRO E 182 48.73 0.73 2.44
N TRP E 183 47.80 1.31 3.20
CA TRP E 183 47.29 2.65 2.89
C TRP E 183 48.37 3.72 3.07
N THR E 184 49.34 3.47 3.95
CA THR E 184 50.43 4.42 4.16
C THR E 184 51.49 4.36 3.07
N ALA E 185 51.43 3.37 2.18
CA ALA E 185 52.45 3.20 1.15
C ALA E 185 52.25 4.22 0.02
N ASP E 186 53.22 4.23 -0.90
CA ASP E 186 53.22 5.17 -2.00
C ASP E 186 52.18 4.77 -3.05
N ILE E 187 51.91 5.68 -3.97
CA ILE E 187 50.95 5.48 -5.06
C ILE E 187 51.45 4.39 -5.99
N PRO E 188 50.69 3.32 -6.20
CA PRO E 188 51.14 2.27 -7.13
C PRO E 188 50.68 2.49 -8.56
N LEU E 189 49.65 3.29 -8.77
CA LEU E 189 48.88 3.23 -10.00
C LEU E 189 48.25 4.57 -10.35
N LYS E 190 48.03 4.78 -11.65
CA LYS E 190 47.38 5.97 -12.18
C LYS E 190 46.25 5.58 -13.12
N VAL E 191 45.12 6.28 -13.02
CA VAL E 191 43.98 6.10 -13.91
C VAL E 191 43.66 7.43 -14.58
N VAL E 192 43.46 7.39 -15.90
CA VAL E 192 42.92 8.52 -16.66
C VAL E 192 41.70 8.03 -17.42
N GLY E 193 40.83 8.96 -17.77
CA GLY E 193 39.60 8.59 -18.43
C GLY E 193 38.57 9.69 -18.37
N MET E 194 37.34 9.30 -18.70
CA MET E 194 36.24 10.24 -18.81
C MET E 194 35.29 10.05 -17.64
N PHE E 195 34.56 11.09 -17.26
CA PHE E 195 33.25 10.90 -16.66
C PHE E 195 32.19 10.68 -17.74
N PRO E 196 31.03 10.10 -17.38
CA PRO E 196 29.92 10.08 -18.32
C PRO E 196 29.45 11.48 -18.65
N SER E 197 28.83 11.60 -19.84
CA SER E 197 28.38 12.90 -20.33
C SER E 197 27.31 13.50 -19.40
N ARG E 198 26.43 12.65 -18.87
CA ARG E 198 25.42 13.09 -17.92
C ARG E 198 25.59 12.51 -16.53
N GLY E 199 26.00 11.25 -16.42
CA GLY E 199 26.09 10.57 -15.14
C GLY E 199 27.34 10.88 -14.33
N GLU E 200 27.73 12.14 -14.31
CA GLU E 200 28.92 12.59 -13.59
C GLU E 200 28.73 12.53 -12.07
N LYS E 201 27.55 12.93 -11.59
CA LYS E 201 27.27 12.96 -10.15
C LYS E 201 27.24 11.55 -9.57
N ARG E 202 26.56 10.63 -10.27
CA ARG E 202 26.50 9.24 -9.85
C ARG E 202 27.88 8.59 -9.85
N ALA E 203 28.71 8.87 -10.86
CA ALA E 203 30.04 8.26 -10.92
C ALA E 203 30.96 8.84 -9.86
N LEU E 204 30.80 10.14 -9.55
CA LEU E 204 31.43 10.68 -8.35
C LEU E 204 31.04 9.90 -7.11
N TRP E 205 29.76 9.52 -7.02
CA TRP E 205 29.33 8.78 -5.85
C TRP E 205 29.89 7.37 -5.82
N LYS E 206 30.02 6.72 -6.99
CA LYS E 206 30.65 5.40 -7.04
C LYS E 206 32.09 5.46 -6.57
N LEU E 207 32.87 6.42 -7.08
CA LEU E 207 34.26 6.53 -6.66
C LEU E 207 34.40 6.95 -5.20
N ALA E 208 33.49 7.80 -4.70
CA ALA E 208 33.53 8.20 -3.30
C ALA E 208 33.18 7.04 -2.38
N TYR E 209 32.20 6.22 -2.76
CA TYR E 209 31.84 5.05 -1.98
C TYR E 209 32.96 4.02 -2.00
N ASP E 210 33.64 3.86 -3.14
CA ASP E 210 34.79 2.97 -3.19
C ASP E 210 36.00 3.55 -2.48
N LEU E 211 36.02 4.85 -2.21
CA LEU E 211 37.18 5.43 -1.52
C LEU E 211 36.99 5.39 0.00
N TYR E 212 35.80 5.73 0.50
CA TYR E 212 35.58 5.69 1.94
C TYR E 212 35.54 4.25 2.45
N SER E 213 34.77 3.40 1.79
CA SER E 213 34.86 1.95 2.02
C SER E 213 35.98 1.46 1.11
N CYS E 214 37.14 1.15 1.70
CA CYS E 214 38.31 0.75 0.92
C CYS E 214 38.05 -0.64 0.33
N THR E 215 37.27 -0.65 -0.74
CA THR E 215 36.99 -1.81 -1.57
C THR E 215 37.17 -1.39 -3.02
N SER E 216 36.93 -2.34 -3.92
CA SER E 216 37.04 -2.16 -5.38
C SER E 216 38.47 -1.76 -5.71
N ILE E 217 38.70 -0.63 -6.37
CA ILE E 217 40.05 -0.24 -6.77
C ILE E 217 40.87 0.15 -5.55
N TYR E 218 40.25 0.88 -4.62
CA TYR E 218 40.98 1.51 -3.52
C TYR E 218 41.37 0.52 -2.42
N LYS E 219 40.94 -0.73 -2.49
CA LYS E 219 41.55 -1.77 -1.67
C LYS E 219 43.00 -2.00 -2.03
N PHE E 220 43.36 -1.79 -3.30
CA PHE E 220 44.70 -2.08 -3.78
C PHE E 220 45.70 -0.97 -3.46
N GLY E 221 45.25 0.13 -2.87
CA GLY E 221 46.15 1.15 -2.39
C GLY E 221 45.57 2.53 -2.56
N ARG E 222 46.43 3.52 -2.38
CA ARG E 222 46.07 4.93 -2.46
C ARG E 222 46.12 5.34 -3.94
N ILE E 223 45.07 4.95 -4.65
CA ILE E 223 45.01 5.01 -6.11
C ILE E 223 44.66 6.43 -6.55
N GLU E 224 45.59 7.12 -7.17
CA GLU E 224 45.28 8.40 -7.79
C GLU E 224 44.55 8.19 -9.10
N VAL E 225 43.59 9.07 -9.38
CA VAL E 225 42.75 9.00 -10.58
C VAL E 225 42.55 10.43 -11.10
N ASN E 226 42.82 10.62 -12.38
CA ASN E 226 42.90 11.96 -12.97
C ASN E 226 41.96 12.04 -14.16
N MET E 227 40.95 12.90 -14.09
CA MET E 227 39.98 12.87 -15.18
C MET E 227 39.39 14.24 -15.47
N PHE E 228 38.66 14.30 -16.58
CA PHE E 228 37.92 15.49 -16.97
C PHE E 228 36.66 15.64 -16.13
N ILE E 229 36.32 16.89 -15.81
CA ILE E 229 35.15 17.24 -15.02
C ILE E 229 34.37 18.31 -15.77
N GLY E 230 33.06 18.35 -15.52
CA GLY E 230 32.23 19.38 -16.08
C GLY E 230 32.38 20.70 -15.33
N GLU E 231 32.11 21.80 -16.04
CA GLU E 231 32.22 23.11 -15.44
C GLU E 231 31.11 23.35 -14.41
N LYS E 232 29.91 22.85 -14.69
CA LYS E 232 28.76 23.09 -13.81
C LYS E 232 28.94 22.41 -12.46
N GLU E 233 29.65 21.29 -12.42
CA GLU E 233 29.85 20.51 -11.20
C GLU E 233 31.26 20.63 -10.65
N PHE E 234 32.06 21.54 -11.19
CA PHE E 234 33.43 21.72 -10.71
C PHE E 234 33.47 22.50 -9.40
N GLN E 235 32.98 23.74 -9.41
CA GLN E 235 32.90 24.54 -8.20
C GLN E 235 31.89 23.99 -7.21
N LYS E 236 30.96 23.15 -7.68
CA LYS E 236 30.12 22.37 -6.79
C LYS E 236 30.93 21.34 -6.01
N LEU E 237 32.14 21.02 -6.46
CA LEU E 237 33.07 20.15 -5.75
C LEU E 237 34.19 20.92 -5.05
N MET E 238 34.49 22.13 -5.50
CA MET E 238 35.53 22.98 -4.92
C MET E 238 34.97 24.02 -3.96
N ALA E 239 33.70 23.91 -3.58
CA ALA E 239 33.09 24.93 -2.75
C ALA E 239 33.58 24.85 -1.31
N ASP E 240 33.64 26.01 -0.66
CA ASP E 240 34.12 26.23 0.69
C ASP E 240 33.00 26.90 1.48
N PRO E 241 33.20 27.26 2.77
CA PRO E 241 32.32 28.27 3.38
C PRO E 241 32.26 29.53 2.53
N GLY E 242 31.10 29.79 1.96
CA GLY E 242 30.94 30.69 0.84
C GLY E 242 30.31 30.00 -0.35
N ASN E 243 29.92 30.83 -1.32
CA ASN E 243 29.09 30.43 -2.45
C ASN E 243 27.85 29.65 -1.99
N PRO E 244 26.89 30.33 -1.36
CA PRO E 244 25.77 29.60 -0.72
C PRO E 244 24.85 28.89 -1.69
N ASP E 245 24.85 29.27 -2.97
CA ASP E 245 23.98 28.60 -3.94
C ASP E 245 24.47 27.19 -4.22
N LEU E 246 25.78 27.00 -4.38
CA LEU E 246 26.38 25.72 -4.80
C LEU E 246 27.45 25.32 -3.78
N TYR E 247 27.02 24.65 -2.71
CA TYR E 247 27.92 24.09 -1.69
C TYR E 247 27.15 22.99 -0.98
N HIS E 248 27.53 21.74 -1.22
CA HIS E 248 26.63 20.67 -0.81
C HIS E 248 27.48 19.44 -0.44
N VAL E 249 26.87 18.24 -0.43
CA VAL E 249 27.44 17.07 0.24
C VAL E 249 28.72 16.59 -0.45
N LEU E 250 28.70 16.50 -1.78
CA LEU E 250 29.83 15.93 -2.52
C LEU E 250 31.12 16.73 -2.34
N SER E 251 31.02 18.05 -2.12
CA SER E 251 32.19 18.86 -1.82
C SER E 251 32.88 18.39 -0.54
N VAL E 252 32.11 18.23 0.53
CA VAL E 252 32.67 17.80 1.81
C VAL E 252 33.15 16.35 1.72
N ILE E 253 32.40 15.51 1.00
CA ILE E 253 32.73 14.08 0.94
C ILE E 253 34.04 13.87 0.18
N TRP E 254 34.19 14.54 -0.96
CA TRP E 254 35.43 14.38 -1.71
C TRP E 254 36.58 15.11 -1.04
N GLN E 255 36.44 16.42 -0.80
CA GLN E 255 37.56 17.30 -0.47
C GLN E 255 38.28 16.93 0.82
N LEU E 256 37.67 16.10 1.67
CA LEU E 256 38.38 15.61 2.84
C LEU E 256 39.51 14.65 2.47
N ALA E 257 39.40 13.97 1.32
CA ALA E 257 40.43 13.01 0.92
C ALA E 257 40.69 13.03 -0.59
N CYS E 258 40.77 14.19 -1.22
CA CYS E 258 40.75 14.17 -2.68
C CYS E 258 41.90 14.90 -3.35
N GLU E 259 42.35 16.03 -2.80
CA GLU E 259 43.49 16.82 -3.32
C GLU E 259 43.29 17.24 -4.77
N ILE E 260 42.26 18.05 -5.01
CA ILE E 260 42.00 18.53 -6.36
C ILE E 260 42.97 19.65 -6.72
N LYS E 261 43.67 19.48 -7.84
CA LYS E 261 44.41 20.55 -8.50
C LYS E 261 44.04 20.55 -9.97
N VAL E 262 43.67 21.71 -10.47
CA VAL E 262 43.19 21.84 -11.84
C VAL E 262 44.40 21.85 -12.76
N LEU E 263 44.44 20.92 -13.71
CA LEU E 263 45.60 20.77 -14.58
C LEU E 263 45.45 21.47 -15.91
N HIS E 264 44.27 21.43 -16.53
CA HIS E 264 44.05 22.19 -17.76
C HIS E 264 42.57 22.49 -17.88
N MET E 265 42.25 23.54 -18.64
CA MET E 265 40.98 24.25 -18.64
C MET E 265 40.40 24.32 -20.06
N GLU E 266 40.31 23.16 -20.71
CA GLU E 266 40.02 23.13 -22.14
C GLU E 266 38.52 23.27 -22.39
N PRO E 267 38.12 24.10 -23.36
CA PRO E 267 36.70 24.25 -23.70
C PRO E 267 36.20 23.11 -24.60
N TRP E 268 34.95 23.28 -25.05
CA TRP E 268 34.21 22.21 -25.71
C TRP E 268 34.73 21.93 -27.12
N SER E 269 35.47 22.88 -27.72
CA SER E 269 35.77 22.82 -29.14
C SER E 269 36.68 21.65 -29.50
N SER E 270 37.67 21.35 -28.64
CA SER E 270 38.60 20.28 -28.96
C SER E 270 37.97 18.91 -28.74
N PHE E 271 37.06 18.79 -27.77
CA PHE E 271 36.44 17.51 -27.45
C PHE E 271 35.42 17.17 -28.52
N ASP E 272 35.84 16.39 -29.51
CA ASP E 272 34.95 15.98 -30.60
C ASP E 272 34.26 14.70 -30.18
N ILE E 273 32.96 14.79 -29.89
CA ILE E 273 32.18 13.62 -29.50
C ILE E 273 32.02 12.69 -30.69
N TYR E 274 32.43 11.44 -30.52
CA TYR E 274 32.42 10.49 -31.62
C TYR E 274 30.99 10.07 -31.96
N THR E 275 30.72 9.93 -33.25
CA THR E 275 29.41 9.54 -33.73
C THR E 275 29.47 8.21 -34.46
N LEU E 292 26.33 27.54 -25.63
CA LEU E 292 26.30 26.56 -24.54
C LEU E 292 27.58 25.73 -24.53
N GLN E 293 28.72 26.41 -24.53
CA GLN E 293 30.01 25.72 -24.48
C GLN E 293 30.24 25.12 -23.10
N GLN E 294 30.86 23.94 -23.07
CA GLN E 294 31.12 23.21 -21.84
C GLN E 294 32.62 23.05 -21.70
N LYS E 295 33.19 23.65 -20.66
CA LYS E 295 34.64 23.68 -20.47
C LYS E 295 35.02 22.66 -19.41
N LEU E 296 35.78 21.65 -19.81
CA LEU E 296 36.07 20.49 -18.97
C LEU E 296 37.42 20.68 -18.31
N TYR E 297 37.49 20.44 -16.99
CA TYR E 297 38.70 20.68 -16.22
C TYR E 297 39.30 19.37 -15.75
N LEU E 298 40.62 19.27 -15.74
CA LEU E 298 41.27 18.07 -15.25
C LEU E 298 41.38 18.14 -13.74
N ILE E 299 40.60 17.32 -13.04
CA ILE E 299 40.74 17.20 -11.60
C ILE E 299 41.50 15.91 -11.29
N GLN E 300 42.57 16.05 -10.50
CA GLN E 300 43.47 14.95 -10.17
C GLN E 300 43.25 14.46 -8.73
N MET E 301 42.26 13.58 -8.62
CA MET E 301 41.87 13.00 -7.34
C MET E 301 43.02 12.17 -6.78
N ILE E 302 43.54 12.53 -5.62
CA ILE E 302 44.46 11.66 -4.89
C ILE E 302 43.90 11.43 -3.50
N PRO E 303 43.73 10.19 -3.06
CA PRO E 303 43.33 9.94 -1.67
C PRO E 303 44.39 10.46 -0.71
N ARG E 304 43.93 11.05 0.39
CA ARG E 304 44.82 11.61 1.40
C ARG E 304 45.16 10.53 2.42
N GLN E 305 46.40 10.56 2.91
CA GLN E 305 46.84 9.57 3.88
C GLN E 305 46.12 9.73 5.21
N ASN E 306 45.91 10.97 5.65
CA ASN E 306 45.28 11.24 6.94
C ASN E 306 43.75 11.37 6.80
N LEU E 307 43.16 10.34 6.20
CA LEU E 307 41.71 10.25 6.08
C LEU E 307 41.07 9.49 7.24
N PHE E 308 41.62 8.32 7.58
CA PHE E 308 41.00 7.42 8.55
C PHE E 308 41.64 7.62 9.91
N THR E 309 40.81 7.70 10.94
CA THR E 309 41.28 7.84 12.31
C THR E 309 40.70 6.73 13.18
N LYS E 310 40.85 6.85 14.50
CA LYS E 310 40.16 5.95 15.41
C LYS E 310 38.65 6.12 15.31
N ASN E 311 38.19 7.36 15.15
CA ASN E 311 36.75 7.62 15.07
C ASN E 311 36.21 7.42 13.65
N LEU E 312 36.91 7.93 12.64
CA LEU E 312 36.49 7.77 11.26
C LEU E 312 37.15 6.53 10.68
N THR E 313 36.33 5.54 10.36
CA THR E 313 36.72 4.21 9.92
C THR E 313 36.02 3.93 8.60
N PRO E 314 36.49 2.93 7.82
CA PRO E 314 35.72 2.55 6.62
C PRO E 314 34.46 1.75 6.92
N MET E 315 34.12 1.59 8.20
CA MET E 315 32.87 0.96 8.63
C MET E 315 31.74 1.99 8.73
N ASN E 316 31.96 3.09 9.43
CA ASN E 316 30.93 4.06 9.77
C ASN E 316 30.93 5.29 8.87
N TYR E 317 31.28 5.12 7.60
CA TYR E 317 31.27 6.24 6.66
C TYR E 317 29.87 6.61 6.20
N ASN E 318 28.93 5.64 6.19
CA ASN E 318 27.54 5.96 5.83
C ASN E 318 26.89 6.86 6.87
N ILE E 319 27.29 6.72 8.13
CA ILE E 319 26.78 7.59 9.19
C ILE E 319 27.21 9.03 8.94
N PHE E 320 28.46 9.22 8.53
CA PHE E 320 28.99 10.54 8.20
C PHE E 320 28.30 11.10 6.94
N PHE E 321 28.04 10.23 5.97
CA PHE E 321 27.33 10.64 4.76
C PHE E 321 25.92 11.11 5.09
N HIS E 322 25.25 10.40 6.00
CA HIS E 322 23.92 10.80 6.44
C HIS E 322 23.94 12.09 7.23
N LEU E 323 24.98 12.30 8.05
CA LEU E 323 25.17 13.59 8.71
C LEU E 323 25.23 14.71 7.70
N LEU E 324 26.03 14.53 6.65
CA LEU E 324 26.18 15.58 5.64
C LEU E 324 24.86 15.86 4.92
N LYS E 325 24.15 14.81 4.52
CA LYS E 325 22.96 15.07 3.71
C LYS E 325 21.81 15.57 4.58
N HIS E 326 21.74 15.13 5.84
CA HIS E 326 20.74 15.67 6.75
C HIS E 326 21.03 17.12 7.08
N CYS E 327 22.31 17.48 7.27
CA CYS E 327 22.67 18.87 7.56
C CYS E 327 22.39 19.77 6.37
N PHE E 328 22.59 19.27 5.16
CA PHE E 328 22.33 20.05 3.96
C PHE E 328 20.93 19.86 3.40
N GLY E 329 20.07 19.08 4.07
CA GLY E 329 18.67 19.02 3.67
C GLY E 329 17.96 20.34 3.90
N ARG E 330 18.20 20.98 5.04
CA ARG E 330 17.75 22.32 5.33
C ARG E 330 18.99 23.20 5.37
N ARG E 331 19.24 23.94 4.29
CA ARG E 331 20.47 24.71 4.19
C ARG E 331 20.45 25.94 5.09
N SER E 332 19.27 26.55 5.27
CA SER E 332 19.15 27.73 6.11
C SER E 332 19.22 27.42 7.60
N ALA E 333 19.02 26.16 7.99
CA ALA E 333 19.02 25.80 9.39
C ALA E 333 20.44 25.80 9.95
N THR E 334 20.54 25.77 11.27
CA THR E 334 21.82 25.75 11.95
C THR E 334 22.21 24.32 12.32
N VAL E 335 23.42 24.18 12.86
CA VAL E 335 23.95 22.87 13.25
C VAL E 335 23.16 22.31 14.44
N ILE E 336 22.67 23.20 15.31
CA ILE E 336 21.84 22.80 16.45
C ILE E 336 20.56 22.11 15.97
N ASP E 337 19.92 22.67 14.95
CA ASP E 337 18.65 22.14 14.46
C ASP E 337 18.81 20.73 13.88
N HIS E 338 19.90 20.49 13.14
CA HIS E 338 20.11 19.19 12.55
C HIS E 338 20.61 18.17 13.56
N LEU E 339 21.43 18.61 14.52
CA LEU E 339 21.97 17.64 15.48
C LEU E 339 21.00 17.36 16.63
N ARG E 340 19.96 18.18 16.83
CA ARG E 340 18.89 17.73 17.72
C ARG E 340 18.11 16.58 17.11
N SER E 341 18.07 16.49 15.77
CA SER E 341 17.44 15.37 15.10
C SER E 341 18.41 14.23 14.83
N LEU E 342 19.72 14.48 14.88
CA LEU E 342 20.69 13.46 14.54
C LEU E 342 21.21 12.67 15.74
N THR E 343 21.31 13.28 16.91
CA THR E 343 21.92 12.60 18.05
C THR E 343 21.22 13.04 19.33
N PRO E 344 21.15 12.17 20.34
CA PRO E 344 20.66 12.61 21.66
C PRO E 344 21.64 13.50 22.39
N LEU E 345 22.89 13.57 21.94
CA LEU E 345 23.88 14.44 22.57
C LEU E 345 23.49 15.90 22.38
N ASP E 346 23.75 16.70 23.42
CA ASP E 346 23.48 18.13 23.35
C ASP E 346 24.40 18.77 22.33
N ALA E 347 23.82 19.32 21.27
CA ALA E 347 24.60 19.86 20.17
C ALA E 347 25.37 21.11 20.58
N ARG E 348 24.90 21.82 21.62
CA ARG E 348 25.63 22.96 22.14
C ARG E 348 26.98 22.54 22.71
N ASP E 349 27.01 21.41 23.43
CA ASP E 349 28.26 20.95 24.01
C ASP E 349 29.22 20.45 22.93
N ILE E 350 28.71 19.77 21.91
CA ILE E 350 29.56 19.31 20.81
C ILE E 350 30.13 20.50 20.06
N LEU E 351 29.31 21.53 19.82
CA LEU E 351 29.81 22.71 19.14
C LEU E 351 30.77 23.51 20.02
N MET E 352 30.61 23.46 21.34
CA MET E 352 31.58 24.06 22.24
C MET E 352 32.91 23.32 22.16
N GLN E 353 32.87 22.00 22.03
CA GLN E 353 34.10 21.23 21.89
C GLN E 353 34.78 21.48 20.54
N ILE E 354 34.00 21.60 19.47
CA ILE E 354 34.59 21.78 18.15
C ILE E 354 35.12 23.21 17.97
N GLY E 355 34.59 24.17 18.75
CA GLY E 355 34.98 25.56 18.62
C GLY E 355 34.11 26.40 17.72
N LYS E 356 32.95 25.89 17.28
CA LYS E 356 32.03 26.65 16.46
C LYS E 356 30.82 27.06 17.31
N GLN E 357 30.32 28.27 17.07
CA GLN E 357 29.30 28.85 17.94
C GLN E 357 27.93 28.22 17.68
N GLU E 358 26.96 28.61 18.50
CA GLU E 358 25.61 28.03 18.40
C GLU E 358 24.87 28.56 17.19
N ASP E 359 25.17 29.77 16.74
CA ASP E 359 24.53 30.35 15.57
C ASP E 359 25.18 29.92 14.27
N GLU E 360 26.07 28.92 14.31
CA GLU E 360 26.75 28.45 13.11
C GLU E 360 25.78 27.80 12.14
N LYS E 361 25.72 28.34 10.93
CA LYS E 361 24.87 27.83 9.88
C LYS E 361 25.60 26.74 9.11
N VAL E 362 24.83 25.87 8.46
CA VAL E 362 25.41 24.72 7.76
C VAL E 362 26.28 25.16 6.60
N VAL E 363 25.84 26.16 5.83
CA VAL E 363 26.56 26.56 4.63
C VAL E 363 27.81 27.38 4.92
N ASN E 364 28.06 27.73 6.18
CA ASN E 364 29.24 28.50 6.57
C ASN E 364 30.24 27.67 7.36
N MET E 365 30.12 26.34 7.33
CA MET E 365 30.94 25.46 8.15
C MET E 365 31.92 24.72 7.26
N HIS E 366 33.16 24.57 7.73
CA HIS E 366 34.24 24.06 6.91
C HIS E 366 34.10 22.56 6.67
N PRO E 367 34.56 22.07 5.51
CA PRO E 367 34.52 20.62 5.26
C PRO E 367 35.34 19.80 6.24
N GLN E 368 36.44 20.36 6.76
CA GLN E 368 37.17 19.68 7.82
C GLN E 368 36.40 19.70 9.12
N ASP E 369 35.60 20.75 9.34
CA ASP E 369 34.78 20.83 10.55
C ASP E 369 33.68 19.78 10.58
N PHE E 370 33.16 19.36 9.41
CA PHE E 370 32.21 18.25 9.39
C PHE E 370 32.87 16.96 9.86
N LYS E 371 34.08 16.68 9.39
CA LYS E 371 34.81 15.48 9.80
C LYS E 371 35.13 15.49 11.28
N THR E 372 35.60 16.63 11.80
CA THR E 372 35.95 16.65 13.21
C THR E 372 34.70 16.72 14.09
N LEU E 373 33.58 17.19 13.54
CA LEU E 373 32.29 17.05 14.22
C LEU E 373 31.90 15.59 14.39
N PHE E 374 32.05 14.81 13.30
CA PHE E 374 31.83 13.37 13.36
C PHE E 374 32.75 12.71 14.37
N GLU E 375 34.02 13.13 14.40
CA GLU E 375 34.99 12.52 15.31
C GLU E 375 34.71 12.87 16.76
N THR E 376 34.28 14.11 17.04
CA THR E 376 33.95 14.48 18.42
C THR E 376 32.66 13.83 18.90
N ILE E 377 31.69 13.61 18.00
CA ILE E 377 30.52 12.84 18.42
C ILE E 377 30.89 11.38 18.64
N GLU E 378 31.77 10.84 17.79
CA GLU E 378 32.07 9.41 17.81
C GLU E 378 32.88 9.02 19.05
N ARG E 379 33.77 9.90 19.52
CA ARG E 379 34.63 9.54 20.63
C ARG E 379 34.00 9.76 21.99
N SER E 380 32.74 10.19 22.05
CA SER E 380 32.05 10.34 23.33
C SER E 380 31.81 8.97 23.95
N LYS E 381 32.33 8.77 25.17
CA LYS E 381 32.32 7.46 25.81
C LYS E 381 31.34 7.33 26.96
N ASP E 382 30.78 8.44 27.45
CA ASP E 382 29.87 8.37 28.59
C ASP E 382 28.54 7.73 28.19
N CYS E 383 28.03 8.08 27.01
CA CYS E 383 26.77 7.53 26.54
C CYS E 383 27.02 6.32 25.66
N ALA E 384 25.95 5.57 25.38
CA ALA E 384 26.00 4.37 24.56
C ALA E 384 25.37 4.58 23.18
N TYR E 385 24.14 5.07 23.13
CA TYR E 385 23.49 5.37 21.87
C TYR E 385 23.93 6.75 21.41
N LYS E 386 24.83 6.80 20.42
CA LYS E 386 25.38 8.05 19.95
C LYS E 386 24.73 8.56 18.67
N TRP E 387 24.20 7.68 17.84
CA TRP E 387 23.58 8.09 16.59
C TRP E 387 22.25 7.38 16.44
N LEU E 388 21.37 7.96 15.63
CA LEU E 388 20.13 7.28 15.27
C LEU E 388 20.13 6.72 13.86
N TYR E 389 21.21 6.90 13.10
CA TYR E 389 21.22 6.37 11.75
C TYR E 389 21.42 4.86 11.77
N ASP E 390 20.69 4.18 10.90
CA ASP E 390 20.76 2.75 10.72
C ASP E 390 20.29 2.49 9.30
N GLU E 391 20.58 1.31 8.75
CA GLU E 391 20.19 1.03 7.37
C GLU E 391 18.68 0.98 7.17
N THR E 392 17.90 0.89 8.26
CA THR E 392 16.45 1.02 8.16
C THR E 392 16.03 2.41 7.66
N LEU E 393 16.93 3.40 7.73
CA LEU E 393 16.62 4.70 7.15
C LEU E 393 16.80 4.74 5.64
N GLU E 394 17.15 3.62 5.00
CA GLU E 394 17.12 3.56 3.55
C GLU E 394 15.70 3.74 3.03
N ASP E 395 14.74 3.09 3.68
CA ASP E 395 13.32 3.32 3.41
C ASP E 395 12.56 3.23 4.74
N ARG E 396 11.78 4.28 5.03
CA ARG E 396 11.08 4.47 6.31
C ARG E 396 12.00 4.36 7.52
PG ATP F . -4.78 -21.84 -11.83
O1G ATP F . -5.55 -21.62 -10.58
O2G ATP F . -3.36 -22.36 -11.59
O3G ATP F . -5.49 -22.74 -12.84
PB ATP F . -5.39 -19.14 -12.98
O1B ATP F . -4.91 -18.53 -14.23
O2B ATP F . -6.87 -19.48 -12.91
O3B ATP F . -4.58 -20.45 -12.61
PA ATP F . -5.66 -17.91 -10.30
O1A ATP F . -4.59 -17.83 -9.29
O2A ATP F . -6.71 -18.99 -10.03
O3A ATP F . -5.06 -18.19 -11.74
O5' ATP F . -6.41 -16.53 -10.50
C5' ATP F . -6.58 -15.95 -11.81
C4' ATP F . -7.62 -14.86 -11.73
O4' ATP F . -7.15 -13.82 -10.86
C3' ATP F . -7.92 -14.15 -13.05
O3' ATP F . -9.20 -13.55 -13.01
C2' ATP F . -6.80 -13.11 -13.11
O2' ATP F . -7.21 -11.94 -13.82
C1' ATP F . -6.57 -12.78 -11.63
N9 ATP F . -5.16 -12.66 -11.26
C8 ATP F . -4.46 -13.50 -10.44
N7 ATP F . -3.21 -13.15 -10.28
C5 ATP F . -3.08 -12.00 -11.04
C6 ATP F . -1.99 -11.15 -11.29
N6 ATP F . -0.78 -11.32 -10.78
N1 ATP F . -2.20 -10.09 -12.10
C2 ATP F . -3.42 -9.90 -12.61
N3 ATP F . -4.52 -10.64 -12.45
C4 ATP F . -4.28 -11.69 -11.64
MG MG G . -8.12 -20.41 -10.27
#